data_1I17
#
_entry.id   1I17
#
_cell.length_a   1.000
_cell.length_b   1.000
_cell.length_c   1.000
_cell.angle_alpha   90.00
_cell.angle_beta   90.00
_cell.angle_gamma   90.00
#
_symmetry.space_group_name_H-M   'P 1'
#
_entity_poly.entity_id   1
_entity_poly.type   'polypeptide(L)'
_entity_poly.pdbx_seq_one_letter_code
;RVAENRPGAFIKQGRKLDIDFGAEGNRYYAANYWQFPDGIYYEGCSEANVTKEMLVTSCVNATQAANQAEFSREKQDSKL
HQRVLWRLIKEICSAKHCDFWLERGAA
;
_entity_poly.pdbx_strand_id   A
#
# COMPACT_ATOMS: atom_id res chain seq x y z
N ARG A 1 1.94 -0.33 -6.49
CA ARG A 1 2.43 0.46 -5.33
C ARG A 1 1.47 1.60 -5.02
N VAL A 2 1.15 1.82 -3.73
CA VAL A 2 0.28 2.93 -3.26
C VAL A 2 0.92 4.30 -3.53
N ALA A 3 0.10 5.32 -3.82
CA ALA A 3 0.52 6.69 -4.18
C ALA A 3 1.00 7.54 -2.97
N GLU A 4 1.71 6.93 -2.01
CA GLU A 4 2.41 7.62 -0.92
C GLU A 4 3.74 8.22 -1.39
N ASN A 5 4.46 7.50 -2.25
CA ASN A 5 5.63 7.97 -2.98
C ASN A 5 5.19 8.75 -4.25
N ARG A 6 4.44 9.83 -4.05
CA ARG A 6 3.91 10.76 -5.07
C ARG A 6 4.86 11.95 -5.29
N PRO A 7 4.89 12.57 -6.49
CA PRO A 7 5.80 13.68 -6.79
C PRO A 7 5.59 14.86 -5.83
N GLY A 8 6.64 15.17 -5.06
CA GLY A 8 6.67 16.09 -3.93
C GLY A 8 6.99 15.41 -2.58
N ALA A 9 6.88 14.08 -2.47
CA ALA A 9 7.00 13.36 -1.19
C ALA A 9 8.39 13.54 -0.52
N PHE A 10 8.39 13.81 0.79
CA PHE A 10 9.61 13.90 1.61
C PHE A 10 10.43 12.59 1.63
N ILE A 11 11.75 12.73 1.75
CA ILE A 11 12.72 11.64 2.01
C ILE A 11 13.47 12.00 3.29
N LYS A 12 13.02 11.45 4.42
CA LYS A 12 13.56 11.71 5.77
C LYS A 12 14.64 10.67 6.11
N GLN A 13 15.89 10.98 5.76
CA GLN A 13 17.07 10.20 6.15
C GLN A 13 17.51 10.51 7.59
N GLY A 14 17.16 11.70 8.10
CA GLY A 14 17.49 12.16 9.46
C GLY A 14 18.90 12.77 9.59
N ARG A 15 19.60 12.92 8.46
CA ARG A 15 20.95 13.52 8.34
C ARG A 15 20.90 15.04 8.60
N LYS A 16 21.75 15.54 9.50
CA LYS A 16 21.96 16.98 9.73
C LYS A 16 22.67 17.62 8.54
N LEU A 17 22.18 18.77 8.09
CA LEU A 17 22.70 19.60 7.00
C LEU A 17 23.39 20.88 7.54
N ASP A 18 23.91 21.70 6.62
CA ASP A 18 24.51 23.01 6.89
C ASP A 18 23.91 24.08 5.95
N ILE A 19 22.96 24.86 6.48
CA ILE A 19 22.19 25.92 5.81
C ILE A 19 22.08 27.12 6.77
N ASP A 20 22.31 28.34 6.28
CA ASP A 20 22.03 29.56 7.02
C ASP A 20 20.55 29.99 6.81
N PHE A 21 19.69 29.55 7.71
CA PHE A 21 18.28 29.94 7.82
C PHE A 21 18.10 31.35 8.40
N GLY A 22 19.02 31.75 9.28
CA GLY A 22 18.98 32.95 10.13
C GLY A 22 19.06 32.54 11.60
N ALA A 23 19.49 33.44 12.50
CA ALA A 23 19.83 33.15 13.90
C ALA A 23 18.88 32.17 14.62
N GLU A 24 17.58 32.50 14.71
CA GLU A 24 16.56 31.66 15.35
C GLU A 24 16.38 30.31 14.65
N GLY A 25 16.28 30.32 13.32
CA GLY A 25 16.13 29.12 12.48
C GLY A 25 17.32 28.16 12.54
N ASN A 26 18.54 28.69 12.58
CA ASN A 26 19.80 27.96 12.75
C ASN A 26 19.78 27.16 14.06
N ARG A 27 19.46 27.83 15.18
CA ARG A 27 19.28 27.18 16.50
C ARG A 27 18.18 26.12 16.46
N TYR A 28 17.03 26.44 15.87
CA TYR A 28 15.88 25.54 15.76
C TYR A 28 16.23 24.25 14.99
N TYR A 29 16.79 24.38 13.79
CA TYR A 29 17.28 23.25 12.98
C TYR A 29 18.31 22.40 13.72
N ALA A 30 19.37 23.00 14.27
CA ALA A 30 20.40 22.31 15.04
C ALA A 30 19.83 21.41 16.17
N ALA A 31 18.77 21.86 16.84
CA ALA A 31 18.04 21.11 17.88
C ALA A 31 16.99 20.10 17.35
N ASN A 32 16.44 20.26 16.14
CA ASN A 32 15.27 19.52 15.64
C ASN A 32 15.41 18.86 14.25
N TYR A 33 16.61 18.80 13.65
CA TYR A 33 16.87 18.31 12.29
C TYR A 33 16.25 16.94 11.95
N TRP A 34 16.12 16.05 12.94
CA TRP A 34 15.47 14.73 12.84
C TRP A 34 14.06 14.77 12.22
N GLN A 35 13.28 15.83 12.45
CA GLN A 35 11.92 16.02 11.89
C GLN A 35 11.89 16.28 10.37
N PHE A 36 12.91 16.95 9.85
CA PHE A 36 12.99 17.50 8.50
C PHE A 36 13.32 16.47 7.39
N PRO A 37 12.92 16.75 6.13
CA PRO A 37 13.34 15.97 4.95
C PRO A 37 14.80 16.30 4.58
N ASP A 38 15.60 15.28 4.32
CA ASP A 38 16.97 15.42 3.77
C ASP A 38 16.94 15.51 2.23
N GLY A 39 16.02 14.80 1.59
CA GLY A 39 15.72 14.87 0.16
C GLY A 39 14.22 14.96 -0.11
N ILE A 40 13.85 15.15 -1.38
CA ILE A 40 12.46 15.19 -1.87
C ILE A 40 12.37 14.38 -3.16
N TYR A 41 11.44 13.42 -3.19
CA TYR A 41 11.06 12.70 -4.39
C TYR A 41 10.26 13.62 -5.32
N TYR A 42 10.94 14.24 -6.29
CA TYR A 42 10.34 15.06 -7.34
C TYR A 42 11.24 15.07 -8.57
N GLU A 43 10.64 14.89 -9.75
CA GLU A 43 11.34 14.81 -11.05
C GLU A 43 10.66 15.74 -12.07
N GLY A 44 11.01 17.02 -11.98
CA GLY A 44 10.51 18.09 -12.87
C GLY A 44 11.06 18.00 -14.31
N CYS A 45 12.26 17.45 -14.47
CA CYS A 45 12.98 17.30 -15.73
C CYS A 45 12.19 16.47 -16.77
N SER A 46 12.03 17.03 -17.98
CA SER A 46 11.36 16.40 -19.12
C SER A 46 12.07 16.74 -20.45
N GLU A 47 12.19 18.03 -20.77
CA GLU A 47 12.83 18.57 -21.99
C GLU A 47 13.48 19.94 -21.74
N ALA A 48 14.42 20.35 -22.61
CA ALA A 48 15.23 21.57 -22.49
C ALA A 48 14.43 22.89 -22.35
N ASN A 49 13.16 22.92 -22.80
CA ASN A 49 12.24 24.04 -22.57
C ASN A 49 11.90 24.28 -21.09
N VAL A 50 11.90 23.23 -20.24
CA VAL A 50 11.81 23.35 -18.78
C VAL A 50 13.08 24.02 -18.25
N THR A 51 12.94 25.09 -17.47
CA THR A 51 14.06 25.90 -16.93
C THR A 51 14.20 25.69 -15.42
N LYS A 52 15.32 26.09 -14.82
CA LYS A 52 15.54 25.99 -13.37
C LYS A 52 14.49 26.75 -12.56
N GLU A 53 14.23 28.01 -12.89
CA GLU A 53 13.18 28.83 -12.26
C GLU A 53 11.81 28.12 -12.26
N MET A 54 11.43 27.53 -13.41
CA MET A 54 10.24 26.68 -13.56
C MET A 54 10.28 25.48 -12.60
N LEU A 55 11.35 24.68 -12.66
CA LEU A 55 11.52 23.46 -11.87
C LEU A 55 11.46 23.71 -10.36
N VAL A 56 12.26 24.65 -9.83
CA VAL A 56 12.32 24.97 -8.38
C VAL A 56 10.93 25.39 -7.87
N THR A 57 10.25 26.30 -8.56
CA THR A 57 8.87 26.73 -8.25
C THR A 57 7.89 25.55 -8.27
N SER A 58 7.90 24.74 -9.34
CA SER A 58 7.05 23.55 -9.48
C SER A 58 7.32 22.50 -8.40
N CYS A 59 8.58 22.28 -8.02
CA CYS A 59 9.01 21.42 -6.90
C CYS A 59 8.41 21.87 -5.56
N VAL A 60 8.50 23.15 -5.20
CA VAL A 60 7.82 23.72 -4.02
C VAL A 60 6.31 23.44 -4.05
N ASN A 61 5.65 23.73 -5.17
CA ASN A 61 4.22 23.44 -5.41
C ASN A 61 3.87 21.94 -5.26
N ALA A 62 4.66 21.04 -5.85
CA ALA A 62 4.52 19.59 -5.72
C ALA A 62 4.67 19.15 -4.26
N THR A 63 5.71 19.64 -3.57
CA THR A 63 5.98 19.37 -2.15
C THR A 63 4.79 19.77 -1.26
N GLN A 64 4.22 20.96 -1.44
CA GLN A 64 2.97 21.41 -0.81
C GLN A 64 1.84 20.37 -0.98
N ALA A 65 1.48 20.07 -2.24
CA ALA A 65 0.42 19.13 -2.61
C ALA A 65 0.63 17.71 -2.03
N ALA A 66 1.86 17.19 -2.06
CA ALA A 66 2.22 15.87 -1.57
C ALA A 66 2.13 15.71 -0.04
N ASN A 67 2.60 16.70 0.74
CA ASN A 67 2.77 16.61 2.20
C ASN A 67 1.86 17.59 2.97
N GLN A 68 0.62 17.74 2.51
CA GLN A 68 -0.40 18.66 3.06
C GLN A 68 -0.59 18.52 4.58
N ALA A 69 -0.75 17.28 5.06
CA ALA A 69 -0.94 16.94 6.47
C ALA A 69 0.17 17.50 7.38
N GLU A 70 1.45 17.29 7.01
CA GLU A 70 2.63 17.76 7.75
C GLU A 70 2.57 19.29 7.99
N PHE A 71 2.43 20.06 6.91
CA PHE A 71 2.30 21.51 6.94
C PHE A 71 1.09 21.96 7.76
N SER A 72 -0.10 21.42 7.48
CA SER A 72 -1.37 21.77 8.16
C SER A 72 -1.30 21.60 9.68
N ARG A 73 -0.82 20.44 10.16
CA ARG A 73 -0.64 20.11 11.58
C ARG A 73 0.33 21.07 12.28
N GLU A 74 1.51 21.29 11.71
CA GLU A 74 2.56 22.16 12.26
C GLU A 74 2.16 23.64 12.28
N LYS A 75 1.87 24.24 11.11
CA LYS A 75 1.65 25.67 10.84
C LYS A 75 0.97 26.49 11.94
N GLN A 76 -0.17 26.01 12.44
CA GLN A 76 -1.05 26.73 13.38
C GLN A 76 -0.37 27.08 14.74
N ASP A 77 0.72 26.40 15.10
CA ASP A 77 1.54 26.67 16.29
C ASP A 77 3.05 26.76 15.98
N SER A 78 3.56 25.83 15.17
CA SER A 78 4.97 25.64 14.79
C SER A 78 5.42 26.62 13.69
N LYS A 79 5.22 27.93 13.93
CA LYS A 79 5.50 29.03 12.98
C LYS A 79 6.96 29.08 12.52
N LEU A 80 7.90 29.03 13.47
CA LEU A 80 9.34 28.95 13.18
C LEU A 80 9.68 27.69 12.35
N HIS A 81 9.14 26.52 12.71
CA HIS A 81 9.35 25.27 11.95
C HIS A 81 9.03 25.46 10.47
N GLN A 82 7.83 25.97 10.13
CA GLN A 82 7.43 26.26 8.75
C GLN A 82 8.49 27.08 7.98
N ARG A 83 8.91 28.23 8.51
CA ARG A 83 9.96 29.09 7.91
C ARG A 83 11.23 28.30 7.55
N VAL A 84 11.82 27.65 8.55
CA VAL A 84 13.04 26.83 8.44
C VAL A 84 12.84 25.69 7.43
N LEU A 85 11.75 24.92 7.56
CA LEU A 85 11.34 23.83 6.68
C LEU A 85 11.22 24.27 5.21
N TRP A 86 10.52 25.37 4.91
CA TRP A 86 10.41 25.94 3.56
C TRP A 86 11.76 26.38 2.97
N ARG A 87 12.61 27.05 3.76
CA ARG A 87 13.99 27.39 3.34
C ARG A 87 14.80 26.16 2.92
N LEU A 88 14.74 25.07 3.70
CA LEU A 88 15.32 23.76 3.36
C LEU A 88 14.69 23.11 2.13
N ILE A 89 13.36 23.02 2.04
CA ILE A 89 12.63 22.54 0.84
C ILE A 89 13.13 23.27 -0.41
N LYS A 90 13.21 24.61 -0.37
CA LYS A 90 13.79 25.42 -1.45
C LYS A 90 15.24 25.03 -1.76
N GLU A 91 16.13 24.88 -0.76
CA GLU A 91 17.49 24.38 -0.96
C GLU A 91 17.52 23.07 -1.75
N ILE A 92 16.73 22.07 -1.34
CA ILE A 92 16.57 20.78 -2.04
C ILE A 92 16.07 20.99 -3.48
N CYS A 93 14.98 21.73 -3.67
CA CYS A 93 14.41 22.05 -4.99
C CYS A 93 15.43 22.74 -5.92
N SER A 94 16.18 23.74 -5.44
CA SER A 94 17.31 24.38 -6.14
C SER A 94 18.45 23.42 -6.48
N ALA A 95 18.76 22.47 -5.60
CA ALA A 95 19.84 21.48 -5.77
C ALA A 95 19.58 20.51 -6.95
N LYS A 96 18.40 19.86 -7.00
CA LYS A 96 18.02 18.93 -8.08
C LYS A 96 18.03 19.61 -9.46
N HIS A 97 18.87 19.13 -10.38
CA HIS A 97 19.19 19.73 -11.68
C HIS A 97 19.09 18.76 -12.86
N CYS A 98 18.60 19.25 -14.01
CA CYS A 98 18.44 18.44 -15.22
C CYS A 98 19.74 18.34 -16.03
N ASP A 99 20.11 17.12 -16.44
CA ASP A 99 21.29 16.84 -17.25
C ASP A 99 21.28 17.55 -18.62
N PHE A 100 20.11 17.64 -19.25
CA PHE A 100 19.89 18.27 -20.56
C PHE A 100 20.06 19.80 -20.60
N TRP A 101 20.08 20.50 -19.46
CA TRP A 101 20.15 21.96 -19.41
C TRP A 101 21.39 22.53 -20.13
N LEU A 102 21.15 23.50 -21.01
CA LEU A 102 22.09 24.08 -21.98
C LEU A 102 21.81 25.57 -22.21
N GLU A 103 22.74 26.27 -22.87
CA GLU A 103 22.58 27.68 -23.25
C GLU A 103 21.64 27.83 -24.46
N ARG A 104 20.34 28.04 -24.19
CA ARG A 104 19.31 28.33 -25.22
C ARG A 104 19.55 29.70 -25.89
N GLY A 105 19.08 29.86 -27.13
CA GLY A 105 19.23 31.07 -27.95
C GLY A 105 17.95 31.43 -28.69
N ALA A 106 17.54 32.70 -28.60
CA ALA A 106 16.36 33.28 -29.25
C ALA A 106 16.58 34.77 -29.61
N ALA A 107 15.89 35.24 -30.65
CA ALA A 107 15.91 36.64 -31.11
C ALA A 107 15.30 37.63 -30.10
N ARG A 1 1.97 0.38 1.67
CA ARG A 1 1.41 1.36 2.64
C ARG A 1 0.21 2.09 2.05
N VAL A 2 0.42 3.09 1.17
CA VAL A 2 -0.62 3.91 0.51
C VAL A 2 -0.72 3.60 -0.98
N ALA A 3 -1.92 3.69 -1.54
CA ALA A 3 -2.19 3.56 -2.98
C ALA A 3 -1.66 4.77 -3.79
N GLU A 4 -1.37 4.55 -5.08
CA GLU A 4 -1.04 5.60 -6.05
C GLU A 4 -2.25 6.52 -6.32
N ASN A 5 -3.45 5.96 -6.23
CA ASN A 5 -4.74 6.66 -6.30
C ASN A 5 -5.06 7.35 -4.96
N ARG A 6 -4.16 8.26 -4.55
CA ARG A 6 -4.30 9.18 -3.41
C ARG A 6 -5.10 10.45 -3.77
N PRO A 7 -5.70 11.16 -2.80
CA PRO A 7 -6.46 12.40 -3.03
C PRO A 7 -5.73 13.42 -3.92
N GLY A 8 -6.38 13.83 -5.01
CA GLY A 8 -5.82 14.70 -6.06
C GLY A 8 -5.64 13.99 -7.41
N ALA A 9 -5.57 12.66 -7.46
CA ALA A 9 -5.22 11.92 -8.67
C ALA A 9 -6.16 12.19 -9.86
N PHE A 10 -5.59 12.50 -11.02
CA PHE A 10 -6.29 12.67 -12.29
C PHE A 10 -7.10 11.42 -12.70
N ILE A 11 -8.26 11.63 -13.34
CA ILE A 11 -9.06 10.59 -13.99
C ILE A 11 -9.23 10.99 -15.46
N LYS A 12 -8.50 10.30 -16.34
CA LYS A 12 -8.51 10.47 -17.81
C LYS A 12 -9.25 9.30 -18.46
N GLN A 13 -10.45 9.58 -18.95
CA GLN A 13 -11.38 8.65 -19.59
C GLN A 13 -11.55 9.00 -21.09
N GLY A 14 -11.62 10.29 -21.41
CA GLY A 14 -11.77 10.83 -22.77
C GLY A 14 -13.18 11.36 -23.01
N ARG A 15 -13.56 12.38 -22.22
CA ARG A 15 -14.92 12.93 -22.10
C ARG A 15 -14.87 14.47 -22.11
N LYS A 16 -15.23 15.07 -23.24
CA LYS A 16 -15.26 16.53 -23.44
C LYS A 16 -16.35 17.18 -22.56
N LEU A 17 -15.96 18.22 -21.82
CA LEU A 17 -16.83 19.07 -21.01
C LEU A 17 -17.27 20.35 -21.77
N ASP A 18 -18.07 21.20 -21.11
CA ASP A 18 -18.49 22.52 -21.59
C ASP A 18 -18.23 23.60 -20.53
N ILE A 19 -17.13 24.33 -20.71
CA ILE A 19 -16.60 25.38 -19.81
C ILE A 19 -16.20 26.59 -20.67
N ASP A 20 -16.61 27.79 -20.27
CA ASP A 20 -16.17 29.05 -20.91
C ASP A 20 -14.89 29.59 -20.23
N PHE A 21 -13.75 29.08 -20.67
CA PHE A 21 -12.40 29.53 -20.35
C PHE A 21 -12.14 30.97 -20.83
N GLY A 22 -12.60 31.25 -22.06
CA GLY A 22 -12.33 32.44 -22.87
C GLY A 22 -11.94 32.01 -24.28
N ALA A 23 -12.08 32.86 -25.30
CA ALA A 23 -11.96 32.51 -26.73
C ALA A 23 -10.80 31.54 -27.07
N GLU A 24 -9.56 31.92 -26.76
CA GLU A 24 -8.36 31.11 -27.03
C GLU A 24 -8.32 29.79 -26.22
N GLY A 25 -8.73 29.84 -24.94
CA GLY A 25 -8.81 28.67 -24.05
C GLY A 25 -9.89 27.66 -24.46
N ASN A 26 -11.06 28.16 -24.87
CA ASN A 26 -12.17 27.39 -25.44
C ASN A 26 -11.69 26.61 -26.68
N ARG A 27 -11.03 27.31 -27.60
CA ARG A 27 -10.37 26.74 -28.80
C ARG A 27 -9.39 25.64 -28.42
N TYR A 28 -8.48 25.93 -27.49
CA TYR A 28 -7.47 24.99 -27.00
C TYR A 28 -8.10 23.71 -26.41
N TYR A 29 -9.00 23.84 -25.44
CA TYR A 29 -9.72 22.72 -24.82
C TYR A 29 -10.48 21.88 -25.86
N ALA A 30 -11.31 22.49 -26.70
CA ALA A 30 -12.05 21.81 -27.78
C ALA A 30 -11.15 20.93 -28.68
N ALA A 31 -9.94 21.41 -29.00
CA ALA A 31 -8.93 20.68 -29.79
C ALA A 31 -8.09 19.65 -28.99
N ASN A 32 -7.92 19.81 -27.66
CA ASN A 32 -6.97 19.04 -26.86
C ASN A 32 -7.53 18.36 -25.57
N TYR A 33 -8.85 18.30 -25.37
CA TYR A 33 -9.51 17.77 -24.15
C TYR A 33 -9.02 16.38 -23.72
N TRP A 34 -8.62 15.52 -24.66
CA TRP A 34 -8.01 14.20 -24.44
C TRP A 34 -6.81 14.20 -23.46
N GLN A 35 -6.01 15.28 -23.43
CA GLN A 35 -4.88 15.44 -22.49
C GLN A 35 -5.33 15.66 -21.03
N PHE A 36 -6.44 16.37 -20.83
CA PHE A 36 -6.92 16.87 -19.54
C PHE A 36 -7.57 15.77 -18.67
N PRO A 37 -7.53 15.93 -17.33
CA PRO A 37 -8.30 15.09 -16.41
C PRO A 37 -9.79 15.44 -16.47
N ASP A 38 -10.61 14.64 -17.16
CA ASP A 38 -12.07 14.88 -17.20
C ASP A 38 -12.73 14.69 -15.81
N GLY A 39 -12.16 13.85 -14.96
CA GLY A 39 -12.50 13.70 -13.54
C GLY A 39 -11.26 13.86 -12.64
N ILE A 40 -11.47 14.05 -11.34
CA ILE A 40 -10.41 14.08 -10.31
C ILE A 40 -10.89 13.29 -9.10
N TYR A 41 -10.09 12.30 -8.68
CA TYR A 41 -10.27 11.57 -7.42
C TYR A 41 -9.86 12.47 -6.25
N TYR A 42 -10.79 12.81 -5.36
CA TYR A 42 -10.52 13.59 -4.14
C TYR A 42 -11.52 13.26 -3.02
N GLU A 43 -11.10 13.47 -1.77
CA GLU A 43 -11.86 13.17 -0.55
C GLU A 43 -11.96 14.42 0.34
N GLY A 44 -13.07 15.15 0.18
CA GLY A 44 -13.33 16.46 0.79
C GLY A 44 -14.04 16.38 2.15
N CYS A 45 -15.20 15.72 2.19
CA CYS A 45 -16.00 15.49 3.39
C CYS A 45 -15.21 14.77 4.51
N SER A 46 -15.06 15.42 5.66
CA SER A 46 -14.51 14.87 6.90
C SER A 46 -15.32 15.32 8.13
N GLU A 47 -15.43 16.64 8.35
CA GLU A 47 -16.20 17.27 9.42
C GLU A 47 -16.85 18.60 8.98
N ALA A 48 -17.97 18.97 9.62
CA ALA A 48 -18.80 20.13 9.29
C ALA A 48 -18.06 21.49 9.23
N ASN A 49 -16.93 21.62 9.95
CA ASN A 49 -16.05 22.80 9.92
C ASN A 49 -15.47 23.08 8.52
N VAL A 50 -15.25 22.05 7.69
CA VAL A 50 -14.78 22.18 6.29
C VAL A 50 -15.85 22.87 5.45
N THR A 51 -15.59 24.11 5.02
CA THR A 51 -16.47 24.89 4.11
C THR A 51 -16.25 24.54 2.64
N LYS A 52 -17.05 25.09 1.73
CA LYS A 52 -16.80 25.01 0.27
C LYS A 52 -15.47 25.63 -0.11
N GLU A 53 -15.20 26.85 0.34
CA GLU A 53 -13.92 27.54 0.14
C GLU A 53 -12.72 26.66 0.55
N MET A 54 -12.78 26.06 1.75
CA MET A 54 -11.81 25.06 2.22
C MET A 54 -11.70 23.86 1.28
N LEU A 55 -12.80 23.17 0.98
CA LEU A 55 -12.83 21.93 0.18
C LEU A 55 -12.25 22.13 -1.23
N VAL A 56 -12.78 23.10 -1.99
CA VAL A 56 -12.37 23.45 -3.36
C VAL A 56 -10.87 23.80 -3.42
N THR A 57 -10.39 24.68 -2.51
CA THR A 57 -8.97 25.06 -2.40
C THR A 57 -8.08 23.85 -2.07
N SER A 58 -8.48 23.04 -1.07
CA SER A 58 -7.77 21.82 -0.68
C SER A 58 -7.70 20.80 -1.82
N CYS A 59 -8.75 20.66 -2.63
CA CYS A 59 -8.77 19.86 -3.86
C CYS A 59 -7.70 20.30 -4.87
N VAL A 60 -7.61 21.60 -5.19
CA VAL A 60 -6.52 22.15 -6.03
C VAL A 60 -5.13 21.81 -5.46
N ASN A 61 -4.91 22.03 -4.17
CA ASN A 61 -3.67 21.69 -3.45
C ASN A 61 -3.34 20.19 -3.52
N ALA A 62 -4.33 19.31 -3.29
CA ALA A 62 -4.20 17.86 -3.41
C ALA A 62 -3.84 17.46 -4.85
N THR A 63 -4.52 18.02 -5.85
CA THR A 63 -4.26 17.83 -7.29
C THR A 63 -2.82 18.16 -7.65
N GLN A 64 -2.30 19.31 -7.23
CA GLN A 64 -0.88 19.69 -7.35
C GLN A 64 0.06 18.58 -6.84
N ALA A 65 -0.08 18.21 -5.55
CA ALA A 65 0.71 17.18 -4.88
C ALA A 65 0.66 15.80 -5.58
N ALA A 66 -0.52 15.39 -6.03
CA ALA A 66 -0.76 14.10 -6.69
C ALA A 66 -0.17 13.99 -8.11
N ASN A 67 -0.16 15.07 -8.90
CA ASN A 67 0.18 15.04 -10.35
C ASN A 67 1.33 16.00 -10.72
N GLN A 68 2.36 16.07 -9.87
CA GLN A 68 3.52 16.98 -10.00
C GLN A 68 4.23 16.90 -11.36
N ALA A 69 4.50 15.68 -11.84
CA ALA A 69 5.16 15.41 -13.12
C ALA A 69 4.45 16.08 -14.31
N GLU A 70 3.13 15.92 -14.42
CA GLU A 70 2.29 16.51 -15.47
C GLU A 70 2.44 18.04 -15.53
N PHE A 71 2.27 18.72 -14.39
CA PHE A 71 2.45 20.17 -14.27
C PHE A 71 3.89 20.61 -14.60
N SER A 72 4.90 19.89 -14.12
CA SER A 72 6.32 20.14 -14.41
C SER A 72 6.62 20.10 -15.93
N ARG A 73 6.16 19.04 -16.61
CA ARG A 73 6.27 18.82 -18.07
C ARG A 73 5.59 19.95 -18.85
N GLU A 74 4.29 20.12 -18.67
CA GLU A 74 3.43 21.06 -19.42
C GLU A 74 3.54 22.51 -18.92
N LYS A 75 4.78 22.98 -18.73
CA LYS A 75 5.16 24.33 -18.29
C LYS A 75 6.48 24.83 -18.89
N GLN A 76 7.44 23.93 -19.11
CA GLN A 76 8.79 24.24 -19.65
C GLN A 76 8.76 25.15 -20.89
N ASP A 77 7.91 24.83 -21.87
CA ASP A 77 7.58 25.67 -23.03
C ASP A 77 6.08 25.59 -23.34
N SER A 78 5.25 25.93 -22.34
CA SER A 78 3.78 25.91 -22.40
C SER A 78 3.16 26.92 -21.42
N LYS A 79 2.21 27.73 -21.92
CA LYS A 79 1.52 28.80 -21.19
C LYS A 79 -0.01 28.62 -21.23
N LEU A 80 -0.58 28.61 -22.44
CA LEU A 80 -2.00 28.38 -22.71
C LEU A 80 -2.53 27.11 -22.01
N HIS A 81 -1.79 25.99 -22.07
CA HIS A 81 -2.18 24.75 -21.38
C HIS A 81 -2.39 24.98 -19.88
N GLN A 82 -1.42 25.53 -19.15
CA GLN A 82 -1.54 25.84 -17.71
C GLN A 82 -2.82 26.64 -17.39
N ARG A 83 -3.06 27.77 -18.07
CA ARG A 83 -4.23 28.64 -17.89
C ARG A 83 -5.55 27.85 -17.95
N VAL A 84 -5.76 27.13 -19.06
CA VAL A 84 -6.95 26.28 -19.31
C VAL A 84 -7.03 25.14 -18.29
N LEU A 85 -5.94 24.40 -18.07
CA LEU A 85 -5.82 23.26 -17.15
C LEU A 85 -6.19 23.64 -15.70
N TRP A 86 -5.69 24.75 -15.17
CA TRP A 86 -6.05 25.24 -13.84
C TRP A 86 -7.52 25.61 -13.70
N ARG A 87 -8.11 26.31 -14.67
CA ARG A 87 -9.56 26.55 -14.74
C ARG A 87 -10.35 25.23 -14.75
N LEU A 88 -9.99 24.30 -15.63
CA LEU A 88 -10.56 22.94 -15.73
C LEU A 88 -10.54 22.21 -14.38
N ILE A 89 -9.37 22.09 -13.73
CA ILE A 89 -9.20 21.54 -12.37
C ILE A 89 -10.13 22.24 -11.37
N LYS A 90 -10.11 23.58 -11.31
CA LYS A 90 -10.93 24.39 -10.40
C LYS A 90 -12.43 24.17 -10.60
N GLU A 91 -12.94 24.12 -11.83
CA GLU A 91 -14.34 23.76 -12.14
C GLU A 91 -14.71 22.38 -11.56
N ILE A 92 -13.89 21.35 -11.79
CA ILE A 92 -14.06 20.01 -11.20
C ILE A 92 -14.09 20.07 -9.67
N CYS A 93 -13.10 20.71 -9.04
CA CYS A 93 -13.05 20.93 -7.59
C CYS A 93 -14.29 21.68 -7.06
N SER A 94 -14.72 22.75 -7.72
CA SER A 94 -15.93 23.55 -7.39
C SER A 94 -17.22 22.72 -7.31
N ALA A 95 -17.37 21.72 -8.18
CA ALA A 95 -18.51 20.81 -8.22
C ALA A 95 -18.62 19.86 -7.01
N LYS A 96 -17.56 19.66 -6.21
CA LYS A 96 -17.47 18.69 -5.09
C LYS A 96 -18.20 19.18 -3.82
N HIS A 97 -19.51 19.41 -3.93
CA HIS A 97 -20.37 19.83 -2.81
C HIS A 97 -20.57 18.70 -1.77
N CYS A 98 -20.29 18.98 -0.49
CA CYS A 98 -20.40 17.98 0.58
C CYS A 98 -21.84 17.80 1.11
N ASP A 99 -22.19 16.57 1.48
CA ASP A 99 -23.49 16.17 2.02
C ASP A 99 -23.84 16.86 3.35
N PHE A 100 -22.92 16.87 4.32
CA PHE A 100 -23.17 17.37 5.68
C PHE A 100 -23.32 18.90 5.82
N TRP A 101 -23.02 19.68 4.77
CA TRP A 101 -23.08 21.16 4.82
C TRP A 101 -24.44 21.71 5.26
N LEU A 102 -24.41 22.61 6.24
CA LEU A 102 -25.57 23.24 6.88
C LEU A 102 -26.29 24.22 5.95
N GLU A 103 -27.58 24.46 6.20
CA GLU A 103 -28.39 25.47 5.49
C GLU A 103 -27.96 26.90 5.87
N ARG A 104 -27.22 27.58 4.99
CA ARG A 104 -26.74 28.96 5.15
C ARG A 104 -27.16 29.85 3.97
N GLY A 105 -27.28 31.16 4.22
CA GLY A 105 -27.63 32.17 3.21
C GLY A 105 -26.42 32.68 2.41
N ALA A 106 -26.69 33.37 1.30
CA ALA A 106 -25.69 34.01 0.44
C ALA A 106 -24.96 35.18 1.15
N ALA A 107 -23.70 35.44 0.74
CA ALA A 107 -22.82 36.51 1.22
C ALA A 107 -21.95 37.10 0.10
N ARG A 1 -0.81 -12.19 -6.46
CA ARG A 1 0.28 -12.04 -5.46
C ARG A 1 -0.18 -11.23 -4.25
N VAL A 2 0.64 -11.16 -3.19
CA VAL A 2 0.33 -10.47 -1.92
C VAL A 2 0.81 -9.01 -1.94
N ALA A 3 2.09 -8.76 -1.65
CA ALA A 3 2.67 -7.42 -1.46
C ALA A 3 4.18 -7.38 -1.77
N GLU A 4 4.90 -6.38 -1.27
CA GLU A 4 6.36 -6.20 -1.36
C GLU A 4 7.14 -7.36 -0.73
N ASN A 5 6.60 -7.96 0.33
CA ASN A 5 7.12 -9.14 1.03
C ASN A 5 6.05 -10.25 1.02
N ARG A 6 5.78 -10.77 -0.19
CA ARG A 6 4.98 -11.99 -0.42
C ARG A 6 5.79 -13.23 0.00
N PRO A 7 5.19 -14.31 0.54
CA PRO A 7 5.90 -15.55 0.87
C PRO A 7 6.76 -16.07 -0.30
N GLY A 8 8.08 -16.08 -0.14
CA GLY A 8 9.09 -16.41 -1.14
C GLY A 8 9.96 -15.22 -1.60
N ALA A 9 9.63 -13.96 -1.26
CA ALA A 9 10.32 -12.78 -1.79
C ALA A 9 11.83 -12.76 -1.47
N PHE A 10 12.66 -12.51 -2.48
CA PHE A 10 14.11 -12.26 -2.32
C PHE A 10 14.40 -11.05 -1.40
N ILE A 11 15.51 -11.12 -0.66
CA ILE A 11 16.10 -10.03 0.11
C ILE A 11 17.52 -9.82 -0.42
N LYS A 12 17.67 -8.88 -1.35
CA LYS A 12 18.91 -8.60 -2.10
C LYS A 12 19.75 -7.52 -1.40
N GLN A 13 20.50 -7.94 -0.37
CA GLN A 13 21.52 -7.11 0.28
C GLN A 13 22.78 -6.97 -0.61
N GLY A 14 23.09 -8.00 -1.40
CA GLY A 14 24.23 -8.03 -2.32
C GLY A 14 25.56 -8.22 -1.59
N ARG A 15 25.68 -9.33 -0.85
CA ARG A 15 26.77 -9.67 0.09
C ARG A 15 27.37 -11.03 -0.30
N LYS A 16 28.71 -11.11 -0.35
CA LYS A 16 29.48 -12.29 -0.77
C LYS A 16 29.45 -13.40 0.30
N LEU A 17 28.60 -14.41 0.09
CA LEU A 17 28.44 -15.61 0.94
C LEU A 17 29.55 -16.66 0.68
N ASP A 18 29.70 -17.60 1.62
CA ASP A 18 30.62 -18.73 1.55
C ASP A 18 29.84 -20.03 1.21
N ILE A 19 29.75 -20.34 -0.09
CA ILE A 19 29.05 -21.50 -0.65
C ILE A 19 29.92 -22.11 -1.78
N ASP A 20 30.16 -23.43 -1.74
CA ASP A 20 30.84 -24.17 -2.81
C ASP A 20 29.82 -24.73 -3.81
N PHE A 21 29.43 -23.89 -4.77
CA PHE A 21 28.55 -24.19 -5.90
C PHE A 21 29.13 -25.24 -6.86
N GLY A 22 30.45 -25.20 -7.04
CA GLY A 22 31.24 -25.93 -8.05
C GLY A 22 32.08 -24.95 -8.86
N ALA A 23 33.17 -25.41 -9.51
CA ALA A 23 34.19 -24.57 -10.16
C ALA A 23 33.65 -23.36 -10.96
N GLU A 24 32.78 -23.60 -11.94
CA GLU A 24 32.17 -22.57 -12.78
C GLU A 24 31.27 -21.62 -11.97
N GLY A 25 30.39 -22.18 -11.13
CA GLY A 25 29.46 -21.43 -10.27
C GLY A 25 30.15 -20.56 -9.21
N ASN A 26 31.24 -21.05 -8.61
CA ASN A 26 32.10 -20.33 -7.68
C ASN A 26 32.67 -19.07 -8.35
N ARG A 27 33.26 -19.23 -9.54
CA ARG A 27 33.79 -18.13 -10.37
C ARG A 27 32.70 -17.11 -10.73
N TYR A 28 31.54 -17.60 -11.18
CA TYR A 28 30.39 -16.78 -11.52
C TYR A 28 29.90 -15.95 -10.32
N TYR A 29 29.61 -16.59 -9.19
CA TYR A 29 29.20 -15.95 -7.95
C TYR A 29 30.20 -14.90 -7.45
N ALA A 30 31.49 -15.24 -7.34
CA ALA A 30 32.56 -14.31 -6.95
C ALA A 30 32.58 -13.00 -7.75
N ALA A 31 32.24 -13.05 -9.05
CA ALA A 31 32.13 -11.91 -9.95
C ALA A 31 30.75 -11.20 -9.95
N ASN A 32 29.67 -11.84 -9.47
CA ASN A 32 28.28 -11.37 -9.62
C ASN A 32 27.40 -11.35 -8.35
N TYR A 33 27.95 -11.63 -7.15
CA TYR A 33 27.22 -11.76 -5.87
C TYR A 33 26.27 -10.59 -5.55
N TRP A 34 26.58 -9.37 -6.01
CA TRP A 34 25.75 -8.17 -5.92
C TRP A 34 24.31 -8.36 -6.44
N GLN A 35 24.10 -9.18 -7.49
CA GLN A 35 22.79 -9.51 -8.06
C GLN A 35 21.93 -10.40 -7.16
N PHE A 36 22.55 -11.39 -6.50
CA PHE A 36 21.92 -12.49 -5.79
C PHE A 36 21.16 -12.09 -4.50
N PRO A 37 20.14 -12.87 -4.10
CA PRO A 37 19.48 -12.74 -2.80
C PRO A 37 20.40 -13.23 -1.67
N ASP A 38 20.60 -12.41 -0.65
CA ASP A 38 21.32 -12.74 0.57
C ASP A 38 20.42 -13.46 1.60
N GLY A 39 19.14 -13.07 1.63
CA GLY A 39 18.08 -13.72 2.40
C GLY A 39 16.82 -13.97 1.55
N ILE A 40 15.86 -14.69 2.09
CA ILE A 40 14.54 -14.93 1.49
C ILE A 40 13.48 -14.79 2.59
N TYR A 41 12.50 -13.91 2.36
CA TYR A 41 11.31 -13.80 3.18
C TYR A 41 10.39 -15.00 2.96
N TYR A 42 10.43 -15.97 3.87
CA TYR A 42 9.53 -17.12 3.92
C TYR A 42 9.45 -17.67 5.35
N GLU A 43 8.24 -18.02 5.81
CA GLU A 43 7.93 -18.45 7.18
C GLU A 43 7.09 -19.74 7.15
N GLY A 44 7.77 -20.87 6.98
CA GLY A 44 7.17 -22.21 6.92
C GLY A 44 6.75 -22.76 8.28
N CYS A 45 7.56 -22.51 9.32
CA CYS A 45 7.37 -23.00 10.69
C CYS A 45 5.99 -22.61 11.28
N SER A 46 5.15 -23.63 11.49
CA SER A 46 3.75 -23.50 11.95
C SER A 46 3.45 -24.45 13.12
N GLU A 47 3.64 -25.76 12.92
CA GLU A 47 3.41 -26.82 13.89
C GLU A 47 4.37 -28.01 13.68
N ALA A 48 4.55 -28.84 14.70
CA ALA A 48 5.48 -29.98 14.74
C ALA A 48 5.37 -30.98 13.56
N ASN A 49 4.19 -31.10 12.95
CA ASN A 49 3.94 -31.92 11.76
C ASN A 49 4.74 -31.46 10.52
N VAL A 50 5.04 -30.15 10.39
CA VAL A 50 5.90 -29.60 9.33
C VAL A 50 7.35 -30.04 9.55
N THR A 51 7.93 -30.79 8.61
CA THR A 51 9.32 -31.29 8.68
C THR A 51 10.29 -30.41 7.89
N LYS A 52 11.59 -30.73 7.92
CA LYS A 52 12.62 -30.08 7.08
C LYS A 52 12.37 -30.30 5.60
N GLU A 53 12.27 -31.55 5.15
CA GLU A 53 11.97 -31.87 3.74
C GLU A 53 10.69 -31.17 3.23
N MET A 54 9.65 -31.07 4.06
CA MET A 54 8.47 -30.24 3.76
C MET A 54 8.84 -28.76 3.60
N LEU A 55 9.45 -28.15 4.62
CA LEU A 55 9.76 -26.71 4.65
C LEU A 55 10.67 -26.28 3.50
N VAL A 56 11.82 -26.92 3.32
CA VAL A 56 12.83 -26.55 2.29
C VAL A 56 12.21 -26.60 0.88
N THR A 57 11.50 -27.68 0.55
CA THR A 57 10.75 -27.85 -0.71
C THR A 57 9.70 -26.75 -0.88
N SER A 58 8.86 -26.51 0.14
CA SER A 58 7.82 -25.48 0.13
C SER A 58 8.39 -24.06 -0.03
N CYS A 59 9.52 -23.77 0.62
CA CYS A 59 10.29 -22.53 0.48
C CYS A 59 10.77 -22.30 -0.97
N VAL A 60 11.40 -23.28 -1.60
CA VAL A 60 11.74 -23.25 -3.04
C VAL A 60 10.51 -22.95 -3.90
N ASN A 61 9.41 -23.68 -3.70
CA ASN A 61 8.13 -23.48 -4.39
C ASN A 61 7.55 -22.06 -4.19
N ALA A 62 7.56 -21.53 -2.96
CA ALA A 62 7.16 -20.16 -2.65
C ALA A 62 8.05 -19.14 -3.39
N THR A 63 9.38 -19.32 -3.31
CA THR A 63 10.39 -18.51 -4.00
C THR A 63 10.13 -18.42 -5.50
N GLN A 64 9.91 -19.56 -6.18
CA GLN A 64 9.52 -19.63 -7.60
C GLN A 64 8.35 -18.68 -7.92
N ALA A 65 7.21 -18.87 -7.26
CA ALA A 65 5.99 -18.08 -7.41
C ALA A 65 6.22 -16.57 -7.13
N ALA A 66 6.97 -16.24 -6.09
CA ALA A 66 7.26 -14.88 -5.65
C ALA A 66 8.13 -14.06 -6.63
N ASN A 67 9.13 -14.68 -7.28
CA ASN A 67 10.17 -14.00 -8.06
C ASN A 67 10.21 -14.47 -9.54
N GLN A 68 9.04 -14.67 -10.15
CA GLN A 68 8.86 -15.15 -11.53
C GLN A 68 9.63 -14.30 -12.57
N ALA A 69 9.55 -12.97 -12.46
CA ALA A 69 10.25 -12.02 -13.32
C ALA A 69 11.77 -12.21 -13.35
N GLU A 70 12.38 -12.53 -12.20
CA GLU A 70 13.81 -12.87 -12.07
C GLU A 70 14.11 -14.18 -12.82
N PHE A 71 13.45 -15.28 -12.46
CA PHE A 71 13.68 -16.61 -13.06
C PHE A 71 13.40 -16.69 -14.57
N SER A 72 12.48 -15.88 -15.10
CA SER A 72 12.23 -15.75 -16.55
C SER A 72 13.45 -15.19 -17.28
N ARG A 73 13.91 -14.00 -16.88
CA ARG A 73 15.06 -13.27 -17.45
C ARG A 73 16.38 -14.00 -17.23
N GLU A 74 16.70 -14.36 -15.98
CA GLU A 74 17.96 -14.97 -15.55
C GLU A 74 18.02 -16.48 -15.84
N LYS A 75 17.64 -16.86 -17.07
CA LYS A 75 17.52 -18.21 -17.63
C LYS A 75 17.66 -18.18 -19.15
N GLN A 76 16.74 -17.47 -19.82
CA GLN A 76 16.70 -17.29 -21.27
C GLN A 76 18.01 -16.69 -21.81
N ASP A 77 18.45 -15.55 -21.26
CA ASP A 77 19.77 -14.96 -21.52
C ASP A 77 20.87 -15.60 -20.64
N SER A 78 20.69 -15.54 -19.32
CA SER A 78 21.69 -15.96 -18.32
C SER A 78 21.70 -17.49 -18.09
N LYS A 79 22.45 -18.22 -18.91
CA LYS A 79 22.58 -19.69 -18.88
C LYS A 79 23.01 -20.25 -17.51
N LEU A 80 24.22 -19.90 -17.05
CA LEU A 80 24.84 -20.41 -15.82
C LEU A 80 24.11 -19.98 -14.54
N HIS A 81 23.48 -18.79 -14.52
CA HIS A 81 22.90 -18.16 -13.32
C HIS A 81 21.96 -19.11 -12.55
N GLN A 82 21.06 -19.83 -13.25
CA GLN A 82 20.12 -20.80 -12.66
C GLN A 82 20.78 -21.75 -11.65
N ARG A 83 21.79 -22.54 -12.05
CA ARG A 83 22.56 -23.47 -11.20
C ARG A 83 22.98 -22.82 -9.87
N VAL A 84 23.69 -21.71 -9.96
CA VAL A 84 24.23 -20.93 -8.83
C VAL A 84 23.08 -20.41 -7.95
N LEU A 85 22.13 -19.70 -8.54
CA LEU A 85 20.96 -19.09 -7.89
C LEU A 85 20.12 -20.11 -7.12
N TRP A 86 19.73 -21.23 -7.75
CA TRP A 86 18.99 -22.32 -7.10
C TRP A 86 19.73 -22.95 -5.93
N ARG A 87 21.03 -23.22 -6.06
CA ARG A 87 21.86 -23.68 -4.94
C ARG A 87 21.80 -22.69 -3.77
N LEU A 88 22.02 -21.40 -4.03
CA LEU A 88 21.91 -20.32 -3.03
C LEU A 88 20.53 -20.32 -2.33
N ILE A 89 19.44 -20.30 -3.11
CA ILE A 89 18.06 -20.43 -2.61
C ILE A 89 17.91 -21.64 -1.68
N LYS A 90 18.34 -22.83 -2.10
CA LYS A 90 18.31 -24.06 -1.30
C LYS A 90 19.11 -23.96 0.00
N GLU A 91 20.33 -23.41 -0.02
CA GLU A 91 21.10 -23.10 1.20
C GLU A 91 20.28 -22.22 2.18
N ILE A 92 19.71 -21.11 1.71
CA ILE A 92 18.82 -20.23 2.52
C ILE A 92 17.61 -21.01 3.07
N CYS A 93 16.85 -21.68 2.20
CA CYS A 93 15.67 -22.48 2.57
C CYS A 93 16.00 -23.55 3.62
N SER A 94 17.14 -24.23 3.51
CA SER A 94 17.68 -25.17 4.53
C SER A 94 18.00 -24.47 5.86
N ALA A 95 18.67 -23.31 5.80
CA ALA A 95 19.15 -22.54 6.95
C ALA A 95 18.03 -22.09 7.92
N LYS A 96 16.86 -21.67 7.42
CA LYS A 96 15.67 -21.24 8.21
C LYS A 96 14.92 -22.40 8.89
N HIS A 97 15.65 -23.26 9.61
CA HIS A 97 15.17 -24.42 10.36
C HIS A 97 14.26 -24.05 11.55
N CYS A 98 13.22 -24.84 11.80
CA CYS A 98 12.29 -24.64 12.93
C CYS A 98 12.87 -25.15 14.26
N ASP A 99 12.69 -24.37 15.33
CA ASP A 99 13.12 -24.71 16.70
C ASP A 99 12.42 -25.98 17.24
N PHE A 100 11.12 -26.14 16.94
CA PHE A 100 10.27 -27.23 17.44
C PHE A 100 10.60 -28.63 16.91
N TRP A 101 11.41 -28.78 15.84
CA TRP A 101 11.75 -30.07 15.24
C TRP A 101 12.38 -31.06 16.24
N LEU A 102 11.69 -32.17 16.49
CA LEU A 102 12.05 -33.21 17.46
C LEU A 102 13.19 -34.11 16.95
N GLU A 103 13.96 -34.69 17.88
CA GLU A 103 14.94 -35.75 17.61
C GLU A 103 14.26 -37.03 17.07
N ARG A 104 13.10 -37.38 17.66
CA ARG A 104 12.24 -38.53 17.32
C ARG A 104 10.78 -38.10 17.27
N GLY A 105 10.12 -38.28 16.12
CA GLY A 105 8.69 -38.04 15.93
C GLY A 105 7.83 -39.29 16.21
N ALA A 106 6.52 -39.10 16.35
CA ALA A 106 5.54 -40.17 16.63
C ALA A 106 4.19 -39.90 15.90
N ALA A 107 3.52 -40.99 15.49
CA ALA A 107 2.20 -40.98 14.85
C ALA A 107 1.06 -40.51 15.79
N ARG A 1 10.95 -5.17 -5.49
CA ARG A 1 10.37 -3.82 -5.71
C ARG A 1 11.17 -2.77 -4.92
N VAL A 2 11.68 -1.73 -5.60
CA VAL A 2 12.39 -0.59 -4.99
C VAL A 2 11.48 0.16 -4.00
N ALA A 3 12.02 0.51 -2.83
CA ALA A 3 11.37 1.35 -1.83
C ALA A 3 11.47 2.84 -2.21
N GLU A 4 10.45 3.37 -2.88
CA GLU A 4 10.33 4.80 -3.19
C GLU A 4 9.88 5.61 -1.96
N ASN A 5 8.96 5.03 -1.18
CA ASN A 5 8.48 5.54 0.11
C ASN A 5 9.49 5.19 1.24
N ARG A 6 10.71 5.74 1.11
CA ARG A 6 11.79 5.68 2.12
C ARG A 6 11.79 6.92 3.03
N PRO A 7 12.34 6.86 4.26
CA PRO A 7 12.47 8.01 5.16
C PRO A 7 13.06 9.25 4.46
N GLY A 8 12.28 10.33 4.42
CA GLY A 8 12.53 11.56 3.67
C GLY A 8 11.49 11.86 2.59
N ALA A 9 10.74 10.86 2.09
CA ALA A 9 9.86 11.02 0.92
C ALA A 9 8.77 12.09 1.12
N PHE A 10 8.57 12.97 0.13
CA PHE A 10 7.50 13.97 0.14
C PHE A 10 6.10 13.34 0.21
N ILE A 11 5.17 14.07 0.85
CA ILE A 11 3.73 13.80 0.87
C ILE A 11 3.04 15.00 0.20
N LYS A 12 2.75 14.86 -1.10
CA LYS A 12 2.23 15.92 -1.97
C LYS A 12 0.70 15.87 -2.05
N GLN A 13 0.05 16.41 -1.02
CA GLN A 13 -1.41 16.65 -1.00
C GLN A 13 -1.79 17.83 -1.92
N GLY A 14 -0.88 18.80 -2.08
CA GLY A 14 -1.07 19.99 -2.92
C GLY A 14 -1.98 21.05 -2.27
N ARG A 15 -2.13 21.01 -0.94
CA ARG A 15 -2.88 21.97 -0.11
C ARG A 15 -2.15 23.32 -0.04
N LYS A 16 -2.88 24.42 -0.18
CA LYS A 16 -2.38 25.80 -0.05
C LYS A 16 -2.19 26.18 1.43
N LEU A 17 -0.95 26.08 1.92
CA LEU A 17 -0.54 26.41 3.29
C LEU A 17 -0.49 27.93 3.55
N ASP A 18 -0.19 28.32 4.80
CA ASP A 18 0.00 29.70 5.24
C ASP A 18 1.35 29.85 5.97
N ILE A 19 2.37 30.29 5.22
CA ILE A 19 3.78 30.46 5.63
C ILE A 19 4.27 31.81 5.09
N ASP A 20 4.88 32.63 5.94
CA ASP A 20 5.55 33.87 5.52
C ASP A 20 7.01 33.60 5.12
N PHE A 21 7.20 33.18 3.87
CA PHE A 21 8.48 33.01 3.19
C PHE A 21 9.25 34.35 3.08
N GLY A 22 8.52 35.41 2.74
CA GLY A 22 9.00 36.75 2.34
C GLY A 22 8.38 37.17 1.02
N ALA A 23 8.41 38.47 0.66
CA ALA A 23 7.69 39.06 -0.48
C ALA A 23 7.70 38.24 -1.77
N GLU A 24 8.89 37.88 -2.28
CA GLU A 24 9.08 37.06 -3.49
C GLU A 24 8.46 35.66 -3.33
N GLY A 25 8.82 34.96 -2.26
CA GLY A 25 8.41 33.59 -1.97
C GLY A 25 6.92 33.43 -1.67
N ASN A 26 6.32 34.39 -0.97
CA ASN A 26 4.89 34.48 -0.70
C ASN A 26 4.10 34.51 -2.02
N ARG A 27 4.47 35.42 -2.93
CA ARG A 27 3.89 35.55 -4.28
C ARG A 27 4.06 34.27 -5.10
N TYR A 28 5.27 33.70 -5.10
CA TYR A 28 5.59 32.45 -5.80
C TYR A 28 4.75 31.27 -5.31
N TYR A 29 4.75 30.99 -4.00
CA TYR A 29 3.97 29.93 -3.37
C TYR A 29 2.47 30.09 -3.64
N ALA A 30 1.89 31.27 -3.40
CA ALA A 30 0.48 31.56 -3.66
C ALA A 30 0.01 31.19 -5.09
N ALA A 31 0.91 31.27 -6.08
CA ALA A 31 0.69 30.89 -7.47
C ALA A 31 1.07 29.43 -7.84
N ASN A 32 1.96 28.78 -7.09
CA ASN A 32 2.59 27.48 -7.44
C ASN A 32 2.49 26.36 -6.38
N TYR A 33 1.72 26.57 -5.29
CA TYR A 33 1.54 25.65 -4.15
C TYR A 33 1.27 24.18 -4.52
N TRP A 34 0.56 23.92 -5.63
CA TRP A 34 0.27 22.60 -6.19
C TRP A 34 1.50 21.69 -6.37
N GLN A 35 2.66 22.26 -6.72
CA GLN A 35 3.93 21.52 -6.89
C GLN A 35 4.52 20.98 -5.57
N PHE A 36 4.43 21.78 -4.51
CA PHE A 36 5.10 21.60 -3.22
C PHE A 36 4.58 20.42 -2.36
N PRO A 37 5.42 19.88 -1.46
CA PRO A 37 5.01 18.92 -0.44
C PRO A 37 4.18 19.61 0.66
N ASP A 38 3.16 18.92 1.17
CA ASP A 38 2.36 19.31 2.33
C ASP A 38 2.89 18.69 3.63
N GLY A 39 3.37 17.44 3.55
CA GLY A 39 4.06 16.74 4.62
C GLY A 39 5.33 16.02 4.10
N ILE A 40 6.07 15.39 5.02
CA ILE A 40 7.26 14.58 4.74
C ILE A 40 7.17 13.29 5.55
N TYR A 41 7.25 12.15 4.87
CA TYR A 41 7.37 10.82 5.47
C TYR A 41 8.77 10.64 6.07
N TYR A 42 8.95 11.03 7.33
CA TYR A 42 10.17 10.86 8.10
C TYR A 42 9.84 10.69 9.59
N GLU A 43 10.42 9.66 10.21
CA GLU A 43 10.15 9.23 11.59
C GLU A 43 11.46 9.10 12.36
N GLY A 44 12.07 10.26 12.66
CA GLY A 44 13.36 10.38 13.35
C GLY A 44 13.36 9.84 14.79
N CYS A 45 12.22 9.93 15.48
CA CYS A 45 12.01 9.50 16.86
C CYS A 45 12.39 8.03 17.09
N SER A 46 13.49 7.79 17.81
CA SER A 46 14.08 6.46 18.08
C SER A 46 14.27 6.22 19.58
N GLU A 47 15.00 7.11 20.27
CA GLU A 47 15.30 7.06 21.70
C GLU A 47 15.47 8.47 22.30
N ALA A 48 15.29 8.62 23.62
CA ALA A 48 15.34 9.89 24.35
C ALA A 48 16.61 10.74 24.12
N ASN A 49 17.74 10.11 23.79
CA ASN A 49 19.00 10.76 23.45
C ASN A 49 18.94 11.59 22.14
N VAL A 50 18.07 11.23 21.19
CA VAL A 50 17.78 12.01 19.97
C VAL A 50 17.12 13.34 20.36
N THR A 51 17.77 14.47 20.12
CA THR A 51 17.23 15.81 20.43
C THR A 51 16.38 16.38 19.28
N LYS A 52 15.73 17.52 19.49
CA LYS A 52 15.04 18.26 18.42
C LYS A 52 16.01 18.74 17.35
N GLU A 53 17.09 19.43 17.72
CA GLU A 53 18.13 19.87 16.78
C GLU A 53 18.71 18.71 15.94
N MET A 54 18.93 17.53 16.55
CA MET A 54 19.26 16.30 15.83
C MET A 54 18.18 15.93 14.81
N LEU A 55 16.93 15.74 15.25
CA LEU A 55 15.81 15.27 14.43
C LEU A 55 15.51 16.19 13.24
N VAL A 56 15.32 17.49 13.48
CA VAL A 56 15.00 18.52 12.46
C VAL A 56 16.08 18.55 11.36
N THR A 57 17.36 18.58 11.75
CA THR A 57 18.50 18.51 10.80
C THR A 57 18.52 17.18 10.03
N SER A 58 18.35 16.06 10.72
CA SER A 58 18.29 14.72 10.12
C SER A 58 17.13 14.59 9.11
N CYS A 59 15.97 15.20 9.38
CA CYS A 59 14.83 15.31 8.48
C CYS A 59 15.20 15.99 7.15
N VAL A 60 15.85 17.16 7.16
CA VAL A 60 16.37 17.81 5.94
C VAL A 60 17.31 16.87 5.16
N ASN A 61 18.28 16.25 5.84
CA ASN A 61 19.20 15.27 5.26
C ASN A 61 18.49 14.05 4.64
N ALA A 62 17.50 13.48 5.33
CA ALA A 62 16.65 12.39 4.82
C ALA A 62 15.87 12.83 3.57
N THR A 63 15.22 14.00 3.64
CA THR A 63 14.47 14.61 2.53
C THR A 63 15.31 14.76 1.27
N GLN A 64 16.54 15.32 1.39
CA GLN A 64 17.54 15.38 0.33
C GLN A 64 17.79 14.01 -0.32
N ALA A 65 18.18 13.01 0.48
CA ALA A 65 18.47 11.64 0.05
C ALA A 65 17.28 10.94 -0.65
N ALA A 66 16.05 11.15 -0.15
CA ALA A 66 14.83 10.55 -0.67
C ALA A 66 14.33 11.17 -2.00
N ASN A 67 14.39 12.49 -2.15
CA ASN A 67 13.78 13.24 -3.26
C ASN A 67 14.82 13.91 -4.17
N GLN A 68 15.94 13.22 -4.41
CA GLN A 68 17.08 13.69 -5.22
C GLN A 68 16.65 14.22 -6.59
N ALA A 69 15.90 13.42 -7.35
CA ALA A 69 15.39 13.76 -8.67
C ALA A 69 14.60 15.09 -8.70
N GLU A 70 13.68 15.29 -7.75
CA GLU A 70 12.88 16.53 -7.60
C GLU A 70 13.78 17.77 -7.49
N PHE A 71 14.75 17.74 -6.57
CA PHE A 71 15.74 18.81 -6.40
C PHE A 71 16.60 19.02 -7.65
N SER A 72 17.28 17.97 -8.15
CA SER A 72 18.17 18.01 -9.32
C SER A 72 17.51 18.60 -10.56
N ARG A 73 16.30 18.14 -10.94
CA ARG A 73 15.53 18.67 -12.08
C ARG A 73 15.29 20.18 -11.98
N GLU A 74 14.77 20.64 -10.84
CA GLU A 74 14.49 22.05 -10.58
C GLU A 74 15.77 22.91 -10.47
N LYS A 75 16.62 22.66 -9.47
CA LYS A 75 17.79 23.45 -9.04
C LYS A 75 18.70 23.98 -10.16
N GLN A 76 18.91 23.19 -11.22
CA GLN A 76 19.69 23.57 -12.41
C GLN A 76 19.23 24.88 -13.09
N ASP A 77 17.95 25.25 -12.97
CA ASP A 77 17.33 26.44 -13.60
C ASP A 77 16.39 27.23 -12.66
N SER A 78 15.60 26.53 -11.85
CA SER A 78 14.51 27.03 -11.01
C SER A 78 15.00 27.74 -9.74
N LYS A 79 15.50 28.98 -9.89
CA LYS A 79 16.16 29.80 -8.85
C LYS A 79 15.29 30.03 -7.61
N LEU A 80 14.18 30.75 -7.76
CA LEU A 80 13.28 31.11 -6.65
C LEU A 80 12.65 29.88 -5.97
N HIS A 81 12.24 28.86 -6.74
CA HIS A 81 11.59 27.65 -6.22
C HIS A 81 12.38 27.02 -5.07
N GLN A 82 13.69 26.81 -5.23
CA GLN A 82 14.57 26.26 -4.18
C GLN A 82 14.44 26.99 -2.84
N ARG A 83 14.60 28.32 -2.82
CA ARG A 83 14.46 29.16 -1.61
C ARG A 83 13.17 28.87 -0.85
N VAL A 84 12.03 28.96 -1.54
CA VAL A 84 10.67 28.71 -1.02
C VAL A 84 10.52 27.26 -0.55
N LEU A 85 10.88 26.29 -1.40
CA LEU A 85 10.80 24.85 -1.14
C LEU A 85 11.59 24.43 0.11
N TRP A 86 12.85 24.84 0.24
CA TRP A 86 13.68 24.59 1.43
C TRP A 86 13.12 25.19 2.71
N ARG A 87 12.60 26.43 2.67
CA ARG A 87 11.84 27.02 3.79
C ARG A 87 10.64 26.14 4.16
N LEU A 88 9.81 25.71 3.21
CA LEU A 88 8.67 24.82 3.44
C LEU A 88 9.11 23.48 4.09
N ILE A 89 10.12 22.81 3.52
CA ILE A 89 10.76 21.61 4.11
C ILE A 89 11.15 21.86 5.58
N LYS A 90 11.83 22.98 5.87
CA LYS A 90 12.19 23.39 7.24
C LYS A 90 10.97 23.59 8.15
N GLU A 91 9.93 24.29 7.71
CA GLU A 91 8.64 24.40 8.43
C GLU A 91 8.05 23.02 8.79
N ILE A 92 8.03 22.07 7.85
CA ILE A 92 7.63 20.67 8.10
C ILE A 92 8.55 20.00 9.12
N CYS A 93 9.86 19.95 8.87
CA CYS A 93 10.84 19.29 9.73
C CYS A 93 10.84 19.84 11.17
N SER A 94 10.87 21.16 11.36
CA SER A 94 10.83 21.84 12.67
C SER A 94 9.56 21.56 13.49
N ALA A 95 8.43 21.25 12.86
CA ALA A 95 7.20 20.81 13.53
C ALA A 95 7.30 19.41 14.17
N LYS A 96 8.14 18.51 13.63
CA LYS A 96 8.27 17.11 14.08
C LYS A 96 8.77 17.00 15.53
N HIS A 97 7.96 16.40 16.40
CA HIS A 97 8.19 16.24 17.83
C HIS A 97 7.99 14.81 18.35
N CYS A 98 8.85 14.36 19.27
CA CYS A 98 8.78 13.02 19.86
C CYS A 98 8.07 13.02 21.22
N ASP A 99 7.16 12.06 21.43
CA ASP A 99 6.42 11.86 22.69
C ASP A 99 7.35 11.64 23.90
N PHE A 100 8.44 10.89 23.71
CA PHE A 100 9.40 10.54 24.76
C PHE A 100 10.27 11.70 25.29
N TRP A 101 10.31 12.86 24.62
CA TRP A 101 11.18 13.99 25.01
C TRP A 101 10.91 14.54 26.42
N LEU A 102 12.00 14.84 27.13
CA LEU A 102 12.07 15.37 28.49
C LEU A 102 13.27 16.32 28.65
N GLU A 103 13.55 16.77 29.89
CA GLU A 103 14.62 17.73 30.22
C GLU A 103 16.06 17.22 29.95
N ARG A 104 16.26 15.90 29.85
CA ARG A 104 17.55 15.20 29.66
C ARG A 104 17.42 14.07 28.62
N GLY A 105 18.49 13.29 28.42
CA GLY A 105 18.52 12.08 27.60
C GLY A 105 17.91 10.86 28.31
N ALA A 106 18.29 9.65 27.88
CA ALA A 106 17.84 8.39 28.48
C ALA A 106 18.32 8.22 29.94
N ALA A 107 17.45 7.69 30.80
CA ALA A 107 17.67 7.43 32.23
C ALA A 107 16.96 6.14 32.71
N ARG A 1 -1.94 -7.01 -4.31
CA ARG A 1 -2.92 -6.26 -3.48
C ARG A 1 -4.34 -6.45 -4.03
N VAL A 2 -5.36 -6.37 -3.16
CA VAL A 2 -6.78 -6.66 -3.47
C VAL A 2 -7.30 -5.87 -4.67
N ALA A 3 -7.06 -4.55 -4.71
CA ALA A 3 -7.50 -3.63 -5.76
C ALA A 3 -7.15 -4.08 -7.19
N GLU A 4 -5.97 -4.68 -7.39
CA GLU A 4 -5.47 -5.17 -8.69
C GLU A 4 -6.36 -6.27 -9.32
N ASN A 5 -7.06 -7.03 -8.48
CA ASN A 5 -8.01 -8.08 -8.84
C ASN A 5 -9.27 -7.99 -7.94
N ARG A 6 -9.93 -6.83 -8.02
CA ARG A 6 -11.16 -6.48 -7.28
C ARG A 6 -12.40 -7.22 -7.82
N PRO A 7 -13.42 -7.56 -7.00
CA PRO A 7 -14.68 -8.13 -7.46
C PRO A 7 -15.32 -7.31 -8.59
N GLY A 8 -15.48 -7.91 -9.77
CA GLY A 8 -15.92 -7.29 -11.02
C GLY A 8 -14.82 -7.14 -12.08
N ALA A 9 -13.53 -7.33 -11.74
CA ALA A 9 -12.41 -7.10 -12.66
C ALA A 9 -12.48 -8.00 -13.92
N PHE A 10 -12.30 -7.39 -15.10
CA PHE A 10 -12.17 -8.13 -16.37
C PHE A 10 -10.94 -9.06 -16.37
N ILE A 11 -11.05 -10.18 -17.09
CA ILE A 11 -9.96 -11.10 -17.42
C ILE A 11 -9.87 -11.14 -18.96
N LYS A 12 -8.95 -10.33 -19.50
CA LYS A 12 -8.72 -10.15 -20.95
C LYS A 12 -7.67 -11.14 -21.45
N GLN A 13 -8.12 -12.32 -21.89
CA GLN A 13 -7.26 -13.34 -22.53
C GLN A 13 -7.00 -13.02 -24.01
N GLY A 14 -7.88 -12.25 -24.65
CA GLY A 14 -7.76 -11.83 -26.05
C GLY A 14 -8.11 -12.95 -27.03
N ARG A 15 -9.35 -13.46 -26.90
CA ARG A 15 -9.86 -14.66 -27.58
C ARG A 15 -11.24 -14.38 -28.20
N LYS A 16 -11.43 -14.75 -29.47
CA LYS A 16 -12.71 -14.59 -30.19
C LYS A 16 -13.70 -15.70 -29.77
N LEU A 17 -14.66 -15.34 -28.91
CA LEU A 17 -15.77 -16.19 -28.45
C LEU A 17 -16.84 -16.41 -29.55
N ASP A 18 -17.85 -17.22 -29.24
CA ASP A 18 -19.01 -17.51 -30.10
C ASP A 18 -20.33 -17.16 -29.38
N ILE A 19 -20.82 -15.94 -29.60
CA ILE A 19 -22.04 -15.34 -29.03
C ILE A 19 -22.80 -14.62 -30.15
N ASP A 20 -24.12 -14.80 -30.20
CA ASP A 20 -25.00 -14.00 -31.07
C ASP A 20 -25.43 -12.72 -30.34
N PHE A 21 -24.80 -11.61 -30.73
CA PHE A 21 -25.14 -10.24 -30.35
C PHE A 21 -26.26 -9.66 -31.23
N GLY A 22 -26.24 -10.02 -32.51
CA GLY A 22 -27.04 -9.47 -33.62
C GLY A 22 -26.13 -9.05 -34.77
N ALA A 23 -26.64 -8.95 -36.00
CA ALA A 23 -25.85 -8.76 -37.24
C ALA A 23 -24.68 -7.75 -37.15
N GLU A 24 -24.97 -6.50 -36.76
CA GLU A 24 -23.96 -5.44 -36.58
C GLU A 24 -22.96 -5.78 -35.47
N GLY A 25 -23.46 -6.19 -34.30
CA GLY A 25 -22.65 -6.56 -33.13
C GLY A 25 -21.74 -7.78 -33.35
N ASN A 26 -22.22 -8.79 -34.07
CA ASN A 26 -21.48 -9.99 -34.47
C ASN A 26 -20.25 -9.58 -35.30
N ARG A 27 -20.45 -8.76 -36.35
CA ARG A 27 -19.39 -8.19 -37.17
C ARG A 27 -18.41 -7.34 -36.36
N TYR A 28 -18.92 -6.47 -35.48
CA TYR A 28 -18.12 -5.62 -34.60
C TYR A 28 -17.20 -6.42 -33.69
N TYR A 29 -17.76 -7.38 -32.93
CA TYR A 29 -17.01 -8.30 -32.07
C TYR A 29 -15.95 -9.09 -32.84
N ALA A 30 -16.32 -9.75 -33.94
CA ALA A 30 -15.40 -10.54 -34.78
C ALA A 30 -14.14 -9.75 -35.21
N ALA A 31 -14.28 -8.44 -35.47
CA ALA A 31 -13.19 -7.53 -35.80
C ALA A 31 -12.45 -6.91 -34.58
N ASN A 32 -13.11 -6.73 -33.43
CA ASN A 32 -12.59 -5.96 -32.28
C ASN A 32 -12.51 -6.70 -30.92
N TYR A 33 -12.66 -8.03 -30.88
CA TYR A 33 -12.65 -8.87 -29.66
C TYR A 33 -11.45 -8.64 -28.72
N TRP A 34 -10.30 -8.21 -29.24
CA TRP A 34 -9.10 -7.81 -28.47
C TRP A 34 -9.39 -6.78 -27.35
N GLN A 35 -10.34 -5.85 -27.55
CA GLN A 35 -10.75 -4.86 -26.55
C GLN A 35 -11.48 -5.48 -25.34
N PHE A 36 -12.36 -6.45 -25.62
CA PHE A 36 -13.32 -7.08 -24.72
C PHE A 36 -12.69 -8.05 -23.71
N PRO A 37 -13.37 -8.34 -22.58
CA PRO A 37 -12.99 -9.40 -21.66
C PRO A 37 -13.27 -10.79 -22.28
N ASP A 38 -12.68 -11.84 -21.71
CA ASP A 38 -12.97 -13.24 -22.01
C ASP A 38 -13.61 -13.93 -20.79
N GLY A 39 -13.13 -13.58 -19.58
CA GLY A 39 -13.71 -13.94 -18.29
C GLY A 39 -13.89 -12.70 -17.40
N ILE A 40 -14.54 -12.86 -16.25
CA ILE A 40 -14.73 -11.83 -15.22
C ILE A 40 -14.48 -12.46 -13.85
N TYR A 41 -13.58 -11.87 -13.08
CA TYR A 41 -13.38 -12.21 -11.67
C TYR A 41 -14.55 -11.65 -10.84
N TYR A 42 -15.33 -12.52 -10.20
CA TYR A 42 -16.38 -12.13 -9.27
C TYR A 42 -16.66 -13.26 -8.26
N GLU A 43 -16.26 -13.01 -7.02
CA GLU A 43 -16.42 -13.89 -5.85
C GLU A 43 -17.83 -13.77 -5.23
N GLY A 44 -18.85 -14.09 -6.04
CA GLY A 44 -20.27 -14.04 -5.67
C GLY A 44 -20.70 -15.14 -4.69
N CYS A 45 -20.23 -16.37 -4.92
CA CYS A 45 -20.53 -17.56 -4.12
C CYS A 45 -20.03 -17.43 -2.66
N SER A 46 -20.92 -17.69 -1.70
CA SER A 46 -20.63 -17.76 -0.26
C SER A 46 -21.39 -18.91 0.42
N GLU A 47 -22.72 -18.92 0.34
CA GLU A 47 -23.63 -19.93 0.91
C GLU A 47 -24.89 -20.14 0.04
N ALA A 48 -25.57 -21.29 0.22
CA ALA A 48 -26.73 -21.73 -0.57
C ALA A 48 -27.91 -20.74 -0.66
N ASN A 49 -28.04 -19.82 0.30
CA ASN A 49 -29.01 -18.71 0.25
C ASN A 49 -28.79 -17.75 -0.94
N VAL A 50 -27.55 -17.59 -1.43
CA VAL A 50 -27.23 -16.89 -2.68
C VAL A 50 -27.79 -17.67 -3.88
N THR A 51 -28.77 -17.12 -4.59
CA THR A 51 -29.36 -17.73 -5.79
C THR A 51 -28.54 -17.38 -7.05
N LYS A 52 -28.83 -18.04 -8.17
CA LYS A 52 -28.28 -17.63 -9.48
C LYS A 52 -28.71 -16.23 -9.88
N GLU A 53 -29.99 -15.89 -9.70
CA GLU A 53 -30.53 -14.53 -9.93
C GLU A 53 -29.73 -13.47 -9.15
N MET A 54 -29.50 -13.69 -7.85
CA MET A 54 -28.62 -12.88 -7.01
C MET A 54 -27.21 -12.76 -7.62
N LEU A 55 -26.53 -13.88 -7.86
CA LEU A 55 -25.16 -13.94 -8.40
C LEU A 55 -25.02 -13.18 -9.72
N VAL A 56 -25.77 -13.56 -10.77
CA VAL A 56 -25.68 -12.98 -12.12
C VAL A 56 -25.93 -11.45 -12.10
N THR A 57 -26.97 -10.99 -11.40
CA THR A 57 -27.29 -9.56 -11.25
C THR A 57 -26.19 -8.81 -10.50
N SER A 58 -25.76 -9.29 -9.33
CA SER A 58 -24.68 -8.69 -8.54
C SER A 58 -23.33 -8.69 -9.29
N CYS A 59 -23.04 -9.70 -10.11
CA CYS A 59 -21.90 -9.75 -11.04
C CYS A 59 -21.92 -8.59 -12.05
N VAL A 60 -23.04 -8.34 -12.74
CA VAL A 60 -23.22 -7.17 -13.64
C VAL A 60 -22.97 -5.84 -12.90
N ASN A 61 -23.51 -5.70 -11.68
CA ASN A 61 -23.27 -4.53 -10.81
C ASN A 61 -21.80 -4.39 -10.38
N ALA A 62 -21.14 -5.47 -9.96
CA ALA A 62 -19.72 -5.51 -9.60
C ALA A 62 -18.84 -5.11 -10.79
N THR A 63 -19.12 -5.67 -11.98
CA THR A 63 -18.41 -5.38 -13.24
C THR A 63 -18.45 -3.87 -13.56
N GLN A 64 -19.62 -3.22 -13.48
CA GLN A 64 -19.76 -1.77 -13.58
C GLN A 64 -18.81 -1.03 -12.62
N ALA A 65 -18.96 -1.26 -11.32
CA ALA A 65 -18.17 -0.64 -10.25
C ALA A 65 -16.64 -0.81 -10.42
N ALA A 66 -16.20 -2.01 -10.77
CA ALA A 66 -14.78 -2.36 -10.98
C ALA A 66 -14.15 -1.68 -12.22
N ASN A 67 -14.90 -1.47 -13.31
CA ASN A 67 -14.37 -1.03 -14.61
C ASN A 67 -15.05 0.26 -15.14
N GLN A 68 -15.34 1.21 -14.24
CA GLN A 68 -16.05 2.46 -14.54
C GLN A 68 -15.40 3.26 -15.68
N ALA A 69 -14.08 3.45 -15.64
CA ALA A 69 -13.29 4.17 -16.65
C ALA A 69 -13.51 3.63 -18.07
N GLU A 70 -13.43 2.30 -18.26
CA GLU A 70 -13.65 1.60 -19.53
C GLU A 70 -15.01 1.96 -20.14
N PHE A 71 -16.10 1.76 -19.39
CA PHE A 71 -17.47 2.11 -19.80
C PHE A 71 -17.61 3.62 -20.08
N SER A 72 -17.22 4.47 -19.12
CA SER A 72 -17.31 5.94 -19.17
C SER A 72 -16.72 6.52 -20.45
N ARG A 73 -15.44 6.23 -20.74
CA ARG A 73 -14.72 6.72 -21.93
C ARG A 73 -15.37 6.28 -23.24
N GLU A 74 -15.67 4.98 -23.38
CA GLU A 74 -16.29 4.39 -24.58
C GLU A 74 -17.69 4.96 -24.86
N LYS A 75 -18.63 4.82 -23.91
CA LYS A 75 -20.07 5.11 -24.02
C LYS A 75 -20.44 6.44 -24.70
N GLN A 76 -19.62 7.48 -24.54
CA GLN A 76 -19.82 8.81 -25.16
C GLN A 76 -19.99 8.73 -26.69
N ASP A 77 -19.17 7.91 -27.36
CA ASP A 77 -19.08 7.82 -28.83
C ASP A 77 -19.23 6.38 -29.35
N SER A 78 -18.67 5.39 -28.64
CA SER A 78 -18.64 3.95 -28.94
C SER A 78 -20.00 3.28 -28.66
N LYS A 79 -21.04 3.75 -29.38
CA LYS A 79 -22.46 3.43 -29.15
C LYS A 79 -22.77 1.93 -29.27
N LEU A 80 -22.39 1.31 -30.39
CA LEU A 80 -22.50 -0.13 -30.64
C LEU A 80 -21.73 -0.96 -29.60
N HIS A 81 -20.48 -0.58 -29.29
CA HIS A 81 -19.59 -1.30 -28.36
C HIS A 81 -20.31 -1.66 -27.06
N GLN A 82 -20.98 -0.70 -26.41
CA GLN A 82 -21.76 -0.93 -25.18
C GLN A 82 -22.73 -2.12 -25.30
N ARG A 83 -23.60 -2.14 -26.32
CA ARG A 83 -24.59 -3.21 -26.54
C ARG A 83 -23.94 -4.59 -26.59
N VAL A 84 -22.92 -4.74 -27.44
CA VAL A 84 -22.10 -5.95 -27.61
C VAL A 84 -21.43 -6.35 -26.29
N LEU A 85 -20.70 -5.42 -25.66
CA LEU A 85 -19.97 -5.59 -24.41
C LEU A 85 -20.89 -6.04 -23.25
N TRP A 86 -22.04 -5.41 -23.05
CA TRP A 86 -23.03 -5.80 -22.04
C TRP A 86 -23.64 -7.18 -22.27
N ARG A 87 -24.00 -7.53 -23.51
CA ARG A 87 -24.41 -8.89 -23.89
C ARG A 87 -23.35 -9.92 -23.51
N LEU A 88 -22.09 -9.70 -23.88
CA LEU A 88 -20.94 -10.51 -23.45
C LEU A 88 -20.81 -10.61 -21.93
N ILE A 89 -20.74 -9.49 -21.20
CA ILE A 89 -20.67 -9.45 -19.73
C ILE A 89 -21.78 -10.30 -19.09
N LYS A 90 -23.03 -10.13 -19.53
CA LYS A 90 -24.17 -10.95 -19.07
C LYS A 90 -23.99 -12.44 -19.35
N GLU A 91 -23.59 -12.84 -20.56
CA GLU A 91 -23.25 -14.23 -20.87
C GLU A 91 -22.14 -14.79 -19.95
N ILE A 92 -21.06 -14.03 -19.71
CA ILE A 92 -20.01 -14.39 -18.73
C ILE A 92 -20.61 -14.56 -17.32
N CYS A 93 -21.31 -13.56 -16.79
CA CYS A 93 -21.97 -13.61 -15.48
C CYS A 93 -22.92 -14.83 -15.37
N SER A 94 -23.74 -15.08 -16.39
CA SER A 94 -24.65 -16.24 -16.49
C SER A 94 -23.95 -17.61 -16.43
N ALA A 95 -22.67 -17.70 -16.80
CA ALA A 95 -21.88 -18.94 -16.75
C ALA A 95 -21.49 -19.38 -15.32
N LYS A 96 -21.47 -18.46 -14.33
CA LYS A 96 -21.10 -18.73 -12.93
C LYS A 96 -22.04 -19.78 -12.29
N HIS A 97 -21.45 -20.77 -11.62
CA HIS A 97 -22.15 -21.83 -10.87
C HIS A 97 -21.39 -22.18 -9.59
N CYS A 98 -22.01 -21.94 -8.43
CA CYS A 98 -21.44 -22.27 -7.13
C CYS A 98 -21.41 -23.79 -6.89
N ASP A 99 -20.43 -24.28 -6.12
CA ASP A 99 -20.29 -25.69 -5.75
C ASP A 99 -21.45 -26.18 -4.86
N PHE A 100 -21.86 -25.37 -3.90
CA PHE A 100 -22.90 -25.66 -2.90
C PHE A 100 -24.34 -25.71 -3.44
N TRP A 101 -24.63 -25.18 -4.63
CA TRP A 101 -25.97 -25.20 -5.23
C TRP A 101 -26.52 -26.63 -5.43
N LEU A 102 -27.80 -26.82 -5.10
CA LEU A 102 -28.50 -28.09 -5.04
C LEU A 102 -29.98 -27.96 -5.45
N GLU A 103 -30.67 -29.09 -5.60
CA GLU A 103 -32.10 -29.20 -5.90
C GLU A 103 -32.78 -30.25 -5.00
N ARG A 104 -34.06 -30.02 -4.68
CA ARG A 104 -34.89 -30.86 -3.78
C ARG A 104 -36.35 -30.93 -4.22
N GLY A 105 -37.15 -31.74 -3.54
CA GLY A 105 -38.60 -31.94 -3.75
C GLY A 105 -39.38 -32.02 -2.43
N ALA A 106 -40.59 -32.59 -2.48
CA ALA A 106 -41.48 -32.80 -1.33
C ALA A 106 -42.31 -34.09 -1.47
N ALA A 107 -42.81 -34.61 -0.34
CA ALA A 107 -43.64 -35.81 -0.21
C ALA A 107 -44.70 -35.67 0.90
N ARG A 1 -3.20 -9.60 -7.63
CA ARG A 1 -3.23 -8.57 -6.56
C ARG A 1 -1.87 -8.51 -5.85
N VAL A 2 -1.26 -7.33 -5.78
CA VAL A 2 0.07 -7.10 -5.16
C VAL A 2 -0.03 -7.24 -3.63
N ALA A 3 0.76 -8.16 -3.06
CA ALA A 3 0.87 -8.38 -1.61
C ALA A 3 1.67 -7.26 -0.90
N GLU A 4 1.47 -7.12 0.41
CA GLU A 4 2.29 -6.24 1.27
C GLU A 4 3.73 -6.78 1.38
N ASN A 5 4.73 -5.96 1.04
CA ASN A 5 6.15 -6.31 1.12
C ASN A 5 6.67 -6.24 2.58
N ARG A 6 6.10 -7.08 3.46
CA ARG A 6 6.57 -7.31 4.84
C ARG A 6 7.71 -8.35 4.89
N PRO A 7 8.57 -8.35 5.93
CA PRO A 7 9.57 -9.40 6.16
C PRO A 7 8.96 -10.82 6.05
N GLY A 8 9.49 -11.63 5.14
CA GLY A 8 8.99 -12.95 4.75
C GLY A 8 8.39 -13.01 3.34
N ALA A 9 8.07 -11.88 2.70
CA ALA A 9 7.41 -11.85 1.40
C ALA A 9 8.25 -12.53 0.29
N PHE A 10 7.63 -13.42 -0.49
CA PHE A 10 8.27 -14.04 -1.66
C PHE A 10 8.67 -13.01 -2.74
N ILE A 11 9.74 -13.33 -3.49
CA ILE A 11 10.17 -12.63 -4.70
C ILE A 11 10.12 -13.66 -5.83
N LYS A 12 9.01 -13.65 -6.58
CA LYS A 12 8.71 -14.59 -7.66
C LYS A 12 9.18 -14.03 -9.00
N GLN A 13 10.42 -14.36 -9.38
CA GLN A 13 11.00 -14.05 -10.70
C GLN A 13 10.49 -15.02 -11.79
N GLY A 14 10.00 -16.21 -11.39
CA GLY A 14 9.55 -17.26 -12.28
C GLY A 14 10.70 -17.82 -13.11
N ARG A 15 11.75 -18.26 -12.41
CA ARG A 15 13.08 -18.64 -12.93
C ARG A 15 13.51 -19.98 -12.32
N LYS A 16 13.94 -20.93 -13.16
CA LYS A 16 14.36 -22.27 -12.74
C LYS A 16 15.76 -22.24 -12.08
N LEU A 17 15.80 -22.49 -10.78
CA LEU A 17 17.02 -22.71 -9.98
C LEU A 17 17.66 -24.09 -10.24
N ASP A 18 18.80 -24.35 -9.60
CA ASP A 18 19.50 -25.64 -9.60
C ASP A 18 19.72 -26.13 -8.15
N ILE A 19 18.77 -26.94 -7.67
CA ILE A 19 18.71 -27.53 -6.32
C ILE A 19 18.37 -29.02 -6.48
N ASP A 20 19.15 -29.91 -5.85
CA ASP A 20 18.85 -31.34 -5.80
C ASP A 20 17.92 -31.66 -4.61
N PHE A 21 16.61 -31.51 -4.83
CA PHE A 21 15.53 -31.90 -3.94
C PHE A 21 15.50 -33.43 -3.72
N GLY A 22 15.72 -34.17 -4.81
CA GLY A 22 15.56 -35.63 -4.96
C GLY A 22 14.76 -35.92 -6.23
N ALA A 23 14.91 -37.10 -6.84
CA ALA A 23 14.39 -37.45 -8.17
C ALA A 23 12.96 -36.93 -8.47
N GLU A 24 11.98 -37.32 -7.65
CA GLU A 24 10.57 -36.89 -7.79
C GLU A 24 10.38 -35.37 -7.63
N GLY A 25 11.03 -34.78 -6.63
CA GLY A 25 11.00 -33.33 -6.35
C GLY A 25 11.67 -32.47 -7.44
N ASN A 26 12.80 -32.92 -7.98
CA ASN A 26 13.51 -32.33 -9.11
C ASN A 26 12.60 -32.23 -10.33
N ARG A 27 11.91 -33.34 -10.66
CA ARG A 27 10.93 -33.43 -11.76
C ARG A 27 9.76 -32.48 -11.53
N TYR A 28 9.21 -32.45 -10.31
CA TYR A 28 8.11 -31.56 -9.91
C TYR A 28 8.50 -30.08 -10.10
N TYR A 29 9.62 -29.66 -9.52
CA TYR A 29 10.17 -28.31 -9.66
C TYR A 29 10.38 -27.91 -11.12
N ALA A 30 11.12 -28.71 -11.91
CA ALA A 30 11.34 -28.48 -13.34
C ALA A 30 10.06 -28.22 -14.15
N ALA A 31 8.96 -28.90 -13.81
CA ALA A 31 7.64 -28.72 -14.42
C ALA A 31 6.80 -27.55 -13.85
N ASN A 32 7.07 -27.07 -12.63
CA ASN A 32 6.20 -26.12 -11.90
C ASN A 32 6.89 -24.88 -11.27
N TYR A 33 8.17 -24.61 -11.54
CA TYR A 33 8.97 -23.52 -10.93
C TYR A 33 8.34 -22.12 -11.00
N TRP A 34 7.47 -21.85 -11.98
CA TRP A 34 6.66 -20.64 -12.10
C TRP A 34 5.84 -20.30 -10.84
N GLN A 35 5.34 -21.30 -10.10
CA GLN A 35 4.61 -21.12 -8.83
C GLN A 35 5.50 -20.64 -7.67
N PHE A 36 6.74 -21.15 -7.61
CA PHE A 36 7.70 -21.02 -6.51
C PHE A 36 8.37 -19.64 -6.42
N PRO A 37 8.89 -19.25 -5.24
CA PRO A 37 9.74 -18.08 -5.07
C PRO A 37 11.15 -18.34 -5.64
N ASP A 38 11.80 -17.29 -6.12
CA ASP A 38 13.21 -17.30 -6.56
C ASP A 38 14.12 -16.61 -5.52
N GLY A 39 13.60 -15.59 -4.86
CA GLY A 39 14.18 -14.92 -3.69
C GLY A 39 13.13 -14.74 -2.57
N ILE A 40 13.55 -14.28 -1.39
CA ILE A 40 12.68 -13.94 -0.26
C ILE A 40 13.16 -12.62 0.35
N TYR A 41 12.25 -11.64 0.43
CA TYR A 41 12.46 -10.38 1.13
C TYR A 41 12.44 -10.61 2.64
N TYR A 42 13.62 -10.71 3.26
CA TYR A 42 13.78 -10.88 4.71
C TYR A 42 15.16 -10.42 5.20
N GLU A 43 15.19 -9.76 6.35
CA GLU A 43 16.38 -9.22 7.03
C GLU A 43 16.37 -9.71 8.48
N GLY A 44 16.97 -10.87 8.71
CA GLY A 44 16.89 -11.65 9.96
C GLY A 44 17.97 -11.40 11.00
N CYS A 45 18.42 -10.15 11.17
CA CYS A 45 19.30 -9.74 12.26
C CYS A 45 19.01 -8.32 12.75
N SER A 46 18.94 -8.17 14.08
CA SER A 46 18.69 -6.90 14.80
C SER A 46 19.56 -6.72 16.07
N GLU A 47 20.35 -7.74 16.45
CA GLU A 47 21.17 -7.80 17.66
C GLU A 47 22.52 -8.47 17.37
N ALA A 48 23.61 -7.94 17.93
CA ALA A 48 24.96 -8.50 17.82
C ALA A 48 25.06 -9.97 18.28
N ASN A 49 24.22 -10.36 19.26
CA ASN A 49 24.12 -11.71 19.82
C ASN A 49 23.55 -12.77 18.85
N VAL A 50 22.79 -12.36 17.82
CA VAL A 50 22.09 -13.29 16.90
C VAL A 50 23.05 -14.22 16.14
N THR A 51 22.59 -15.42 15.81
CA THR A 51 23.38 -16.48 15.13
C THR A 51 22.80 -16.84 13.76
N LYS A 52 23.53 -17.62 12.96
CA LYS A 52 23.03 -18.23 11.72
C LYS A 52 21.81 -19.12 11.98
N GLU A 53 21.91 -20.03 12.95
CA GLU A 53 20.80 -20.91 13.37
C GLU A 53 19.52 -20.10 13.67
N MET A 54 19.62 -19.02 14.45
CA MET A 54 18.54 -18.05 14.68
C MET A 54 18.04 -17.44 13.37
N LEU A 55 18.91 -16.82 12.57
CA LEU A 55 18.56 -16.14 11.31
C LEU A 55 17.78 -17.05 10.33
N VAL A 56 18.31 -18.24 10.02
CA VAL A 56 17.70 -19.22 9.10
C VAL A 56 16.34 -19.70 9.61
N THR A 57 16.23 -20.07 10.88
CA THR A 57 14.96 -20.47 11.53
C THR A 57 13.94 -19.33 11.50
N SER A 58 14.34 -18.12 11.89
CA SER A 58 13.51 -16.91 11.88
C SER A 58 13.02 -16.56 10.46
N CYS A 59 13.85 -16.74 9.43
CA CYS A 59 13.49 -16.60 8.02
C CYS A 59 12.35 -17.54 7.60
N VAL A 60 12.44 -18.83 7.92
CA VAL A 60 11.34 -19.80 7.72
C VAL A 60 10.05 -19.33 8.42
N ASN A 61 10.13 -18.96 9.70
CA ASN A 61 9.01 -18.42 10.48
C ASN A 61 8.40 -17.14 9.87
N ALA A 62 9.22 -16.17 9.44
CA ALA A 62 8.78 -14.96 8.76
C ALA A 62 8.07 -15.28 7.43
N THR A 63 8.68 -16.14 6.61
CA THR A 63 8.11 -16.64 5.35
C THR A 63 6.72 -17.26 5.56
N GLN A 64 6.59 -18.18 6.54
CA GLN A 64 5.32 -18.75 6.98
C GLN A 64 4.27 -17.67 7.27
N ALA A 65 4.56 -16.75 8.21
CA ALA A 65 3.69 -15.66 8.63
C ALA A 65 3.27 -14.72 7.48
N ALA A 66 4.21 -14.37 6.59
CA ALA A 66 3.98 -13.51 5.43
C ALA A 66 3.06 -14.12 4.37
N ASN A 67 3.17 -15.42 4.08
CA ASN A 67 2.50 -16.08 2.95
C ASN A 67 1.53 -17.21 3.40
N GLN A 68 0.81 -16.97 4.50
CA GLN A 68 -0.13 -17.89 5.16
C GLN A 68 -1.11 -18.57 4.19
N ALA A 69 -1.87 -17.78 3.42
CA ALA A 69 -2.92 -18.25 2.51
C ALA A 69 -2.41 -19.26 1.46
N GLU A 70 -1.26 -18.98 0.84
CA GLU A 70 -0.61 -19.87 -0.15
C GLU A 70 -0.28 -21.25 0.45
N PHE A 71 0.40 -21.28 1.61
CA PHE A 71 0.68 -22.52 2.33
C PHE A 71 -0.61 -23.24 2.76
N SER A 72 -1.45 -22.60 3.57
CA SER A 72 -2.62 -23.17 4.23
C SER A 72 -3.54 -23.97 3.29
N ARG A 73 -3.94 -23.36 2.16
CA ARG A 73 -4.81 -23.97 1.13
C ARG A 73 -4.21 -25.24 0.54
N GLU A 74 -2.98 -25.17 0.01
CA GLU A 74 -2.29 -26.30 -0.62
C GLU A 74 -1.92 -27.43 0.35
N LYS A 75 -1.33 -27.10 1.52
CA LYS A 75 -0.78 -28.01 2.54
C LYS A 75 -1.69 -29.18 2.93
N GLN A 76 -3.01 -29.00 2.85
CA GLN A 76 -4.03 -30.04 3.08
C GLN A 76 -3.83 -31.30 2.22
N ASP A 77 -3.31 -31.14 0.98
CA ASP A 77 -3.23 -32.20 -0.04
C ASP A 77 -1.89 -32.22 -0.82
N SER A 78 -1.32 -31.06 -1.11
CA SER A 78 -0.17 -30.82 -2.01
C SER A 78 1.19 -31.20 -1.38
N LYS A 79 1.33 -32.43 -0.90
CA LYS A 79 2.49 -32.97 -0.14
C LYS A 79 3.82 -32.79 -0.90
N LEU A 80 3.88 -33.23 -2.16
CA LEU A 80 5.04 -33.07 -3.03
C LEU A 80 5.44 -31.59 -3.18
N HIS A 81 4.49 -30.69 -3.47
CA HIS A 81 4.75 -29.24 -3.52
C HIS A 81 5.35 -28.74 -2.20
N GLN A 82 4.70 -29.00 -1.06
CA GLN A 82 5.19 -28.62 0.27
C GLN A 82 6.66 -29.02 0.49
N ARG A 83 7.01 -30.31 0.33
CA ARG A 83 8.37 -30.85 0.48
C ARG A 83 9.41 -30.03 -0.31
N VAL A 84 9.21 -29.92 -1.62
CA VAL A 84 10.07 -29.18 -2.56
C VAL A 84 10.14 -27.69 -2.20
N LEU A 85 9.00 -27.03 -1.99
CA LEU A 85 8.87 -25.62 -1.60
C LEU A 85 9.63 -25.29 -0.31
N TRP A 86 9.43 -26.06 0.76
CA TRP A 86 10.15 -25.89 2.03
C TRP A 86 11.66 -26.06 1.90
N ARG A 87 12.14 -27.05 1.13
CA ARG A 87 13.56 -27.17 0.76
C ARG A 87 14.07 -25.90 0.07
N LEU A 88 13.37 -25.42 -0.96
CA LEU A 88 13.69 -24.17 -1.67
C LEU A 88 13.79 -22.97 -0.73
N ILE A 89 12.75 -22.72 0.08
CA ILE A 89 12.72 -21.69 1.14
C ILE A 89 13.96 -21.81 2.05
N LYS A 90 14.24 -23.01 2.58
CA LYS A 90 15.42 -23.29 3.41
C LYS A 90 16.75 -22.97 2.70
N GLU A 91 16.95 -23.38 1.45
CA GLU A 91 18.11 -22.99 0.64
C GLU A 91 18.29 -21.45 0.60
N ILE A 92 17.23 -20.69 0.27
CA ILE A 92 17.23 -19.22 0.29
C ILE A 92 17.58 -18.68 1.69
N CYS A 93 16.87 -19.12 2.73
CA CYS A 93 17.08 -18.71 4.12
C CYS A 93 18.53 -18.99 4.60
N SER A 94 19.08 -20.16 4.29
CA SER A 94 20.48 -20.53 4.54
C SER A 94 21.48 -19.63 3.80
N ALA A 95 21.21 -19.31 2.54
CA ALA A 95 22.05 -18.48 1.68
C ALA A 95 22.23 -17.04 2.18
N LYS A 96 21.13 -16.33 2.51
CA LYS A 96 21.19 -14.98 3.09
C LYS A 96 21.93 -14.96 4.44
N HIS A 97 22.71 -13.90 4.69
CA HIS A 97 23.59 -13.70 5.87
C HIS A 97 23.46 -12.27 6.39
N CYS A 98 23.69 -12.04 7.69
CA CYS A 98 23.67 -10.70 8.28
C CYS A 98 24.87 -9.84 7.81
N ASP A 99 24.64 -8.53 7.65
CA ASP A 99 25.67 -7.54 7.32
C ASP A 99 26.72 -7.35 8.45
N PHE A 100 26.26 -7.24 9.70
CA PHE A 100 27.09 -6.85 10.85
C PHE A 100 27.67 -8.01 11.69
N TRP A 101 27.54 -9.28 11.25
CA TRP A 101 28.12 -10.44 11.95
C TRP A 101 29.64 -10.31 12.18
N LEU A 102 30.08 -10.80 13.34
CA LEU A 102 31.42 -10.64 13.92
C LEU A 102 31.86 -11.88 14.72
N GLU A 103 33.12 -11.92 15.16
CA GLU A 103 33.67 -12.97 16.02
C GLU A 103 32.94 -13.04 17.37
N ARG A 104 32.52 -14.25 17.77
CA ARG A 104 31.63 -14.52 18.93
C ARG A 104 32.19 -14.03 20.27
N GLY A 105 33.50 -14.17 20.48
CA GLY A 105 34.21 -13.75 21.69
C GLY A 105 35.65 -13.32 21.39
N ALA A 106 35.80 -12.17 20.72
CA ALA A 106 37.09 -11.56 20.40
C ALA A 106 37.86 -11.13 21.68
N ALA A 107 39.19 -11.34 21.68
CA ALA A 107 40.12 -11.00 22.78
C ALA A 107 41.50 -10.56 22.23
N ARG A 1 -2.22 -6.49 6.72
CA ARG A 1 -2.65 -5.73 5.51
C ARG A 1 -2.55 -4.23 5.77
N VAL A 2 -2.18 -3.45 4.74
CA VAL A 2 -2.24 -1.98 4.75
C VAL A 2 -3.70 -1.53 4.90
N ALA A 3 -3.96 -0.52 5.75
CA ALA A 3 -5.30 0.06 5.92
C ALA A 3 -5.76 0.83 4.67
N GLU A 4 -7.01 0.62 4.24
CA GLU A 4 -7.64 1.46 3.21
C GLU A 4 -7.86 2.87 3.76
N ASN A 5 -7.46 3.91 3.03
CA ASN A 5 -7.60 5.32 3.45
C ASN A 5 -9.07 5.78 3.44
N ARG A 6 -9.79 5.42 4.51
CA ARG A 6 -11.16 5.80 4.88
C ARG A 6 -11.23 6.14 6.38
N PRO A 7 -12.25 6.89 6.87
CA PRO A 7 -12.45 7.15 8.29
C PRO A 7 -12.32 5.87 9.14
N GLY A 8 -11.39 5.87 10.09
CA GLY A 8 -10.96 4.73 10.90
C GLY A 8 -9.53 4.27 10.64
N ALA A 9 -8.92 4.59 9.48
CA ALA A 9 -7.65 4.05 9.05
C ALA A 9 -6.48 4.30 10.03
N PHE A 10 -5.71 3.24 10.33
CA PHE A 10 -4.45 3.30 11.08
C PHE A 10 -3.42 4.24 10.43
N ILE A 11 -2.65 4.97 11.25
CA ILE A 11 -1.47 5.75 10.84
C ILE A 11 -0.29 5.28 11.68
N LYS A 12 0.75 4.78 11.00
CA LYS A 12 1.98 4.21 11.58
C LYS A 12 3.19 5.00 11.12
N GLN A 13 3.46 6.10 11.81
CA GLN A 13 4.65 6.94 11.71
C GLN A 13 5.86 6.28 12.41
N GLY A 14 5.62 5.67 13.57
CA GLY A 14 6.61 5.00 14.43
C GLY A 14 6.96 5.87 15.64
N ARG A 15 6.00 6.05 16.54
CA ARG A 15 6.00 7.00 17.67
C ARG A 15 5.48 6.33 18.95
N LYS A 16 6.31 6.30 19.98
CA LYS A 16 6.03 5.73 21.32
C LYS A 16 5.26 6.73 22.18
N LEU A 17 4.26 6.26 22.94
CA LEU A 17 3.28 7.07 23.67
C LEU A 17 3.26 6.77 25.18
N ASP A 18 3.13 7.81 26.00
CA ASP A 18 2.94 7.76 27.44
C ASP A 18 1.46 7.45 27.81
N ILE A 19 1.16 6.15 27.98
CA ILE A 19 -0.16 5.60 28.35
C ILE A 19 0.04 4.55 29.44
N ASP A 20 -0.70 4.67 30.55
CA ASP A 20 -0.77 3.66 31.62
C ASP A 20 -1.93 2.69 31.38
N PHE A 21 -1.67 1.64 30.60
CA PHE A 21 -2.54 0.50 30.33
C PHE A 21 -2.80 -0.34 31.60
N GLY A 22 -1.75 -0.54 32.39
CA GLY A 22 -1.64 -1.47 33.53
C GLY A 22 -0.35 -2.29 33.41
N ALA A 23 0.16 -2.85 34.51
CA ALA A 23 1.49 -3.48 34.59
C ALA A 23 1.90 -4.34 33.38
N GLU A 24 1.12 -5.36 33.05
CA GLU A 24 1.43 -6.28 31.93
C GLU A 24 1.28 -5.61 30.55
N GLY A 25 0.25 -4.77 30.36
CA GLY A 25 0.03 -4.00 29.14
C GLY A 25 1.10 -2.93 28.87
N ASN A 26 1.58 -2.26 29.92
CA ASN A 26 2.70 -1.32 29.90
C ASN A 26 3.96 -2.01 29.37
N ARG A 27 4.31 -3.18 29.93
CA ARG A 27 5.44 -4.02 29.48
C ARG A 27 5.28 -4.37 28.00
N TYR A 28 4.11 -4.86 27.61
CA TYR A 28 3.78 -5.25 26.25
C TYR A 28 3.96 -4.10 25.25
N TYR A 29 3.29 -2.96 25.48
CA TYR A 29 3.41 -1.76 24.65
C TYR A 29 4.87 -1.26 24.57
N ALA A 30 5.56 -1.11 25.70
CA ALA A 30 6.95 -0.65 25.75
C ALA A 30 7.91 -1.47 24.84
N ALA A 31 7.66 -2.78 24.71
CA ALA A 31 8.40 -3.69 23.83
C ALA A 31 7.86 -3.78 22.37
N ASN A 32 6.56 -3.54 22.14
CA ASN A 32 5.88 -3.81 20.86
C ASN A 32 5.17 -2.61 20.19
N TYR A 33 5.38 -1.37 20.67
CA TYR A 33 4.73 -0.14 20.19
C TYR A 33 4.76 0.06 18.66
N TRP A 34 5.82 -0.40 17.99
CA TRP A 34 5.99 -0.45 16.52
C TRP A 34 4.82 -1.10 15.77
N GLN A 35 4.11 -2.06 16.36
CA GLN A 35 2.91 -2.71 15.78
C GLN A 35 1.67 -1.81 15.77
N PHE A 36 1.54 -0.93 16.76
CA PHE A 36 0.32 -0.14 17.03
C PHE A 36 0.17 1.06 16.08
N PRO A 37 -1.08 1.50 15.81
CA PRO A 37 -1.35 2.76 15.11
C PRO A 37 -1.07 3.94 16.05
N ASP A 38 0.05 4.65 15.87
CA ASP A 38 0.36 5.81 16.74
C ASP A 38 -0.58 7.01 16.47
N GLY A 39 -1.15 7.09 15.25
CA GLY A 39 -2.23 7.99 14.87
C GLY A 39 -3.41 7.21 14.26
N ILE A 40 -4.59 7.83 14.18
CA ILE A 40 -5.78 7.27 13.51
C ILE A 40 -6.44 8.38 12.69
N TYR A 41 -6.62 8.15 11.39
CA TYR A 41 -7.38 9.03 10.51
C TYR A 41 -8.88 8.90 10.81
N TYR A 42 -9.47 9.91 11.46
CA TYR A 42 -10.92 10.01 11.66
C TYR A 42 -11.34 11.48 11.84
N GLU A 43 -12.43 11.88 11.17
CA GLU A 43 -12.96 13.25 11.13
C GLU A 43 -14.47 13.25 11.34
N GLY A 44 -14.88 13.21 12.62
CA GLY A 44 -16.28 13.14 13.05
C GLY A 44 -17.01 14.49 13.07
N CYS A 45 -16.28 15.58 13.29
CA CYS A 45 -16.78 16.96 13.42
C CYS A 45 -17.61 17.41 12.19
N SER A 46 -18.88 17.75 12.42
CA SER A 46 -19.84 18.22 11.42
C SER A 46 -20.80 19.28 12.00
N GLU A 47 -21.58 18.92 13.02
CA GLU A 47 -22.56 19.78 13.70
C GLU A 47 -22.63 19.53 15.21
N ALA A 48 -23.14 20.52 15.97
CA ALA A 48 -23.20 20.54 17.44
C ALA A 48 -23.85 19.31 18.09
N ASN A 49 -24.80 18.65 17.42
CA ASN A 49 -25.42 17.39 17.85
C ASN A 49 -24.40 16.24 18.03
N VAL A 50 -23.30 16.24 17.29
CA VAL A 50 -22.14 15.35 17.50
C VAL A 50 -21.36 15.83 18.73
N THR A 51 -21.64 15.27 19.90
CA THR A 51 -20.89 15.47 21.15
C THR A 51 -19.55 14.70 21.15
N LYS A 52 -18.73 14.85 22.20
CA LYS A 52 -17.54 14.01 22.39
C LYS A 52 -17.93 12.54 22.50
N GLU A 53 -18.89 12.20 23.36
CA GLU A 53 -19.43 10.85 23.53
C GLU A 53 -19.82 10.21 22.19
N MET A 54 -20.58 10.93 21.37
CA MET A 54 -20.90 10.57 19.97
C MET A 54 -19.64 10.33 19.14
N LEU A 55 -18.74 11.32 19.04
CA LEU A 55 -17.56 11.28 18.18
C LEU A 55 -16.60 10.14 18.54
N VAL A 56 -16.18 10.04 19.79
CA VAL A 56 -15.23 9.04 20.31
C VAL A 56 -15.75 7.62 20.07
N THR A 57 -17.02 7.35 20.37
CA THR A 57 -17.70 6.07 20.07
C THR A 57 -17.70 5.78 18.57
N SER A 58 -18.10 6.75 17.75
CA SER A 58 -18.09 6.65 16.28
C SER A 58 -16.69 6.38 15.72
N CYS A 59 -15.65 7.00 16.28
CA CYS A 59 -14.24 6.76 15.97
C CYS A 59 -13.81 5.31 16.22
N VAL A 60 -14.13 4.72 17.38
CA VAL A 60 -13.92 3.29 17.66
C VAL A 60 -14.62 2.41 16.61
N ASN A 61 -15.91 2.66 16.35
CA ASN A 61 -16.70 1.98 15.32
C ASN A 61 -16.08 2.09 13.91
N ALA A 62 -15.64 3.28 13.51
CA ALA A 62 -14.94 3.53 12.25
C ALA A 62 -13.62 2.74 12.19
N THR A 63 -12.82 2.78 13.26
CA THR A 63 -11.56 2.02 13.42
C THR A 63 -11.77 0.52 13.22
N GLN A 64 -12.79 -0.08 13.87
CA GLN A 64 -13.22 -1.46 13.64
C GLN A 64 -13.45 -1.73 12.14
N ALA A 65 -14.36 -1.00 11.51
CA ALA A 65 -14.75 -1.14 10.11
C ALA A 65 -13.57 -0.99 9.11
N ALA A 66 -12.70 0.00 9.33
CA ALA A 66 -11.53 0.28 8.50
C ALA A 66 -10.42 -0.80 8.57
N ASN A 67 -10.20 -1.42 9.74
CA ASN A 67 -9.05 -2.29 10.01
C ASN A 67 -9.47 -3.71 10.48
N GLN A 68 -10.54 -4.24 9.91
CA GLN A 68 -11.18 -5.53 10.25
C GLN A 68 -10.18 -6.71 10.27
N ALA A 69 -9.40 -6.86 9.19
CA ALA A 69 -8.42 -7.93 9.00
C ALA A 69 -7.42 -8.04 10.17
N GLU A 70 -6.85 -6.92 10.61
CA GLU A 70 -5.86 -6.85 11.70
C GLU A 70 -6.41 -7.45 13.00
N PHE A 71 -7.55 -6.93 13.48
CA PHE A 71 -8.27 -7.45 14.64
C PHE A 71 -8.64 -8.93 14.49
N SER A 72 -9.21 -9.32 13.35
CA SER A 72 -9.64 -10.69 13.03
C SER A 72 -8.51 -11.72 13.14
N ARG A 73 -7.32 -11.42 12.58
CA ARG A 73 -6.11 -12.25 12.68
C ARG A 73 -5.58 -12.32 14.12
N GLU A 74 -5.32 -11.16 14.73
CA GLU A 74 -4.68 -11.05 16.05
C GLU A 74 -5.46 -11.78 17.17
N LYS A 75 -6.75 -11.46 17.37
CA LYS A 75 -7.58 -11.89 18.50
C LYS A 75 -7.59 -13.39 18.84
N GLN A 76 -7.33 -14.25 17.86
CA GLN A 76 -7.25 -15.71 17.99
C GLN A 76 -6.18 -16.16 19.01
N ASP A 77 -5.07 -15.42 19.11
CA ASP A 77 -3.91 -15.73 19.96
C ASP A 77 -3.39 -14.51 20.74
N SER A 78 -3.35 -13.34 20.10
CA SER A 78 -2.83 -12.05 20.59
C SER A 78 -3.79 -11.35 21.57
N LYS A 79 -4.21 -12.07 22.62
CA LYS A 79 -5.20 -11.66 23.62
C LYS A 79 -4.78 -10.38 24.37
N LEU A 80 -3.57 -10.37 24.93
CA LEU A 80 -2.98 -9.16 25.55
C LEU A 80 -2.91 -7.99 24.55
N HIS A 81 -2.44 -8.23 23.30
CA HIS A 81 -2.38 -7.20 22.26
C HIS A 81 -3.73 -6.50 22.08
N GLN A 82 -4.81 -7.24 21.85
CA GLN A 82 -6.17 -6.67 21.69
C GLN A 82 -6.54 -5.71 22.81
N ARG A 83 -6.42 -6.12 24.09
CA ARG A 83 -6.73 -5.26 25.26
C ARG A 83 -5.97 -3.93 25.24
N VAL A 84 -4.64 -4.01 25.12
CA VAL A 84 -3.73 -2.84 25.02
C VAL A 84 -4.08 -1.98 23.80
N LEU A 85 -4.22 -2.59 22.63
CA LEU A 85 -4.59 -1.97 21.35
C LEU A 85 -5.92 -1.20 21.41
N TRP A 86 -6.97 -1.75 21.99
CA TRP A 86 -8.25 -1.06 22.20
C TRP A 86 -8.15 0.16 23.13
N ARG A 87 -7.42 0.04 24.25
CA ARG A 87 -7.08 1.20 25.11
C ARG A 87 -6.34 2.28 24.32
N LEU A 88 -5.28 1.93 23.60
CA LEU A 88 -4.53 2.80 22.69
C LEU A 88 -5.46 3.51 21.67
N ILE A 89 -6.31 2.77 20.95
CA ILE A 89 -7.33 3.31 20.04
C ILE A 89 -8.24 4.32 20.77
N LYS A 90 -8.79 3.97 21.94
CA LYS A 90 -9.63 4.85 22.77
C LYS A 90 -8.91 6.15 23.16
N GLU A 91 -7.69 6.09 23.67
CA GLU A 91 -6.85 7.27 23.97
C GLU A 91 -6.74 8.22 22.75
N ILE A 92 -6.41 7.67 21.58
CA ILE A 92 -6.37 8.42 20.31
C ILE A 92 -7.75 9.00 19.95
N CYS A 93 -8.81 8.20 19.94
CA CYS A 93 -10.18 8.65 19.66
C CYS A 93 -10.63 9.79 20.61
N SER A 94 -10.40 9.66 21.92
CA SER A 94 -10.64 10.70 22.94
C SER A 94 -10.00 12.06 22.59
N ALA A 95 -8.80 12.06 22.00
CA ALA A 95 -8.06 13.27 21.60
C ALA A 95 -8.72 14.09 20.47
N LYS A 96 -9.59 13.49 19.63
CA LYS A 96 -10.38 14.20 18.60
C LYS A 96 -11.32 15.21 19.27
N HIS A 97 -11.24 16.49 18.91
CA HIS A 97 -12.09 17.58 19.41
C HIS A 97 -12.60 18.47 18.26
N CYS A 98 -13.76 19.12 18.48
CA CYS A 98 -14.41 20.01 17.50
C CYS A 98 -14.52 21.44 18.02
N ASP A 99 -14.21 22.43 17.17
CA ASP A 99 -14.24 23.87 17.48
C ASP A 99 -15.63 24.35 17.94
N PHE A 100 -16.70 23.81 17.32
CA PHE A 100 -18.10 24.16 17.61
C PHE A 100 -18.63 23.70 18.98
N TRP A 101 -17.92 22.81 19.71
CA TRP A 101 -18.35 22.30 21.02
C TRP A 101 -18.53 23.40 22.09
N LEU A 102 -19.57 23.23 22.90
CA LEU A 102 -20.12 24.19 23.86
C LEU A 102 -20.70 23.49 25.12
N GLU A 103 -21.17 24.28 26.09
CA GLU A 103 -21.78 23.77 27.34
C GLU A 103 -23.10 23.00 27.11
N ARG A 104 -23.52 22.22 28.12
CA ARG A 104 -24.76 21.41 28.10
C ARG A 104 -26.04 22.25 27.95
N GLY A 105 -27.09 21.64 27.40
CA GLY A 105 -28.42 22.21 27.30
C GLY A 105 -29.16 22.19 28.64
N ALA A 106 -29.81 23.31 29.01
CA ALA A 106 -30.56 23.48 30.25
C ALA A 106 -31.74 24.47 30.09
N ALA A 107 -32.70 24.41 31.03
CA ALA A 107 -33.93 25.24 31.09
C ALA A 107 -34.29 25.62 32.54
N ARG A 1 -3.84 -0.12 -10.75
CA ARG A 1 -5.09 -0.87 -10.43
C ARG A 1 -4.87 -1.89 -9.31
N VAL A 2 -5.95 -2.44 -8.75
CA VAL A 2 -5.91 -3.59 -7.82
C VAL A 2 -5.53 -4.86 -8.59
N ALA A 3 -4.31 -5.36 -8.39
CA ALA A 3 -3.78 -6.56 -9.05
C ALA A 3 -4.60 -7.83 -8.75
N GLU A 4 -5.16 -7.93 -7.53
CA GLU A 4 -6.07 -9.01 -7.11
C GLU A 4 -7.39 -9.07 -7.92
N ASN A 5 -7.71 -8.01 -8.68
CA ASN A 5 -8.82 -7.92 -9.61
C ASN A 5 -8.35 -7.40 -10.98
N ARG A 6 -7.42 -8.16 -11.58
CA ARG A 6 -6.94 -8.02 -12.97
C ARG A 6 -7.86 -8.76 -13.97
N PRO A 7 -7.94 -8.34 -15.25
CA PRO A 7 -8.69 -9.04 -16.29
C PRO A 7 -8.31 -10.53 -16.36
N GLY A 8 -9.31 -11.41 -16.17
CA GLY A 8 -9.17 -12.87 -16.07
C GLY A 8 -9.56 -13.43 -14.69
N ALA A 9 -9.58 -12.62 -13.63
CA ALA A 9 -9.75 -13.09 -12.24
C ALA A 9 -11.04 -13.92 -12.03
N PHE A 10 -10.89 -15.09 -11.38
CA PHE A 10 -11.99 -15.97 -10.95
C PHE A 10 -13.00 -15.27 -10.01
N ILE A 11 -14.28 -15.63 -10.11
CA ILE A 11 -15.34 -15.24 -9.17
C ILE A 11 -16.02 -16.54 -8.69
N LYS A 12 -15.77 -16.89 -7.43
CA LYS A 12 -16.29 -18.09 -6.74
C LYS A 12 -17.35 -17.69 -5.71
N GLN A 13 -18.58 -17.54 -6.17
CA GLN A 13 -19.78 -17.37 -5.35
C GLN A 13 -20.21 -18.72 -4.75
N GLY A 14 -20.04 -19.80 -5.51
CA GLY A 14 -20.45 -21.18 -5.18
C GLY A 14 -21.80 -21.57 -5.83
N ARG A 15 -22.22 -20.79 -6.83
CA ARG A 15 -23.44 -20.96 -7.63
C ARG A 15 -23.33 -22.20 -8.54
N LYS A 16 -24.15 -23.21 -8.29
CA LYS A 16 -24.22 -24.47 -9.06
C LYS A 16 -24.92 -24.25 -10.40
N LEU A 17 -24.16 -24.23 -11.49
CA LEU A 17 -24.62 -24.03 -12.86
C LEU A 17 -25.23 -25.32 -13.47
N ASP A 18 -25.69 -25.24 -14.72
CA ASP A 18 -26.18 -26.36 -15.53
C ASP A 18 -25.55 -26.33 -16.93
N ILE A 19 -24.57 -27.21 -17.15
CA ILE A 19 -23.73 -27.32 -18.36
C ILE A 19 -23.60 -28.82 -18.69
N ASP A 20 -23.87 -29.21 -19.94
CA ASP A 20 -23.63 -30.57 -20.42
C ASP A 20 -22.20 -30.72 -20.95
N PHE A 21 -21.27 -30.98 -20.03
CA PHE A 21 -19.88 -31.37 -20.27
C PHE A 21 -19.78 -32.72 -21.01
N GLY A 22 -20.59 -33.67 -20.57
CA GLY A 22 -20.60 -35.10 -20.92
C GLY A 22 -20.71 -35.96 -19.65
N ALA A 23 -21.15 -37.21 -19.75
CA ALA A 23 -21.51 -38.08 -18.62
C ALA A 23 -20.56 -38.04 -17.39
N GLU A 24 -19.26 -38.25 -17.60
CA GLU A 24 -18.22 -38.21 -16.56
C GLU A 24 -18.02 -36.79 -16.00
N GLY A 25 -17.91 -35.78 -16.86
CA GLY A 25 -17.72 -34.37 -16.50
C GLY A 25 -18.90 -33.76 -15.75
N ASN A 26 -20.12 -34.09 -16.17
CA ASN A 26 -21.39 -33.75 -15.52
C ASN A 26 -21.39 -34.21 -14.06
N ARG A 27 -21.04 -35.50 -13.83
CA ARG A 27 -20.92 -36.10 -12.50
C ARG A 27 -19.85 -35.39 -11.65
N TYR A 28 -18.68 -35.13 -12.23
CA TYR A 28 -17.60 -34.39 -11.58
C TYR A 28 -18.04 -32.99 -11.13
N TYR A 29 -18.57 -32.16 -12.03
CA TYR A 29 -19.10 -30.83 -11.71
C TYR A 29 -20.19 -30.88 -10.63
N ALA A 30 -21.22 -31.73 -10.79
CA ALA A 30 -22.30 -31.90 -9.82
C ALA A 30 -21.82 -32.16 -8.37
N ALA A 31 -20.69 -32.84 -8.21
CA ALA A 31 -20.04 -33.11 -6.92
C ALA A 31 -19.02 -32.03 -6.47
N ASN A 32 -18.38 -31.31 -7.38
CA ASN A 32 -17.23 -30.42 -7.10
C ASN A 32 -17.39 -28.93 -7.51
N TYR A 33 -18.58 -28.50 -7.95
CA TYR A 33 -18.93 -27.15 -8.42
C TYR A 33 -18.38 -25.99 -7.56
N TRP A 34 -18.36 -26.15 -6.24
CA TRP A 34 -17.80 -25.22 -5.25
C TRP A 34 -16.35 -24.77 -5.55
N GLN A 35 -15.52 -25.63 -6.16
CA GLN A 35 -14.14 -25.31 -6.57
C GLN A 35 -14.06 -24.34 -7.77
N PHE A 36 -15.03 -24.40 -8.68
CA PHE A 36 -15.01 -23.71 -9.99
C PHE A 36 -15.33 -22.21 -9.89
N PRO A 37 -14.78 -21.38 -10.80
CA PRO A 37 -15.17 -19.98 -10.97
C PRO A 37 -16.53 -19.91 -11.68
N ASP A 38 -17.63 -19.77 -10.93
CA ASP A 38 -18.97 -19.65 -11.53
C ASP A 38 -19.14 -18.35 -12.35
N GLY A 39 -18.36 -17.31 -12.01
CA GLY A 39 -18.21 -16.08 -12.78
C GLY A 39 -16.73 -15.81 -13.08
N ILE A 40 -16.45 -14.96 -14.07
CA ILE A 40 -15.10 -14.51 -14.43
C ILE A 40 -15.11 -13.00 -14.66
N TYR A 41 -14.27 -12.27 -13.95
CA TYR A 41 -14.00 -10.86 -14.18
C TYR A 41 -13.08 -10.69 -15.39
N TYR A 42 -13.52 -9.98 -16.43
CA TYR A 42 -12.70 -9.71 -17.62
C TYR A 42 -13.10 -8.38 -18.30
N GLU A 43 -12.13 -7.75 -18.98
CA GLU A 43 -12.26 -6.48 -19.68
C GLU A 43 -11.70 -6.60 -21.11
N GLY A 44 -12.62 -6.84 -22.06
CA GLY A 44 -12.33 -7.11 -23.48
C GLY A 44 -12.81 -6.02 -24.42
N CYS A 45 -14.14 -5.93 -24.58
CA CYS A 45 -14.82 -4.96 -25.45
C CYS A 45 -14.52 -3.49 -25.12
N SER A 46 -14.29 -2.70 -26.18
CA SER A 46 -13.98 -1.26 -26.14
C SER A 46 -14.59 -0.53 -27.36
N GLU A 47 -14.34 -1.05 -28.56
CA GLU A 47 -14.82 -0.55 -29.86
C GLU A 47 -15.25 -1.68 -30.80
N ALA A 48 -16.04 -1.35 -31.82
CA ALA A 48 -16.67 -2.27 -32.78
C ALA A 48 -15.72 -3.27 -33.47
N ASN A 49 -14.44 -2.91 -33.62
CA ASN A 49 -13.39 -3.79 -34.16
C ASN A 49 -13.17 -5.07 -33.31
N VAL A 50 -13.38 -5.01 -31.99
CA VAL A 50 -13.35 -6.19 -31.10
C VAL A 50 -14.57 -7.07 -31.37
N THR A 51 -14.37 -8.24 -31.99
CA THR A 51 -15.43 -9.21 -32.31
C THR A 51 -15.74 -10.16 -31.13
N LYS A 52 -16.78 -10.99 -31.26
CA LYS A 52 -17.05 -12.08 -30.32
C LYS A 52 -15.90 -13.09 -30.31
N GLU A 53 -15.47 -13.56 -31.49
CA GLU A 53 -14.31 -14.44 -31.67
C GLU A 53 -13.06 -13.94 -30.93
N MET A 54 -12.73 -12.65 -31.09
CA MET A 54 -11.70 -11.96 -30.31
C MET A 54 -11.96 -12.06 -28.81
N LEU A 55 -13.12 -11.59 -28.31
CA LEU A 55 -13.48 -11.61 -26.89
C LEU A 55 -13.35 -12.99 -26.25
N VAL A 56 -14.00 -14.02 -26.80
CA VAL A 56 -14.04 -15.38 -26.22
C VAL A 56 -12.64 -15.96 -26.07
N THR A 57 -11.83 -15.91 -27.14
CA THR A 57 -10.43 -16.35 -27.15
C THR A 57 -9.57 -15.55 -26.15
N SER A 58 -9.65 -14.22 -26.18
CA SER A 58 -8.91 -13.32 -25.28
C SER A 58 -9.28 -13.52 -23.81
N CYS A 59 -10.56 -13.77 -23.50
CA CYS A 59 -11.07 -14.12 -22.18
C CYS A 59 -10.42 -15.40 -21.61
N VAL A 60 -10.36 -16.49 -22.39
CA VAL A 60 -9.61 -17.71 -22.03
C VAL A 60 -8.14 -17.39 -21.72
N ASN A 61 -7.46 -16.68 -22.62
CA ASN A 61 -6.06 -16.23 -22.45
C ASN A 61 -5.85 -15.38 -21.19
N ALA A 62 -6.74 -14.41 -20.93
CA ALA A 62 -6.71 -13.57 -19.73
C ALA A 62 -6.90 -14.41 -18.46
N THR A 63 -7.88 -15.30 -18.45
CA THR A 63 -8.15 -16.26 -17.37
C THR A 63 -6.90 -17.08 -17.03
N GLN A 64 -6.25 -17.70 -18.02
CA GLN A 64 -4.97 -18.41 -17.88
C GLN A 64 -3.91 -17.55 -17.16
N ALA A 65 -3.59 -16.37 -17.73
CA ALA A 65 -2.62 -15.43 -17.18
C ALA A 65 -2.92 -14.98 -15.74
N ALA A 66 -4.19 -14.69 -15.43
CA ALA A 66 -4.63 -14.20 -14.13
C ALA A 66 -4.61 -15.25 -13.00
N ASN A 67 -4.87 -16.53 -13.29
CA ASN A 67 -5.08 -17.59 -12.28
C ASN A 67 -4.09 -18.76 -12.43
N GLN A 68 -2.83 -18.46 -12.73
CA GLN A 68 -1.74 -19.43 -12.98
C GLN A 68 -1.57 -20.43 -11.81
N ALA A 69 -1.58 -19.95 -10.57
CA ALA A 69 -1.43 -20.74 -9.34
C ALA A 69 -2.45 -21.89 -9.24
N GLU A 70 -3.72 -21.62 -9.56
CA GLU A 70 -4.82 -22.59 -9.60
C GLU A 70 -4.61 -23.65 -10.69
N PHE A 71 -4.38 -23.22 -11.94
CA PHE A 71 -4.12 -24.12 -13.07
C PHE A 71 -2.86 -24.98 -12.90
N SER A 72 -1.83 -24.48 -12.20
CA SER A 72 -0.61 -25.25 -11.88
C SER A 72 -0.90 -26.47 -11.00
N ARG A 73 -1.56 -26.27 -9.84
CA ARG A 73 -1.87 -27.34 -8.88
C ARG A 73 -2.94 -28.32 -9.37
N GLU A 74 -4.08 -27.81 -9.84
CA GLU A 74 -5.23 -28.59 -10.35
C GLU A 74 -5.02 -29.04 -11.81
N LYS A 75 -3.87 -29.68 -12.10
CA LYS A 75 -3.51 -30.26 -13.40
C LYS A 75 -2.74 -31.58 -13.28
N GLN A 76 -1.65 -31.59 -12.51
CA GLN A 76 -0.65 -32.67 -12.41
C GLN A 76 -1.25 -34.09 -12.33
N ASP A 77 -2.27 -34.29 -11.49
CA ASP A 77 -3.09 -35.50 -11.43
C ASP A 77 -4.58 -35.15 -11.33
N SER A 78 -5.03 -34.26 -12.24
CA SER A 78 -6.36 -33.61 -12.21
C SER A 78 -6.94 -33.40 -13.61
N LYS A 79 -6.73 -34.35 -14.52
CA LYS A 79 -7.12 -34.28 -15.95
C LYS A 79 -8.64 -34.09 -16.13
N LEU A 80 -9.45 -34.85 -15.40
CA LEU A 80 -10.91 -34.67 -15.33
C LEU A 80 -11.29 -33.24 -14.89
N HIS A 81 -10.66 -32.70 -13.83
CA HIS A 81 -10.87 -31.31 -13.43
C HIS A 81 -10.56 -30.34 -14.58
N GLN A 82 -9.35 -30.40 -15.17
CA GLN A 82 -8.96 -29.58 -16.34
C GLN A 82 -10.01 -29.60 -17.46
N ARG A 83 -10.40 -30.78 -17.96
CA ARG A 83 -11.42 -30.98 -19.01
C ARG A 83 -12.71 -30.20 -18.74
N VAL A 84 -13.33 -30.43 -17.58
CA VAL A 84 -14.57 -29.77 -17.11
C VAL A 84 -14.34 -28.27 -16.92
N LEU A 85 -13.29 -27.88 -16.20
CA LEU A 85 -12.89 -26.49 -15.90
C LEU A 85 -12.73 -25.64 -17.17
N TRP A 86 -12.02 -26.14 -18.19
CA TRP A 86 -11.88 -25.46 -19.48
C TRP A 86 -13.20 -25.26 -20.21
N ARG A 87 -14.06 -26.28 -20.30
CA ARG A 87 -15.42 -26.13 -20.82
C ARG A 87 -16.20 -25.06 -20.06
N LEU A 88 -16.24 -25.11 -18.73
CA LEU A 88 -16.85 -24.12 -17.83
C LEU A 88 -16.34 -22.68 -18.13
N ILE A 89 -15.03 -22.46 -18.15
CA ILE A 89 -14.40 -21.17 -18.50
C ILE A 89 -14.87 -20.70 -19.89
N LYS A 90 -14.74 -21.55 -20.92
CA LYS A 90 -15.16 -21.26 -22.30
C LYS A 90 -16.65 -20.94 -22.39
N GLU A 91 -17.52 -21.69 -21.72
CA GLU A 91 -18.96 -21.44 -21.60
C GLU A 91 -19.23 -20.01 -21.07
N ILE A 92 -18.62 -19.62 -19.95
CA ILE A 92 -18.67 -18.26 -19.38
C ILE A 92 -18.18 -17.21 -20.39
N CYS A 93 -16.98 -17.38 -20.97
CA CYS A 93 -16.42 -16.49 -21.98
C CYS A 93 -17.34 -16.32 -23.21
N SER A 94 -17.94 -17.42 -23.70
CA SER A 94 -18.91 -17.46 -24.81
C SER A 94 -20.23 -16.76 -24.50
N ALA A 95 -20.75 -16.92 -23.28
CA ALA A 95 -22.04 -16.39 -22.84
C ALA A 95 -22.11 -14.85 -22.87
N LYS A 96 -21.15 -14.17 -22.23
CA LYS A 96 -21.08 -12.69 -22.14
C LYS A 96 -20.95 -12.03 -23.52
N HIS A 97 -21.75 -10.98 -23.76
CA HIS A 97 -21.92 -10.28 -25.04
C HIS A 97 -21.88 -8.74 -24.92
N CYS A 98 -21.49 -8.05 -25.99
CA CYS A 98 -21.28 -6.60 -26.03
C CYS A 98 -22.33 -5.89 -26.89
N ASP A 99 -22.95 -4.85 -26.33
CA ASP A 99 -24.09 -4.13 -26.92
C ASP A 99 -23.80 -3.46 -28.28
N PHE A 100 -22.56 -3.02 -28.53
CA PHE A 100 -22.15 -2.38 -29.78
C PHE A 100 -22.02 -3.34 -30.98
N TRP A 101 -21.97 -4.66 -30.77
CA TRP A 101 -21.83 -5.64 -31.86
C TRP A 101 -22.98 -5.57 -32.88
N LEU A 102 -22.62 -5.72 -34.15
CA LEU A 102 -23.45 -5.50 -35.34
C LEU A 102 -23.12 -6.48 -36.48
N GLU A 103 -23.98 -6.50 -37.50
CA GLU A 103 -23.88 -7.37 -38.69
C GLU A 103 -24.39 -6.65 -39.95
N ARG A 104 -23.91 -7.08 -41.13
CA ARG A 104 -24.25 -6.57 -42.48
C ARG A 104 -25.76 -6.59 -42.77
N GLY A 105 -26.46 -7.62 -42.30
CA GLY A 105 -27.91 -7.80 -42.43
C GLY A 105 -28.48 -8.74 -41.35
N ALA A 106 -29.61 -9.39 -41.65
CA ALA A 106 -30.31 -10.33 -40.76
C ALA A 106 -30.92 -11.51 -41.55
N ALA A 107 -31.23 -12.60 -40.84
CA ALA A 107 -31.81 -13.85 -41.35
C ALA A 107 -32.82 -14.47 -40.37
N ARG A 1 -8.29 7.03 0.48
CA ARG A 1 -6.89 7.53 0.56
C ARG A 1 -5.89 6.41 0.26
N VAL A 2 -4.68 6.77 -0.20
CA VAL A 2 -3.55 5.83 -0.38
C VAL A 2 -2.88 5.51 0.97
N ALA A 3 -2.63 4.23 1.24
CA ALA A 3 -2.00 3.75 2.48
C ALA A 3 -0.58 4.32 2.70
N GLU A 4 0.18 4.49 1.61
CA GLU A 4 1.56 5.01 1.60
C GLU A 4 1.71 6.42 2.20
N ASN A 5 0.63 7.19 2.25
CA ASN A 5 0.56 8.53 2.86
C ASN A 5 -0.73 8.71 3.68
N ARG A 6 -0.92 7.86 4.70
CA ARG A 6 -1.98 8.01 5.71
C ARG A 6 -1.68 9.16 6.71
N PRO A 7 -2.71 9.76 7.36
CA PRO A 7 -2.52 10.72 8.45
C PRO A 7 -1.58 10.20 9.54
N GLY A 8 -0.57 10.98 9.89
CA GLY A 8 0.53 10.64 10.80
C GLY A 8 1.87 10.39 10.10
N ALA A 9 1.91 10.23 8.77
CA ALA A 9 3.13 9.92 8.02
C ALA A 9 4.20 11.02 8.17
N PHE A 10 5.44 10.61 8.51
CA PHE A 10 6.60 11.50 8.57
C PHE A 10 6.93 12.14 7.21
N ILE A 11 7.49 13.35 7.22
CA ILE A 11 8.07 14.05 6.09
C ILE A 11 9.54 14.35 6.43
N LYS A 12 10.45 13.76 5.65
CA LYS A 12 11.91 13.82 5.83
C LYS A 12 12.57 14.45 4.60
N GLN A 13 12.50 15.78 4.56
CA GLN A 13 13.18 16.64 3.58
C GLN A 13 14.68 16.74 3.90
N GLY A 14 15.03 16.75 5.19
CA GLY A 14 16.41 16.87 5.69
C GLY A 14 16.73 18.32 6.05
N ARG A 15 16.01 18.84 7.05
CA ARG A 15 15.95 20.24 7.46
C ARG A 15 16.11 20.36 8.98
N LYS A 16 17.29 20.83 9.43
CA LYS A 16 17.57 21.07 10.86
C LYS A 16 16.70 22.20 11.40
N LEU A 17 16.06 21.95 12.54
CA LEU A 17 15.22 22.88 13.30
C LEU A 17 15.99 23.56 14.44
N ASP A 18 15.31 24.43 15.19
CA ASP A 18 15.81 25.11 16.40
C ASP A 18 14.80 24.96 17.55
N ILE A 19 15.00 23.93 18.38
CA ILE A 19 14.12 23.49 19.47
C ILE A 19 14.97 23.23 20.71
N ASP A 20 14.61 23.83 21.86
CA ASP A 20 15.24 23.52 23.15
C ASP A 20 14.55 22.31 23.81
N PHE A 21 14.99 21.12 23.43
CA PHE A 21 14.65 19.83 24.03
C PHE A 21 15.13 19.74 25.49
N GLY A 22 16.36 20.21 25.73
CA GLY A 22 17.15 20.08 26.95
C GLY A 22 18.60 19.72 26.59
N ALA A 23 19.60 20.10 27.40
CA ALA A 23 21.04 20.03 27.09
C ALA A 23 21.50 18.77 26.32
N GLU A 24 21.27 17.58 26.88
CA GLU A 24 21.65 16.29 26.28
C GLU A 24 20.90 15.99 24.97
N GLY A 25 19.59 16.25 24.93
CA GLY A 25 18.73 16.10 23.75
C GLY A 25 19.06 17.08 22.62
N ASN A 26 19.39 18.34 22.95
CA ASN A 26 19.87 19.37 22.03
C ASN A 26 21.12 18.88 21.28
N ARG A 27 22.11 18.37 22.04
CA ARG A 27 23.35 17.78 21.51
C ARG A 27 23.07 16.59 20.59
N TYR A 28 22.18 15.69 21.01
CA TYR A 28 21.74 14.53 20.22
C TYR A 28 21.12 14.96 18.89
N TYR A 29 20.11 15.84 18.92
CA TYR A 29 19.47 16.39 17.72
C TYR A 29 20.47 17.06 16.76
N ALA A 30 21.29 18.00 17.24
CA ALA A 30 22.32 18.67 16.46
C ALA A 30 23.24 17.71 15.67
N ALA A 31 23.59 16.57 16.25
CA ALA A 31 24.39 15.52 15.62
C ALA A 31 23.59 14.52 14.75
N ASN A 32 22.28 14.34 14.96
CA ASN A 32 21.47 13.27 14.35
C ASN A 32 20.17 13.69 13.64
N TYR A 33 19.93 14.99 13.40
CA TYR A 33 18.68 15.54 12.81
C TYR A 33 18.25 14.88 11.49
N TRP A 34 19.20 14.38 10.69
CA TRP A 34 18.96 13.59 9.46
C TRP A 34 17.98 12.42 9.65
N GLN A 35 17.97 11.76 10.81
CA GLN A 35 17.05 10.67 11.16
C GLN A 35 15.60 11.13 11.35
N PHE A 36 15.41 12.30 11.97
CA PHE A 36 14.13 12.83 12.45
C PHE A 36 13.18 13.33 11.36
N PRO A 37 11.85 13.34 11.62
CA PRO A 37 10.86 14.00 10.78
C PRO A 37 10.94 15.51 10.98
N ASP A 38 11.20 16.26 9.90
CA ASP A 38 11.15 17.74 9.94
C ASP A 38 9.74 18.29 9.66
N GLY A 39 8.89 17.51 8.98
CA GLY A 39 7.45 17.73 8.81
C GLY A 39 6.64 16.46 9.13
N ILE A 40 5.31 16.59 9.26
CA ILE A 40 4.37 15.48 9.45
C ILE A 40 3.10 15.76 8.63
N TYR A 41 2.72 14.81 7.77
CA TYR A 41 1.46 14.79 7.05
C TYR A 41 0.31 14.37 8.00
N TYR A 42 -0.66 15.26 8.24
CA TYR A 42 -1.83 14.98 9.09
C TYR A 42 -3.05 15.83 8.69
N GLU A 43 -4.25 15.33 8.97
CA GLU A 43 -5.54 15.96 8.66
C GLU A 43 -6.45 15.97 9.90
N GLY A 44 -6.48 17.12 10.58
CA GLY A 44 -7.19 17.34 11.86
C GLY A 44 -8.45 18.19 11.74
N CYS A 45 -8.34 19.35 11.08
CA CYS A 45 -9.40 20.36 10.95
C CYS A 45 -10.67 19.82 10.25
N SER A 46 -11.83 20.00 10.89
CA SER A 46 -13.17 19.66 10.37
C SER A 46 -14.22 20.73 10.70
N GLU A 47 -14.42 21.03 11.99
CA GLU A 47 -15.37 22.03 12.50
C GLU A 47 -14.85 22.75 13.76
N ALA A 48 -15.40 23.94 14.05
CA ALA A 48 -14.99 24.84 15.14
C ALA A 48 -15.02 24.22 16.55
N ASN A 49 -15.79 23.16 16.77
CA ASN A 49 -15.80 22.38 18.03
C ASN A 49 -14.46 21.66 18.30
N VAL A 50 -13.68 21.31 17.27
CA VAL A 50 -12.30 20.80 17.41
C VAL A 50 -11.42 21.88 18.03
N THR A 51 -10.89 21.64 19.23
CA THR A 51 -9.98 22.57 19.92
C THR A 51 -8.52 22.35 19.52
N LYS A 52 -7.61 23.23 19.95
CA LYS A 52 -6.16 23.01 19.81
C LYS A 52 -5.72 21.74 20.55
N GLU A 53 -6.11 21.60 21.81
CA GLU A 53 -5.85 20.41 22.64
C GLU A 53 -6.26 19.12 21.92
N MET A 54 -7.49 19.07 21.38
CA MET A 54 -7.97 17.99 20.51
C MET A 54 -7.03 17.73 19.33
N LEU A 55 -6.77 18.75 18.48
CA LEU A 55 -6.00 18.60 17.25
C LEU A 55 -4.57 18.11 17.49
N VAL A 56 -3.81 18.80 18.35
CA VAL A 56 -2.42 18.47 18.69
C VAL A 56 -2.30 17.03 19.23
N THR A 57 -3.16 16.65 20.19
CA THR A 57 -3.24 15.29 20.75
C THR A 57 -3.57 14.26 19.67
N SER A 58 -4.58 14.51 18.83
CA SER A 58 -4.98 13.64 17.72
C SER A 58 -3.85 13.45 16.69
N CYS A 59 -3.09 14.51 16.38
CA CYS A 59 -1.87 14.47 15.56
C CYS A 59 -0.80 13.53 16.14
N VAL A 60 -0.47 13.65 17.43
CA VAL A 60 0.42 12.71 18.15
C VAL A 60 -0.08 11.26 18.03
N ASN A 61 -1.37 11.02 18.29
CA ASN A 61 -2.01 9.71 18.15
C ASN A 61 -1.94 9.15 16.72
N ALA A 62 -2.20 9.97 15.69
CA ALA A 62 -2.04 9.60 14.29
C ALA A 62 -0.59 9.23 13.97
N THR A 63 0.37 10.05 14.42
CA THR A 63 1.82 9.82 14.26
C THR A 63 2.25 8.48 14.89
N GLN A 64 1.81 8.17 16.12
CA GLN A 64 1.96 6.86 16.76
C GLN A 64 1.48 5.72 15.85
N ALA A 65 0.19 5.73 15.49
CA ALA A 65 -0.46 4.72 14.65
C ALA A 65 0.22 4.51 13.28
N ALA A 66 0.62 5.60 12.62
CA ALA A 66 1.31 5.59 11.32
C ALA A 66 2.72 4.99 11.37
N ASN A 67 3.51 5.26 12.42
CA ASN A 67 4.95 4.94 12.49
C ASN A 67 5.31 4.00 13.66
N GLN A 68 4.44 3.04 13.96
CA GLN A 68 4.58 2.05 15.04
C GLN A 68 5.93 1.32 15.02
N ALA A 69 6.27 0.75 13.86
CA ALA A 69 7.53 0.04 13.61
C ALA A 69 8.77 0.87 13.97
N GLU A 70 8.82 2.14 13.57
CA GLU A 70 9.94 3.06 13.85
C GLU A 70 10.19 3.20 15.35
N PHE A 71 9.17 3.60 16.13
CA PHE A 71 9.22 3.71 17.59
C PHE A 71 9.66 2.40 18.26
N SER A 72 9.03 1.27 17.91
CA SER A 72 9.37 -0.07 18.41
C SER A 72 10.83 -0.47 18.16
N ARG A 73 11.31 -0.38 16.91
CA ARG A 73 12.69 -0.72 16.52
C ARG A 73 13.73 0.13 17.24
N GLU A 74 13.61 1.45 17.14
CA GLU A 74 14.53 2.43 17.74
C GLU A 74 14.70 2.24 19.26
N LYS A 75 13.64 2.50 20.04
CA LYS A 75 13.59 2.58 21.52
C LYS A 75 14.52 1.62 22.28
N GLN A 76 14.57 0.34 21.88
CA GLN A 76 15.42 -0.70 22.46
C GLN A 76 16.88 -0.24 22.67
N ASP A 77 17.50 0.34 21.64
CA ASP A 77 18.86 0.90 21.66
C ASP A 77 18.84 2.44 21.73
N SER A 78 18.09 3.08 20.83
CA SER A 78 17.84 4.51 20.73
C SER A 78 16.86 5.01 21.81
N LYS A 79 17.29 4.94 23.07
CA LYS A 79 16.56 5.38 24.27
C LYS A 79 16.35 6.90 24.31
N LEU A 80 17.45 7.67 24.31
CA LEU A 80 17.45 9.14 24.26
C LEU A 80 16.62 9.68 23.09
N HIS A 81 16.75 9.06 21.91
CA HIS A 81 16.03 9.43 20.68
C HIS A 81 14.54 9.66 20.94
N GLN A 82 13.87 8.75 21.65
CA GLN A 82 12.42 8.83 21.94
C GLN A 82 12.01 10.16 22.55
N ARG A 83 12.67 10.60 23.64
CA ARG A 83 12.39 11.87 24.34
C ARG A 83 12.44 13.08 23.40
N VAL A 84 13.55 13.21 22.67
CA VAL A 84 13.81 14.25 21.67
C VAL A 84 12.78 14.20 20.53
N LEU A 85 12.60 13.03 19.92
CA LEU A 85 11.67 12.73 18.84
C LEU A 85 10.22 13.09 19.18
N TRP A 86 9.70 12.63 20.33
CA TRP A 86 8.36 12.98 20.80
C TRP A 86 8.16 14.48 21.02
N ARG A 87 9.13 15.18 21.64
CA ARG A 87 9.10 16.64 21.71
C ARG A 87 9.02 17.29 20.32
N LEU A 88 9.85 16.86 19.36
CA LEU A 88 9.81 17.33 17.97
C LEU A 88 8.43 17.09 17.31
N ILE A 89 7.90 15.87 17.37
CA ILE A 89 6.55 15.51 16.90
C ILE A 89 5.50 16.45 17.51
N LYS A 90 5.48 16.62 18.84
CA LYS A 90 4.61 17.58 19.54
C LYS A 90 4.79 19.02 19.07
N GLU A 91 6.02 19.50 18.89
CA GLU A 91 6.33 20.82 18.33
C GLU A 91 5.69 21.03 16.94
N ILE A 92 5.84 20.06 16.02
CA ILE A 92 5.16 20.02 14.71
C ILE A 92 3.64 20.04 14.88
N CYS A 93 3.07 19.12 15.66
CA CYS A 93 1.63 19.04 15.93
C CYS A 93 1.06 20.37 16.50
N SER A 94 1.77 21.01 17.44
CA SER A 94 1.43 22.31 18.05
C SER A 94 1.31 23.46 17.04
N ALA A 95 2.13 23.45 15.99
CA ALA A 95 2.10 24.44 14.92
C ALA A 95 0.83 24.39 14.03
N LYS A 96 0.19 23.22 13.91
CA LYS A 96 -0.97 22.97 13.03
C LYS A 96 -2.20 23.80 13.44
N HIS A 97 -2.78 24.52 12.47
CA HIS A 97 -3.85 25.51 12.65
C HIS A 97 -5.02 25.35 11.66
N CYS A 98 -6.23 25.70 12.11
CA CYS A 98 -7.47 25.65 11.32
C CYS A 98 -7.97 27.07 10.98
N ASP A 99 -8.42 27.28 9.74
CA ASP A 99 -8.96 28.56 9.24
C ASP A 99 -10.20 29.04 10.03
N PHE A 100 -11.10 28.11 10.33
CA PHE A 100 -12.38 28.36 11.04
C PHE A 100 -12.23 28.72 12.54
N TRP A 101 -11.05 28.54 13.15
CA TRP A 101 -10.86 28.63 14.61
C TRP A 101 -11.19 30.00 15.24
N LEU A 102 -11.58 29.92 16.51
CA LEU A 102 -11.78 31.01 17.47
C LEU A 102 -10.90 30.74 18.71
N GLU A 103 -11.18 31.40 19.84
CA GLU A 103 -10.41 31.33 21.10
C GLU A 103 -10.07 29.89 21.59
N ARG A 104 -10.96 28.91 21.37
CA ARG A 104 -10.75 27.47 21.69
C ARG A 104 -9.63 26.78 20.89
N GLY A 105 -9.13 27.43 19.83
CA GLY A 105 -8.19 26.87 18.85
C GLY A 105 -7.02 27.80 18.51
N ALA A 106 -7.32 29.02 18.08
CA ALA A 106 -6.35 30.02 17.62
C ALA A 106 -5.44 30.54 18.77
N ALA A 107 -4.29 29.88 18.93
CA ALA A 107 -3.21 30.20 19.88
C ALA A 107 -1.82 29.75 19.34
N ARG A 1 1.19 8.72 -17.07
CA ARG A 1 1.95 8.07 -15.96
C ARG A 1 1.18 8.20 -14.64
N VAL A 2 1.22 7.17 -13.79
CA VAL A 2 0.66 7.19 -12.42
C VAL A 2 1.48 8.15 -11.55
N ALA A 3 0.79 9.06 -10.84
CA ALA A 3 1.38 10.04 -9.93
C ALA A 3 0.50 10.24 -8.69
N GLU A 4 0.81 9.51 -7.61
CA GLU A 4 0.04 9.49 -6.34
C GLU A 4 0.86 9.97 -5.12
N ASN A 5 2.14 10.31 -5.32
CA ASN A 5 3.05 10.89 -4.33
C ASN A 5 3.67 12.19 -4.91
N ARG A 6 2.79 13.14 -5.25
CA ARG A 6 3.09 14.47 -5.83
C ARG A 6 3.59 15.44 -4.76
N PRO A 7 4.39 16.48 -5.09
CA PRO A 7 4.69 17.56 -4.14
C PRO A 7 3.40 18.12 -3.53
N GLY A 8 3.28 18.06 -2.21
CA GLY A 8 2.08 18.33 -1.42
C GLY A 8 1.49 17.09 -0.73
N ALA A 9 1.86 15.87 -1.12
CA ALA A 9 1.24 14.64 -0.65
C ALA A 9 1.35 14.45 0.89
N PHE A 10 0.24 14.07 1.53
CA PHE A 10 0.17 13.68 2.93
C PHE A 10 1.07 12.49 3.27
N ILE A 11 1.65 12.49 4.47
CA ILE A 11 2.37 11.36 5.07
C ILE A 11 1.68 11.06 6.42
N LYS A 12 1.01 9.90 6.48
CA LYS A 12 0.30 9.39 7.66
C LYS A 12 1.11 8.26 8.30
N GLN A 13 2.06 8.63 9.16
CA GLN A 13 2.83 7.70 9.99
C GLN A 13 1.96 7.20 11.17
N GLY A 14 1.16 8.11 11.76
CA GLY A 14 0.27 7.85 12.88
C GLY A 14 0.88 8.36 14.18
N ARG A 15 1.05 9.68 14.28
CA ARG A 15 1.80 10.40 15.31
C ARG A 15 0.99 11.59 15.84
N LYS A 16 0.56 11.51 17.11
CA LYS A 16 -0.23 12.53 17.81
C LYS A 16 0.65 13.74 18.17
N LEU A 17 0.48 14.84 17.43
CA LEU A 17 1.21 16.09 17.62
C LEU A 17 0.67 16.92 18.81
N ASP A 18 1.31 18.06 19.09
CA ASP A 18 0.92 19.03 20.12
C ASP A 18 0.84 20.45 19.51
N ILE A 19 -0.39 20.89 19.19
CA ILE A 19 -0.72 22.13 18.48
C ILE A 19 -1.92 22.79 19.20
N ASP A 20 -1.82 24.08 19.52
CA ASP A 20 -2.94 24.86 20.06
C ASP A 20 -3.77 25.50 18.93
N PHE A 21 -4.69 24.72 18.37
CA PHE A 21 -5.73 25.12 17.43
C PHE A 21 -6.71 26.12 18.07
N GLY A 22 -7.13 25.80 19.30
CA GLY A 22 -8.20 26.43 20.09
C GLY A 22 -9.04 25.35 20.78
N ALA A 23 -9.74 25.66 21.87
CA ALA A 23 -10.41 24.71 22.76
C ALA A 23 -11.15 23.52 22.08
N GLU A 24 -12.05 23.81 21.13
CA GLU A 24 -12.80 22.80 20.39
C GLU A 24 -11.92 21.99 19.41
N GLY A 25 -11.09 22.68 18.62
CA GLY A 25 -10.14 22.07 17.67
C GLY A 25 -9.08 21.19 18.33
N ASN A 26 -8.58 21.60 19.50
CA ASN A 26 -7.66 20.85 20.36
C ASN A 26 -8.28 19.48 20.71
N ARG A 27 -9.52 19.51 21.24
CA ARG A 27 -10.30 18.31 21.58
C ARG A 27 -10.52 17.42 20.35
N TYR A 28 -10.94 18.02 19.23
CA TYR A 28 -11.18 17.32 17.97
C TYR A 28 -9.93 16.59 17.46
N TYR A 29 -8.80 17.28 17.33
CA TYR A 29 -7.51 16.67 16.96
C TYR A 29 -7.10 15.56 17.94
N ALA A 30 -7.09 15.83 19.25
CA ALA A 30 -6.73 14.85 20.28
C ALA A 30 -7.53 13.53 20.17
N ALA A 31 -8.82 13.60 19.82
CA ALA A 31 -9.70 12.46 19.59
C ALA A 31 -9.54 11.80 18.19
N ASN A 32 -9.19 12.56 17.14
CA ASN A 32 -9.23 12.10 15.73
C ASN A 32 -7.91 12.23 14.92
N TYR A 33 -6.76 12.41 15.57
CA TYR A 33 -5.44 12.63 14.95
C TYR A 33 -5.08 11.61 13.86
N TRP A 34 -5.53 10.35 13.98
CA TRP A 34 -5.37 9.26 13.01
C TRP A 34 -5.82 9.62 11.57
N GLN A 35 -6.85 10.47 11.42
CA GLN A 35 -7.32 10.98 10.12
C GLN A 35 -6.28 11.88 9.42
N PHE A 36 -5.69 12.80 10.18
CA PHE A 36 -4.81 13.87 9.73
C PHE A 36 -3.41 13.36 9.29
N PRO A 37 -2.72 14.08 8.40
CA PRO A 37 -1.31 13.82 8.11
C PRO A 37 -0.46 14.29 9.31
N ASP A 38 0.75 13.75 9.46
CA ASP A 38 1.75 14.23 10.44
C ASP A 38 3.03 14.73 9.75
N GLY A 39 3.31 14.22 8.55
CA GLY A 39 4.34 14.72 7.62
C GLY A 39 3.68 15.16 6.30
N ILE A 40 4.38 16.00 5.52
CA ILE A 40 3.97 16.39 4.16
C ILE A 40 5.19 16.32 3.26
N TYR A 41 5.09 15.53 2.19
CA TYR A 41 6.08 15.41 1.12
C TYR A 41 6.06 16.67 0.24
N TYR A 42 7.01 17.58 0.43
CA TYR A 42 7.14 18.81 -0.37
C TYR A 42 8.60 19.29 -0.40
N GLU A 43 9.08 19.73 -1.58
CA GLU A 43 10.48 20.11 -1.84
C GLU A 43 10.55 21.45 -2.58
N GLY A 44 10.10 22.51 -1.90
CA GLY A 44 10.04 23.88 -2.42
C GLY A 44 11.42 24.52 -2.64
N CYS A 45 12.27 24.48 -1.62
CA CYS A 45 13.58 25.12 -1.58
C CYS A 45 14.56 24.60 -2.66
N SER A 46 15.25 25.54 -3.31
CA SER A 46 16.26 25.33 -4.35
C SER A 46 17.35 26.41 -4.30
N GLU A 47 16.94 27.69 -4.28
CA GLU A 47 17.80 28.88 -4.20
C GLU A 47 17.21 29.97 -3.28
N ALA A 48 18.03 30.93 -2.85
CA ALA A 48 17.72 31.98 -1.88
C ALA A 48 16.43 32.79 -2.16
N ASN A 49 16.02 32.93 -3.44
CA ASN A 49 14.77 33.55 -3.84
C ASN A 49 13.51 32.84 -3.27
N VAL A 50 13.59 31.53 -3.01
CA VAL A 50 12.57 30.76 -2.28
C VAL A 50 12.73 31.03 -0.78
N THR A 51 12.02 32.03 -0.27
CA THR A 51 11.94 32.39 1.16
C THR A 51 11.01 31.46 1.94
N LYS A 52 10.87 31.69 3.27
CA LYS A 52 9.85 31.01 4.07
C LYS A 52 8.43 31.29 3.57
N GLU A 53 8.03 32.56 3.46
CA GLU A 53 6.71 32.94 2.95
C GLU A 53 6.38 32.31 1.59
N MET A 54 7.37 32.22 0.69
CA MET A 54 7.28 31.47 -0.56
C MET A 54 7.00 29.97 -0.30
N LEU A 55 7.88 29.29 0.47
CA LEU A 55 7.76 27.86 0.79
C LEU A 55 6.40 27.50 1.41
N VAL A 56 6.01 28.12 2.52
CA VAL A 56 4.80 27.78 3.28
C VAL A 56 3.55 27.93 2.41
N THR A 57 3.38 29.08 1.76
CA THR A 57 2.25 29.38 0.86
C THR A 57 2.18 28.41 -0.33
N SER A 58 3.30 28.25 -1.05
CA SER A 58 3.39 27.33 -2.19
C SER A 58 3.13 25.87 -1.79
N CYS A 59 3.65 25.41 -0.64
CA CYS A 59 3.32 24.13 -0.03
C CYS A 59 1.82 23.95 0.21
N VAL A 60 1.17 24.90 0.91
CA VAL A 60 -0.29 24.88 1.16
C VAL A 60 -1.10 24.79 -0.14
N ASN A 61 -0.68 25.49 -1.20
CA ASN A 61 -1.22 25.37 -2.56
C ASN A 61 -0.99 23.96 -3.18
N ALA A 62 0.25 23.44 -3.13
CA ALA A 62 0.62 22.13 -3.63
C ALA A 62 -0.15 21.00 -2.92
N THR A 63 -0.31 21.10 -1.60
CA THR A 63 -1.07 20.19 -0.73
C THR A 63 -2.52 20.03 -1.21
N GLN A 64 -3.22 21.14 -1.49
CA GLN A 64 -4.56 21.13 -2.09
C GLN A 64 -4.61 20.27 -3.37
N ALA A 65 -3.75 20.57 -4.34
CA ALA A 65 -3.63 19.88 -5.62
C ALA A 65 -3.33 18.38 -5.50
N ALA A 66 -2.42 17.98 -4.60
CA ALA A 66 -2.03 16.60 -4.37
C ALA A 66 -3.09 15.74 -3.67
N ASN A 67 -3.86 16.30 -2.71
CA ASN A 67 -4.78 15.54 -1.84
C ASN A 67 -6.25 15.97 -2.01
N GLN A 68 -6.66 16.24 -3.25
CA GLN A 68 -8.00 16.71 -3.64
C GLN A 68 -9.13 15.84 -3.07
N ALA A 69 -9.00 14.51 -3.18
CA ALA A 69 -9.94 13.53 -2.66
C ALA A 69 -10.23 13.71 -1.16
N GLU A 70 -9.19 13.78 -0.33
CA GLU A 70 -9.29 13.94 1.14
C GLU A 70 -10.08 15.20 1.52
N PHE A 71 -9.75 16.35 0.92
CA PHE A 71 -10.50 17.60 1.11
C PHE A 71 -11.96 17.46 0.65
N SER A 72 -12.21 16.95 -0.57
CA SER A 72 -13.54 16.74 -1.14
C SER A 72 -14.45 15.87 -0.25
N ARG A 73 -13.93 14.73 0.24
CA ARG A 73 -14.60 13.80 1.16
C ARG A 73 -15.15 14.51 2.40
N GLU A 74 -14.32 15.29 3.08
CA GLU A 74 -14.64 15.97 4.34
C GLU A 74 -15.43 17.27 4.14
N LYS A 75 -14.85 18.27 3.45
CA LYS A 75 -15.33 19.66 3.28
C LYS A 75 -16.82 19.80 2.93
N GLN A 76 -17.34 18.93 2.06
CA GLN A 76 -18.74 18.92 1.62
C GLN A 76 -19.77 18.71 2.75
N ASP A 77 -19.35 18.18 3.91
CA ASP A 77 -20.19 17.94 5.09
C ASP A 77 -19.59 18.52 6.38
N SER A 78 -18.30 18.27 6.63
CA SER A 78 -17.57 18.65 7.85
C SER A 78 -17.40 20.17 8.02
N LYS A 79 -17.75 20.69 9.20
CA LYS A 79 -17.54 22.09 9.62
C LYS A 79 -16.18 22.29 10.27
N LEU A 80 -15.93 21.61 11.40
CA LEU A 80 -14.73 21.77 12.24
C LEU A 80 -13.46 21.20 11.59
N HIS A 81 -13.52 19.99 11.00
CA HIS A 81 -12.32 19.27 10.53
C HIS A 81 -11.42 20.13 9.65
N GLN A 82 -11.98 20.79 8.62
CA GLN A 82 -11.23 21.69 7.72
C GLN A 82 -10.44 22.77 8.48
N ARG A 83 -11.05 23.47 9.43
CA ARG A 83 -10.41 24.52 10.26
C ARG A 83 -9.12 23.99 10.91
N VAL A 84 -9.24 22.88 11.63
CA VAL A 84 -8.16 22.16 12.33
C VAL A 84 -7.12 21.65 11.31
N LEU A 85 -7.55 20.94 10.27
CA LEU A 85 -6.73 20.34 9.21
C LEU A 85 -5.85 21.38 8.49
N TRP A 86 -6.41 22.53 8.09
CA TRP A 86 -5.65 23.62 7.47
C TRP A 86 -4.63 24.25 8.40
N ARG A 87 -4.98 24.49 9.67
CA ARG A 87 -4.00 24.90 10.70
C ARG A 87 -2.87 23.87 10.81
N LEU A 88 -3.18 22.59 10.97
CA LEU A 88 -2.24 21.47 11.01
C LEU A 88 -1.29 21.46 9.79
N ILE A 89 -1.82 21.50 8.55
CA ILE A 89 -1.04 21.57 7.30
C ILE A 89 -0.08 22.76 7.32
N LYS A 90 -0.57 23.96 7.62
CA LYS A 90 0.25 25.19 7.73
C LYS A 90 1.30 25.08 8.83
N GLU A 91 0.96 24.57 10.01
CA GLU A 91 1.88 24.31 11.12
C GLU A 91 3.07 23.43 10.69
N ILE A 92 2.81 22.29 10.02
CA ILE A 92 3.84 21.44 9.39
C ILE A 92 4.71 22.27 8.44
N CYS A 93 4.11 22.90 7.43
CA CYS A 93 4.90 23.58 6.39
C CYS A 93 5.64 24.84 6.88
N SER A 94 5.13 25.53 7.90
CA SER A 94 5.80 26.61 8.65
C SER A 94 7.00 26.11 9.47
N ALA A 95 6.86 24.95 10.13
CA ALA A 95 7.90 24.32 10.95
C ALA A 95 9.18 24.00 10.16
N LYS A 96 9.08 23.30 9.01
CA LYS A 96 10.22 22.99 8.14
C LYS A 96 10.96 24.25 7.64
N HIS A 97 12.30 24.22 7.64
CA HIS A 97 13.21 25.32 7.25
C HIS A 97 14.29 24.85 6.26
N CYS A 98 15.00 25.81 5.64
CA CYS A 98 16.04 25.59 4.64
C CYS A 98 17.35 26.31 5.01
N ASP A 99 18.48 25.60 4.88
CA ASP A 99 19.81 26.03 5.34
C ASP A 99 20.27 27.37 4.74
N PHE A 100 20.00 27.61 3.45
CA PHE A 100 20.40 28.81 2.72
C PHE A 100 19.63 30.09 3.10
N TRP A 101 18.61 30.03 3.97
CA TRP A 101 17.88 31.21 4.46
C TRP A 101 18.74 32.12 5.36
N LEU A 102 19.52 33.00 4.71
CA LEU A 102 20.37 34.04 5.28
C LEU A 102 19.57 35.13 6.03
N GLU A 103 20.27 35.83 6.94
CA GLU A 103 19.70 36.93 7.75
C GLU A 103 19.45 38.22 6.96
N ARG A 104 20.31 38.55 6.00
CA ARG A 104 20.27 39.80 5.20
C ARG A 104 19.10 39.84 4.22
N GLY A 105 18.63 41.06 3.92
CA GLY A 105 17.52 41.33 3.01
C GLY A 105 17.30 42.85 2.82
N ALA A 106 16.13 43.35 3.22
CA ALA A 106 15.75 44.76 3.17
C ALA A 106 14.92 45.19 4.41
N ALA A 107 14.88 46.50 4.68
CA ALA A 107 14.18 47.16 5.79
C ALA A 107 13.57 48.51 5.37
N ARG A 1 7.23 -1.56 -7.43
CA ARG A 1 8.59 -1.00 -7.59
C ARG A 1 8.85 0.15 -6.61
N VAL A 2 8.28 1.34 -6.85
CA VAL A 2 8.44 2.55 -6.01
C VAL A 2 7.83 2.32 -4.61
N ALA A 3 8.50 2.85 -3.57
CA ALA A 3 8.09 2.71 -2.17
C ALA A 3 6.78 3.46 -1.82
N GLU A 4 6.23 3.19 -0.63
CA GLU A 4 5.12 3.96 -0.04
C GLU A 4 5.60 5.39 0.23
N ASN A 5 4.91 6.40 -0.31
CA ASN A 5 5.35 7.80 -0.27
C ASN A 5 5.18 8.44 1.14
N ARG A 6 6.08 8.08 2.06
CA ARG A 6 6.25 8.63 3.43
C ARG A 6 7.68 9.19 3.61
N PRO A 7 7.91 10.21 4.47
CA PRO A 7 9.22 10.86 4.62
C PRO A 7 10.40 9.88 4.75
N GLY A 8 11.29 9.89 3.75
CA GLY A 8 12.40 8.96 3.54
C GLY A 8 12.27 8.09 2.28
N ALA A 9 11.08 7.95 1.70
CA ALA A 9 10.79 6.99 0.63
C ALA A 9 11.66 7.10 -0.64
N PHE A 10 12.16 5.96 -1.10
CA PHE A 10 12.85 5.78 -2.38
C PHE A 10 11.98 6.16 -3.58
N ILE A 11 12.54 6.91 -4.54
CA ILE A 11 11.93 7.20 -5.85
C ILE A 11 12.85 6.57 -6.91
N LYS A 12 12.44 5.39 -7.37
CA LYS A 12 13.15 4.52 -8.33
C LYS A 12 12.54 4.66 -9.72
N GLN A 13 12.79 5.78 -10.39
CA GLN A 13 12.45 6.00 -11.80
C GLN A 13 13.36 5.17 -12.70
N GLY A 14 14.67 5.18 -12.43
CA GLY A 14 15.72 4.44 -13.14
C GLY A 14 16.55 5.37 -14.03
N ARG A 15 17.36 6.22 -13.39
CA ARG A 15 18.10 7.35 -13.98
C ARG A 15 19.52 7.40 -13.43
N LYS A 16 20.53 7.25 -14.29
CA LYS A 16 21.95 7.27 -13.94
C LYS A 16 22.41 8.69 -13.53
N LEU A 17 23.25 8.75 -12.49
CA LEU A 17 23.92 9.94 -11.95
C LEU A 17 25.46 9.88 -12.20
N ASP A 18 26.17 10.91 -11.74
CA ASP A 18 27.64 11.00 -11.77
C ASP A 18 28.19 11.31 -10.36
N ILE A 19 28.66 10.26 -9.68
CA ILE A 19 29.16 10.25 -8.29
C ILE A 19 30.45 9.42 -8.25
N ASP A 20 31.52 9.94 -7.64
CA ASP A 20 32.75 9.19 -7.39
C ASP A 20 32.70 8.49 -6.02
N PHE A 21 32.10 7.29 -6.01
CA PHE A 21 32.08 6.32 -4.92
C PHE A 21 33.50 5.81 -4.59
N GLY A 22 34.25 5.48 -5.64
CA GLY A 22 35.54 4.76 -5.65
C GLY A 22 35.53 3.67 -6.72
N ALA A 23 36.69 3.18 -7.16
CA ALA A 23 36.84 2.29 -8.32
C ALA A 23 35.78 1.17 -8.45
N GLU A 24 35.62 0.33 -7.42
CA GLU A 24 34.65 -0.76 -7.38
C GLU A 24 33.20 -0.24 -7.42
N GLY A 25 32.87 0.72 -6.56
CA GLY A 25 31.53 1.32 -6.44
C GLY A 25 31.07 2.08 -7.69
N ASN A 26 31.99 2.80 -8.35
CA ASN A 26 31.78 3.49 -9.63
C ASN A 26 31.32 2.49 -10.70
N ARG A 27 32.08 1.40 -10.88
CA ARG A 27 31.77 0.29 -11.79
C ARG A 27 30.43 -0.36 -11.45
N TYR A 28 30.21 -0.66 -10.17
CA TYR A 28 28.97 -1.26 -9.66
C TYR A 28 27.74 -0.39 -9.98
N TYR A 29 27.74 0.88 -9.57
CA TYR A 29 26.67 1.84 -9.87
C TYR A 29 26.42 1.98 -11.38
N ALA A 30 27.46 2.22 -12.18
CA ALA A 30 27.36 2.32 -13.64
C ALA A 30 26.63 1.12 -14.29
N ALA A 31 26.87 -0.10 -13.79
CA ALA A 31 26.21 -1.33 -14.23
C ALA A 31 24.82 -1.58 -13.62
N ASN A 32 24.51 -1.05 -12.42
CA ASN A 32 23.32 -1.40 -11.64
C ASN A 32 22.41 -0.24 -11.18
N TYR A 33 22.58 0.99 -11.69
CA TYR A 33 21.82 2.20 -11.31
C TYR A 33 20.29 2.03 -11.33
N TRP A 34 19.77 1.15 -12.20
CA TRP A 34 18.36 0.76 -12.29
C TRP A 34 17.75 0.27 -10.96
N GLN A 35 18.53 -0.31 -10.05
CA GLN A 35 18.11 -0.71 -8.70
C GLN A 35 17.94 0.48 -7.73
N PHE A 36 18.85 1.46 -7.81
CA PHE A 36 19.00 2.57 -6.86
C PHE A 36 17.85 3.60 -6.93
N PRO A 37 17.52 4.26 -5.80
CA PRO A 37 16.61 5.40 -5.76
C PRO A 37 17.29 6.64 -6.34
N ASP A 38 17.00 6.99 -7.60
CA ASP A 38 17.56 8.19 -8.23
C ASP A 38 17.00 9.50 -7.61
N GLY A 39 15.85 9.43 -6.94
CA GLY A 39 15.28 10.49 -6.10
C GLY A 39 14.89 9.95 -4.72
N ILE A 40 14.74 10.83 -3.73
CA ILE A 40 14.25 10.48 -2.38
C ILE A 40 13.23 11.53 -1.92
N TYR A 41 12.02 11.07 -1.59
CA TYR A 41 10.98 11.88 -0.99
C TYR A 41 11.32 12.17 0.49
N TYR A 42 11.83 13.37 0.76
CA TYR A 42 12.08 13.86 2.13
C TYR A 42 12.10 15.40 2.15
N GLU A 43 11.45 15.99 3.15
CA GLU A 43 11.27 17.44 3.32
C GLU A 43 11.56 17.85 4.78
N GLY A 44 12.85 17.95 5.10
CA GLY A 44 13.36 18.25 6.44
C GLY A 44 13.18 19.71 6.89
N CYS A 45 13.14 20.64 5.94
CA CYS A 45 13.08 22.09 6.14
C CYS A 45 11.90 22.52 7.05
N SER A 46 12.23 23.11 8.20
CA SER A 46 11.28 23.59 9.23
C SER A 46 11.63 25.02 9.70
N GLU A 47 12.82 25.21 10.28
CA GLU A 47 13.34 26.49 10.81
C GLU A 47 14.88 26.53 10.79
N ALA A 48 15.48 27.70 10.93
CA ALA A 48 16.92 27.95 10.86
C ALA A 48 17.82 27.03 11.74
N ASN A 49 17.30 26.57 12.89
CA ASN A 49 17.96 25.59 13.75
C ASN A 49 18.26 24.25 13.04
N VAL A 50 17.43 23.85 12.07
CA VAL A 50 17.69 22.72 11.16
C VAL A 50 18.72 23.19 10.12
N THR A 51 20.00 22.98 10.39
CA THR A 51 21.12 23.24 9.48
C THR A 51 21.17 22.21 8.33
N LYS A 52 22.12 22.38 7.39
CA LYS A 52 22.42 21.35 6.38
C LYS A 52 22.84 20.03 7.03
N GLU A 53 23.83 20.06 7.92
CA GLU A 53 24.28 18.88 8.69
C GLU A 53 23.13 18.15 9.38
N MET A 54 22.25 18.89 10.07
CA MET A 54 20.98 18.38 10.62
C MET A 54 20.11 17.71 9.54
N LEU A 55 19.79 18.40 8.45
CA LEU A 55 18.94 17.89 7.38
C LEU A 55 19.48 16.60 6.74
N VAL A 56 20.75 16.56 6.31
CA VAL A 56 21.36 15.38 5.67
C VAL A 56 21.30 14.17 6.61
N THR A 57 21.69 14.33 7.87
CA THR A 57 21.59 13.29 8.92
C THR A 57 20.15 12.82 9.12
N SER A 58 19.20 13.74 9.30
CA SER A 58 17.77 13.45 9.48
C SER A 58 17.17 12.73 8.26
N CYS A 59 17.54 13.14 7.04
CA CYS A 59 17.19 12.50 5.77
C CYS A 59 17.66 11.04 5.70
N VAL A 60 18.93 10.77 5.99
CA VAL A 60 19.48 9.40 6.12
C VAL A 60 18.68 8.56 7.14
N ASN A 61 18.40 9.11 8.33
CA ASN A 61 17.56 8.49 9.36
C ASN A 61 16.12 8.20 8.88
N ALA A 62 15.46 9.15 8.21
CA ALA A 62 14.14 8.99 7.61
C ALA A 62 14.16 7.88 6.54
N THR A 63 15.15 7.92 5.65
CA THR A 63 15.39 6.92 4.59
C THR A 63 15.51 5.51 5.15
N GLN A 64 16.30 5.30 6.21
CA GLN A 64 16.36 4.03 6.96
C GLN A 64 14.96 3.53 7.36
N ALA A 65 14.22 4.35 8.13
CA ALA A 65 12.88 4.04 8.65
C ALA A 65 11.86 3.72 7.54
N ALA A 66 11.81 4.52 6.47
CA ALA A 66 10.91 4.37 5.34
C ALA A 66 11.16 3.13 4.47
N ASN A 67 12.42 2.71 4.27
CA ASN A 67 12.82 1.68 3.31
C ASN A 67 13.54 0.49 3.96
N GLN A 68 13.07 0.07 5.15
CA GLN A 68 13.64 -1.04 5.93
C GLN A 68 13.78 -2.33 5.12
N ALA A 69 12.72 -2.76 4.43
CA ALA A 69 12.68 -3.95 3.57
C ALA A 69 13.76 -3.93 2.47
N GLU A 70 13.95 -2.78 1.80
CA GLU A 70 14.95 -2.57 0.73
C GLU A 70 16.37 -2.88 1.22
N PHE A 71 16.78 -2.31 2.35
CA PHE A 71 18.06 -2.58 3.01
C PHE A 71 18.16 -4.04 3.50
N SER A 72 17.14 -4.51 4.22
CA SER A 72 17.11 -5.83 4.89
C SER A 72 17.44 -6.99 3.95
N ARG A 73 16.72 -7.15 2.84
CA ARG A 73 16.92 -8.27 1.89
C ARG A 73 18.33 -8.34 1.30
N GLU A 74 18.85 -7.20 0.87
CA GLU A 74 20.23 -7.05 0.35
C GLU A 74 21.27 -7.42 1.40
N LYS A 75 21.21 -6.81 2.60
CA LYS A 75 22.13 -6.98 3.73
C LYS A 75 22.41 -8.43 4.14
N GLN A 76 21.47 -9.35 3.91
CA GLN A 76 21.64 -10.80 4.16
C GLN A 76 22.86 -11.42 3.42
N ASP A 77 23.18 -10.93 2.22
CA ASP A 77 24.17 -11.51 1.30
C ASP A 77 25.14 -10.46 0.71
N SER A 78 24.63 -9.28 0.34
CA SER A 78 25.39 -8.19 -0.27
C SER A 78 26.47 -7.59 0.66
N LYS A 79 27.53 -7.06 0.05
CA LYS A 79 28.60 -6.27 0.70
C LYS A 79 28.70 -4.88 0.08
N LEU A 80 29.13 -4.81 -1.18
CA LEU A 80 29.35 -3.56 -1.92
C LEU A 80 28.08 -2.69 -2.07
N HIS A 81 26.92 -3.28 -2.42
CA HIS A 81 25.69 -2.54 -2.71
C HIS A 81 25.36 -1.54 -1.59
N GLN A 82 25.34 -2.01 -0.33
CA GLN A 82 25.05 -1.18 0.86
C GLN A 82 25.92 0.09 0.91
N ARG A 83 27.25 -0.02 0.76
CA ARG A 83 28.19 1.11 0.80
C ARG A 83 27.87 2.14 -0.29
N VAL A 84 27.77 1.70 -1.55
CA VAL A 84 27.41 2.51 -2.73
C VAL A 84 26.04 3.18 -2.52
N LEU A 85 25.03 2.40 -2.12
CA LEU A 85 23.65 2.84 -1.82
C LEU A 85 23.61 3.93 -0.73
N TRP A 86 24.31 3.77 0.39
CA TRP A 86 24.41 4.79 1.43
C TRP A 86 25.07 6.09 0.96
N ARG A 87 26.17 6.01 0.21
CA ARG A 87 26.77 7.18 -0.46
C ARG A 87 25.77 7.89 -1.38
N LEU A 88 25.11 7.15 -2.28
CA LEU A 88 24.05 7.60 -3.19
C LEU A 88 22.92 8.33 -2.42
N ILE A 89 22.38 7.71 -1.37
CA ILE A 89 21.41 8.32 -0.44
C ILE A 89 21.94 9.65 0.11
N LYS A 90 23.14 9.65 0.71
CA LYS A 90 23.78 10.86 1.29
C LYS A 90 23.95 11.99 0.28
N GLU A 91 24.44 11.70 -0.93
CA GLU A 91 24.50 12.66 -2.05
C GLU A 91 23.13 13.33 -2.32
N ILE A 92 22.05 12.54 -2.46
CA ILE A 92 20.68 13.07 -2.60
C ILE A 92 20.26 13.91 -1.39
N CYS A 93 20.44 13.38 -0.17
CA CYS A 93 20.15 14.08 1.09
C CYS A 93 20.90 15.42 1.20
N SER A 94 22.17 15.48 0.75
CA SER A 94 22.97 16.71 0.61
C SER A 94 22.45 17.67 -0.46
N ALA A 95 22.03 17.15 -1.61
CA ALA A 95 21.56 17.91 -2.77
C ALA A 95 20.32 18.78 -2.48
N LYS A 96 19.28 18.22 -1.84
CA LYS A 96 18.11 18.97 -1.32
C LYS A 96 18.54 20.02 -0.28
N HIS A 97 17.96 21.22 -0.32
CA HIS A 97 18.31 22.41 0.48
C HIS A 97 17.08 23.16 1.02
N CYS A 98 17.30 24.06 1.99
CA CYS A 98 16.28 24.95 2.54
C CYS A 98 16.55 26.42 2.22
N ASP A 99 15.51 27.17 1.85
CA ASP A 99 15.58 28.60 1.49
C ASP A 99 16.07 29.48 2.66
N PHE A 100 15.62 29.20 3.89
CA PHE A 100 15.92 29.97 5.10
C PHE A 100 17.38 29.90 5.59
N TRP A 101 18.22 29.00 5.06
CA TRP A 101 19.63 28.84 5.49
C TRP A 101 20.44 30.14 5.32
N LEU A 102 21.09 30.53 6.42
CA LEU A 102 21.77 31.83 6.63
C LEU A 102 23.02 31.68 7.52
N GLU A 103 23.70 32.79 7.80
CA GLU A 103 24.85 32.89 8.71
C GLU A 103 24.78 34.17 9.57
N ARG A 104 25.27 34.12 10.81
CA ARG A 104 25.30 35.22 11.79
C ARG A 104 26.11 36.43 11.29
N GLY A 105 27.34 36.19 10.83
CA GLY A 105 28.27 37.18 10.31
C GLY A 105 29.59 36.57 9.83
N ALA A 106 30.44 37.39 9.21
CA ALA A 106 31.76 37.02 8.67
C ALA A 106 32.79 38.17 8.83
N ALA A 107 34.08 37.82 8.85
CA ALA A 107 35.23 38.72 8.98
C ALA A 107 36.45 38.23 8.17
N ARG A 1 -3.97 -3.18 -7.07
CA ARG A 1 -3.06 -2.42 -6.17
C ARG A 1 -3.46 -2.61 -4.70
N VAL A 2 -2.54 -2.43 -3.75
CA VAL A 2 -2.79 -2.46 -2.30
C VAL A 2 -3.92 -1.53 -1.86
N ALA A 3 -4.81 -2.02 -0.98
CA ALA A 3 -5.81 -1.21 -0.30
C ALA A 3 -5.18 -0.43 0.87
N GLU A 4 -5.02 0.88 0.70
CA GLU A 4 -4.53 1.82 1.72
C GLU A 4 -5.71 2.51 2.42
N ASN A 5 -6.62 3.06 1.63
CA ASN A 5 -7.92 3.57 2.06
C ASN A 5 -8.90 2.39 2.26
N ARG A 6 -8.76 1.73 3.41
CA ARG A 6 -9.56 0.58 3.88
C ARG A 6 -10.19 0.85 5.27
N PRO A 7 -11.25 0.12 5.68
CA PRO A 7 -11.91 0.29 6.97
C PRO A 7 -10.92 0.40 8.15
N GLY A 8 -10.99 1.52 8.87
CA GLY A 8 -10.06 1.97 9.90
C GLY A 8 -9.34 3.29 9.58
N ALA A 9 -9.21 3.66 8.29
CA ALA A 9 -8.41 4.81 7.85
C ALA A 9 -8.89 6.15 8.46
N PHE A 10 -7.96 6.95 9.00
CA PHE A 10 -8.26 8.30 9.53
C PHE A 10 -8.81 9.25 8.44
N ILE A 11 -9.63 10.21 8.87
CA ILE A 11 -10.11 11.35 8.09
C ILE A 11 -9.64 12.61 8.84
N LYS A 12 -8.51 13.17 8.38
CA LYS A 12 -7.79 14.29 9.03
C LYS A 12 -8.19 15.62 8.39
N GLN A 13 -9.29 16.19 8.88
CA GLN A 13 -9.74 17.55 8.54
C GLN A 13 -8.91 18.62 9.28
N GLY A 14 -8.37 18.27 10.45
CA GLY A 14 -7.55 19.15 11.30
C GLY A 14 -8.36 20.12 12.16
N ARG A 15 -9.69 19.91 12.24
CA ARG A 15 -10.65 20.66 13.05
C ARG A 15 -10.46 20.41 14.55
N LYS A 16 -10.37 21.48 15.35
CA LYS A 16 -10.35 21.40 16.82
C LYS A 16 -11.73 20.97 17.36
N LEU A 17 -11.76 19.85 18.09
CA LEU A 17 -12.93 19.29 18.78
C LEU A 17 -13.05 19.83 20.21
N ASP A 18 -14.08 19.38 20.93
CA ASP A 18 -14.33 19.67 22.36
C ASP A 18 -14.66 18.39 23.12
N ILE A 19 -13.63 17.80 23.75
CA ILE A 19 -13.63 16.52 24.47
C ILE A 19 -12.89 16.72 25.79
N ASP A 20 -13.48 16.25 26.91
CA ASP A 20 -12.82 16.24 28.22
C ASP A 20 -12.04 14.93 28.43
N PHE A 21 -10.80 14.91 27.92
CA PHE A 21 -9.78 13.87 28.13
C PHE A 21 -9.39 13.75 29.61
N GLY A 22 -9.24 14.90 30.26
CA GLY A 22 -8.67 15.13 31.61
C GLY A 22 -7.64 16.26 31.56
N ALA A 23 -7.43 16.99 32.65
CA ALA A 23 -6.64 18.24 32.70
C ALA A 23 -5.34 18.26 31.87
N GLU A 24 -4.46 17.25 32.03
CA GLU A 24 -3.21 17.09 31.28
C GLU A 24 -3.45 16.87 29.78
N GLY A 25 -4.33 15.93 29.41
CA GLY A 25 -4.71 15.61 28.02
C GLY A 25 -5.45 16.74 27.30
N ASN A 26 -6.32 17.47 28.01
CA ASN A 26 -7.05 18.65 27.53
C ASN A 26 -6.06 19.71 27.03
N ARG A 27 -5.06 20.05 27.85
CA ARG A 27 -3.97 20.98 27.53
C ARG A 27 -3.15 20.51 26.32
N TYR A 28 -2.80 19.22 26.27
CA TYR A 28 -2.09 18.62 25.15
C TYR A 28 -2.88 18.75 23.83
N TYR A 29 -4.15 18.31 23.80
CA TYR A 29 -5.03 18.44 22.64
C TYR A 29 -5.17 19.88 22.16
N ALA A 30 -5.51 20.82 23.05
CA ALA A 30 -5.62 22.26 22.76
C ALA A 30 -4.40 22.83 22.02
N ALA A 31 -3.19 22.36 22.35
CA ALA A 31 -1.92 22.76 21.72
C ALA A 31 -1.55 21.95 20.44
N ASN A 32 -2.07 20.73 20.25
CA ASN A 32 -1.62 19.77 19.22
C ASN A 32 -2.72 19.14 18.34
N TYR A 33 -3.97 19.63 18.37
CA TYR A 33 -5.14 19.08 17.68
C TYR A 33 -4.94 18.80 16.16
N TRP A 34 -4.10 19.59 15.49
CA TRP A 34 -3.69 19.43 14.09
C TRP A 34 -3.19 18.02 13.73
N GLN A 35 -2.52 17.31 14.65
CA GLN A 35 -2.03 15.94 14.46
C GLN A 35 -3.16 14.89 14.37
N PHE A 36 -4.22 15.07 15.14
CA PHE A 36 -5.31 14.12 15.39
C PHE A 36 -6.28 13.97 14.20
N PRO A 37 -7.00 12.84 14.11
CA PRO A 37 -8.12 12.68 13.17
C PRO A 37 -9.36 13.47 13.64
N ASP A 38 -10.28 13.73 12.72
CA ASP A 38 -11.60 14.35 12.98
C ASP A 38 -12.74 13.35 12.74
N GLY A 39 -12.58 12.50 11.72
CA GLY A 39 -13.43 11.33 11.42
C GLY A 39 -12.59 10.08 11.19
N ILE A 40 -13.25 8.92 11.03
CA ILE A 40 -12.65 7.62 10.70
C ILE A 40 -13.55 6.92 9.67
N TYR A 41 -12.96 6.53 8.54
CA TYR A 41 -13.59 5.69 7.52
C TYR A 41 -13.69 4.25 8.01
N TYR A 42 -14.90 3.75 8.31
CA TYR A 42 -15.13 2.38 8.81
C TYR A 42 -16.51 1.83 8.43
N GLU A 43 -16.62 0.51 8.25
CA GLU A 43 -17.81 -0.21 7.79
C GLU A 43 -18.05 -1.47 8.65
N GLY A 44 -18.47 -1.24 9.90
CA GLY A 44 -18.73 -2.29 10.89
C GLY A 44 -20.10 -2.98 10.71
N CYS A 45 -21.17 -2.18 10.73
CA CYS A 45 -22.56 -2.64 10.62
C CYS A 45 -22.89 -3.32 9.28
N SER A 46 -23.73 -4.36 9.36
CA SER A 46 -24.22 -5.17 8.23
C SER A 46 -25.65 -5.66 8.47
N GLU A 47 -25.90 -6.30 9.63
CA GLU A 47 -27.20 -6.86 10.05
C GLU A 47 -27.44 -6.66 11.56
N ALA A 48 -28.70 -6.80 12.00
CA ALA A 48 -29.17 -6.55 13.37
C ALA A 48 -28.40 -7.26 14.50
N ASN A 49 -27.75 -8.39 14.22
CA ASN A 49 -26.85 -9.08 15.14
C ASN A 49 -25.64 -8.23 15.59
N VAL A 50 -25.12 -7.34 14.72
CA VAL A 50 -24.07 -6.35 15.04
C VAL A 50 -24.65 -5.24 15.92
N THR A 51 -24.05 -5.01 17.09
CA THR A 51 -24.48 -4.01 18.09
C THR A 51 -23.46 -2.87 18.26
N LYS A 52 -23.75 -1.86 19.09
CA LYS A 52 -22.81 -0.79 19.43
C LYS A 52 -21.53 -1.34 20.07
N GLU A 53 -21.64 -2.12 21.14
CA GLU A 53 -20.47 -2.71 21.82
C GLU A 53 -19.57 -3.52 20.87
N MET A 54 -20.14 -4.23 19.89
CA MET A 54 -19.39 -4.85 18.80
C MET A 54 -18.70 -3.79 17.93
N LEU A 55 -19.45 -2.82 17.38
CA LEU A 55 -18.96 -1.78 16.49
C LEU A 55 -17.81 -0.96 17.09
N VAL A 56 -17.95 -0.41 18.30
CA VAL A 56 -16.96 0.52 18.91
C VAL A 56 -15.59 -0.16 19.07
N THR A 57 -15.54 -1.34 19.69
CA THR A 57 -14.33 -2.17 19.83
C THR A 57 -13.75 -2.56 18.47
N SER A 58 -14.58 -3.05 17.54
CA SER A 58 -14.14 -3.42 16.18
C SER A 58 -13.58 -2.24 15.39
N CYS A 59 -14.17 -1.05 15.51
CA CYS A 59 -13.69 0.22 14.96
C CYS A 59 -12.29 0.59 15.47
N VAL A 60 -12.05 0.56 16.79
CA VAL A 60 -10.70 0.72 17.38
C VAL A 60 -9.70 -0.29 16.79
N ASN A 61 -10.05 -1.58 16.74
CA ASN A 61 -9.24 -2.64 16.13
C ASN A 61 -8.95 -2.39 14.64
N ALA A 62 -9.94 -1.99 13.85
CA ALA A 62 -9.77 -1.61 12.44
C ALA A 62 -8.84 -0.40 12.29
N THR A 63 -9.02 0.63 13.12
CA THR A 63 -8.19 1.84 13.18
C THR A 63 -6.71 1.49 13.41
N GLN A 64 -6.41 0.64 14.41
CA GLN A 64 -5.08 0.07 14.65
C GLN A 64 -4.49 -0.54 13.37
N ALA A 65 -5.18 -1.53 12.77
CA ALA A 65 -4.77 -2.24 11.55
C ALA A 65 -4.54 -1.31 10.33
N ALA A 66 -5.38 -0.29 10.15
CA ALA A 66 -5.31 0.67 9.06
C ALA A 66 -4.13 1.67 9.16
N ASN A 67 -3.88 2.23 10.36
CA ASN A 67 -2.94 3.35 10.58
C ASN A 67 -1.71 2.92 11.40
N GLN A 68 -1.19 1.72 11.15
CA GLN A 68 -0.11 1.06 11.88
C GLN A 68 1.14 1.94 12.06
N ALA A 69 1.64 2.53 10.97
CA ALA A 69 2.84 3.37 10.95
C ALA A 69 2.80 4.53 11.96
N GLU A 70 1.69 5.28 11.99
CA GLU A 70 1.47 6.41 12.90
C GLU A 70 1.64 5.98 14.38
N PHE A 71 0.89 4.96 14.80
CA PHE A 71 0.99 4.38 16.15
C PHE A 71 2.39 3.85 16.45
N SER A 72 2.97 3.05 15.54
CA SER A 72 4.31 2.43 15.70
C SER A 72 5.40 3.47 16.00
N ARG A 73 5.46 4.56 15.23
CA ARG A 73 6.40 5.68 15.43
C ARG A 73 6.17 6.40 16.77
N GLU A 74 4.94 6.81 17.06
CA GLU A 74 4.57 7.57 18.26
C GLU A 74 4.75 6.77 19.57
N LYS A 75 4.05 5.63 19.72
CA LYS A 75 3.89 4.81 20.94
C LYS A 75 5.18 4.59 21.74
N GLN A 76 6.30 4.35 21.06
CA GLN A 76 7.64 4.13 21.64
C GLN A 76 8.10 5.24 22.62
N ASP A 77 7.71 6.50 22.39
CA ASP A 77 8.18 7.68 23.12
C ASP A 77 7.07 8.68 23.51
N SER A 78 6.06 8.84 22.65
CA SER A 78 4.96 9.81 22.73
C SER A 78 3.88 9.40 23.76
N LYS A 79 4.28 9.33 25.04
CA LYS A 79 3.53 8.81 26.19
C LYS A 79 2.11 9.40 26.30
N LEU A 80 2.01 10.71 26.49
CA LEU A 80 0.75 11.44 26.62
C LEU A 80 -0.11 11.35 25.35
N HIS A 81 0.49 11.53 24.16
CA HIS A 81 -0.23 11.52 22.88
C HIS A 81 -1.10 10.27 22.73
N GLN A 82 -0.57 9.08 23.00
CA GLN A 82 -1.32 7.81 22.98
C GLN A 82 -2.66 7.91 23.75
N ARG A 83 -2.65 8.29 25.03
CA ARG A 83 -3.85 8.40 25.89
C ARG A 83 -4.93 9.28 25.24
N VAL A 84 -4.55 10.50 24.88
CA VAL A 84 -5.41 11.50 24.22
C VAL A 84 -5.94 10.98 22.88
N LEU A 85 -5.07 10.46 22.01
CA LEU A 85 -5.39 9.91 20.69
C LEU A 85 -6.35 8.72 20.75
N TRP A 86 -6.12 7.74 21.63
CA TRP A 86 -7.04 6.62 21.83
C TRP A 86 -8.42 7.07 22.31
N ARG A 87 -8.50 8.03 23.23
CA ARG A 87 -9.76 8.69 23.60
C ARG A 87 -10.43 9.35 22.38
N LEU A 88 -9.70 10.12 21.58
CA LEU A 88 -10.16 10.72 20.32
C LEU A 88 -10.83 9.68 19.39
N ILE A 89 -10.09 8.61 19.07
CA ILE A 89 -10.54 7.47 18.27
C ILE A 89 -11.82 6.86 18.87
N LYS A 90 -11.82 6.54 20.18
CA LYS A 90 -12.98 5.99 20.90
C LYS A 90 -14.21 6.89 20.84
N GLU A 91 -14.08 8.21 21.06
CA GLU A 91 -15.16 9.19 20.86
C GLU A 91 -15.77 9.07 19.46
N ILE A 92 -14.96 9.10 18.39
CA ILE A 92 -15.42 8.87 17.01
C ILE A 92 -16.15 7.53 16.85
N CYS A 93 -15.52 6.42 17.26
CA CYS A 93 -16.08 5.06 17.18
C CYS A 93 -17.43 4.93 17.94
N SER A 94 -17.54 5.49 19.14
CA SER A 94 -18.77 5.57 19.95
C SER A 94 -19.87 6.43 19.31
N ALA A 95 -19.52 7.60 18.80
CA ALA A 95 -20.44 8.60 18.24
C ALA A 95 -21.30 8.08 17.07
N LYS A 96 -20.68 7.44 16.08
CA LYS A 96 -21.38 6.83 14.92
C LYS A 96 -22.34 5.71 15.34
N HIS A 97 -23.52 5.66 14.71
CA HIS A 97 -24.61 4.69 14.97
C HIS A 97 -25.17 4.11 13.66
N CYS A 98 -26.02 3.08 13.76
CA CYS A 98 -26.57 2.33 12.62
C CYS A 98 -28.10 2.28 12.63
N ASP A 99 -28.72 2.46 11.45
CA ASP A 99 -30.16 2.60 11.25
C ASP A 99 -30.99 1.42 11.80
N PHE A 100 -30.54 0.19 11.53
CA PHE A 100 -31.24 -1.05 11.90
C PHE A 100 -31.22 -1.38 13.41
N TRP A 101 -30.40 -0.72 14.24
CA TRP A 101 -30.32 -0.99 15.68
C TRP A 101 -31.68 -0.85 16.38
N LEU A 102 -32.05 -1.88 17.15
CA LEU A 102 -33.36 -2.11 17.76
C LEU A 102 -33.27 -2.76 19.15
N GLU A 103 -34.40 -2.93 19.82
CA GLU A 103 -34.50 -3.59 21.14
C GLU A 103 -35.76 -4.48 21.21
N ARG A 104 -36.96 -3.89 21.32
CA ARG A 104 -38.25 -4.60 21.28
C ARG A 104 -38.56 -5.13 19.88
N GLY A 105 -39.05 -6.37 19.80
CA GLY A 105 -39.45 -7.03 18.55
C GLY A 105 -40.73 -6.44 17.94
N ALA A 106 -41.84 -6.49 18.71
CA ALA A 106 -43.14 -5.95 18.32
C ALA A 106 -43.10 -4.41 18.16
N ALA A 107 -43.56 -3.91 17.01
CA ALA A 107 -43.71 -2.47 16.69
C ALA A 107 -44.81 -1.78 17.53
N ARG A 1 4.75 -5.33 -2.23
CA ARG A 1 4.33 -4.40 -3.31
C ARG A 1 3.43 -5.12 -4.30
N VAL A 2 2.32 -4.48 -4.72
CA VAL A 2 1.45 -4.98 -5.81
C VAL A 2 2.20 -4.88 -7.15
N ALA A 3 2.47 -6.03 -7.79
CA ALA A 3 3.12 -6.10 -9.10
C ALA A 3 2.20 -5.59 -10.23
N GLU A 4 2.81 -5.03 -11.27
CA GLU A 4 2.13 -4.68 -12.53
C GLU A 4 1.62 -5.95 -13.23
N ASN A 5 0.37 -5.94 -13.70
CA ASN A 5 -0.19 -6.97 -14.57
C ASN A 5 0.39 -6.84 -16.02
N ARG A 6 1.72 -7.01 -16.12
CA ARG A 6 2.52 -6.97 -17.36
C ARG A 6 2.38 -8.29 -18.16
N PRO A 7 2.69 -8.33 -19.48
CA PRO A 7 2.63 -9.55 -20.26
C PRO A 7 3.51 -10.66 -19.64
N GLY A 8 2.86 -11.78 -19.31
CA GLY A 8 3.36 -12.90 -18.52
C GLY A 8 2.56 -13.14 -17.23
N ALA A 9 1.82 -12.16 -16.71
CA ALA A 9 1.18 -12.21 -15.39
C ALA A 9 0.17 -13.38 -15.25
N PHE A 10 0.26 -14.12 -14.13
CA PHE A 10 -0.72 -15.13 -13.74
C PHE A 10 -2.13 -14.54 -13.60
N ILE A 11 -3.15 -15.29 -14.03
CA ILE A 11 -4.58 -15.03 -13.80
C ILE A 11 -5.10 -16.12 -12.87
N LYS A 12 -5.14 -15.82 -11.57
CA LYS A 12 -5.57 -16.71 -10.49
C LYS A 12 -7.06 -16.52 -10.21
N GLN A 13 -7.82 -17.59 -10.41
CA GLN A 13 -9.29 -17.67 -10.39
C GLN A 13 -9.79 -18.67 -9.33
N GLY A 14 -9.15 -19.83 -9.23
CA GLY A 14 -9.57 -20.99 -8.43
C GLY A 14 -10.57 -21.87 -9.17
N ARG A 15 -10.20 -22.32 -10.38
CA ARG A 15 -11.02 -23.10 -11.32
C ARG A 15 -10.32 -24.43 -11.62
N LYS A 16 -10.42 -25.36 -10.66
CA LYS A 16 -9.69 -26.65 -10.57
C LYS A 16 -9.69 -27.43 -11.89
N LEU A 17 -8.53 -27.43 -12.57
CA LEU A 17 -8.32 -27.96 -13.92
C LEU A 17 -8.22 -29.50 -13.95
N ASP A 18 -8.20 -30.06 -15.17
CA ASP A 18 -8.01 -31.48 -15.45
C ASP A 18 -6.79 -31.68 -16.36
N ILE A 19 -5.62 -31.87 -15.74
CA ILE A 19 -4.30 -32.07 -16.36
C ILE A 19 -3.64 -33.27 -15.66
N ASP A 20 -3.21 -34.28 -16.42
CA ASP A 20 -2.43 -35.40 -15.90
C ASP A 20 -0.94 -35.03 -15.83
N PHE A 21 -0.56 -34.36 -14.75
CA PHE A 21 0.82 -34.02 -14.37
C PHE A 21 1.68 -35.28 -14.16
N GLY A 22 1.09 -36.29 -13.51
CA GLY A 22 1.72 -37.51 -12.99
C GLY A 22 1.37 -37.70 -11.51
N ALA A 23 1.55 -38.90 -10.95
CA ALA A 23 1.07 -39.29 -9.62
C ALA A 23 1.30 -38.24 -8.50
N GLU A 24 2.54 -37.80 -8.30
CA GLU A 24 2.90 -36.77 -7.31
C GLU A 24 2.19 -35.43 -7.58
N GLY A 25 2.32 -34.93 -8.82
CA GLY A 25 1.79 -33.64 -9.25
C GLY A 25 0.26 -33.55 -9.25
N ASN A 26 -0.42 -34.63 -9.66
CA ASN A 26 -1.87 -34.79 -9.60
C ASN A 26 -2.36 -34.60 -8.15
N ARG A 27 -1.75 -35.31 -7.19
CA ARG A 27 -2.05 -35.22 -5.75
C ARG A 27 -1.77 -33.82 -5.21
N TYR A 28 -0.60 -33.27 -5.52
CA TYR A 28 -0.19 -31.93 -5.14
C TYR A 28 -1.16 -30.84 -5.62
N TYR A 29 -1.46 -30.81 -6.93
CA TYR A 29 -2.44 -29.91 -7.54
C TYR A 29 -3.83 -30.04 -6.90
N ALA A 30 -4.37 -31.26 -6.80
CA ALA A 30 -5.68 -31.52 -6.18
C ALA A 30 -5.84 -30.88 -4.78
N ALA A 31 -4.76 -30.83 -3.99
CA ALA A 31 -4.69 -30.21 -2.67
C ALA A 31 -4.37 -28.68 -2.69
N ASN A 32 -3.62 -28.18 -3.68
CA ASN A 32 -3.05 -26.82 -3.69
C ASN A 32 -3.42 -25.92 -4.90
N TYR A 33 -4.38 -26.31 -5.75
CA TYR A 33 -4.81 -25.63 -6.98
C TYR A 33 -5.06 -24.11 -6.83
N TRP A 34 -5.55 -23.67 -5.67
CA TRP A 34 -5.75 -22.26 -5.29
C TRP A 34 -4.51 -21.36 -5.51
N GLN A 35 -3.30 -21.89 -5.33
CA GLN A 35 -2.03 -21.17 -5.55
C GLN A 35 -1.73 -20.90 -7.03
N PHE A 36 -2.07 -21.86 -7.91
CA PHE A 36 -1.67 -21.90 -9.32
C PHE A 36 -2.41 -20.89 -10.22
N PRO A 37 -1.81 -20.51 -11.38
CA PRO A 37 -2.48 -19.74 -12.41
C PRO A 37 -3.50 -20.61 -13.17
N ASP A 38 -4.74 -20.16 -13.28
CA ASP A 38 -5.79 -20.80 -14.08
C ASP A 38 -5.72 -20.34 -15.55
N GLY A 39 -5.31 -19.08 -15.76
CA GLY A 39 -4.96 -18.48 -17.04
C GLY A 39 -3.64 -17.68 -16.93
N ILE A 40 -3.11 -17.20 -18.05
CA ILE A 40 -1.92 -16.33 -18.11
C ILE A 40 -2.18 -15.20 -19.11
N TYR A 41 -2.04 -13.96 -18.66
CA TYR A 41 -2.12 -12.75 -19.48
C TYR A 41 -0.87 -12.63 -20.36
N TYR A 42 -0.97 -12.99 -21.65
CA TYR A 42 0.12 -12.85 -22.62
C TYR A 42 -0.42 -12.68 -24.05
N GLU A 43 0.29 -11.90 -24.87
CA GLU A 43 -0.07 -11.55 -26.25
C GLU A 43 1.12 -11.84 -27.19
N GLY A 44 1.19 -13.09 -27.66
CA GLY A 44 2.27 -13.61 -28.51
C GLY A 44 1.88 -13.74 -29.99
N CYS A 45 1.10 -12.80 -30.52
CA CYS A 45 0.56 -12.78 -31.87
C CYS A 45 0.72 -11.39 -32.51
N SER A 46 1.45 -11.31 -33.63
CA SER A 46 1.71 -10.09 -34.41
C SER A 46 1.60 -10.35 -35.92
N GLU A 47 2.40 -11.26 -36.47
CA GLU A 47 2.46 -11.61 -37.89
C GLU A 47 2.81 -13.10 -38.13
N ALA A 48 2.48 -13.63 -39.32
CA ALA A 48 2.62 -15.05 -39.69
C ALA A 48 4.04 -15.65 -39.56
N ASN A 49 5.08 -14.82 -39.51
CA ASN A 49 6.45 -15.25 -39.19
C ASN A 49 6.59 -15.84 -37.77
N VAL A 50 5.79 -15.37 -36.79
CA VAL A 50 5.66 -15.99 -35.45
C VAL A 50 4.93 -17.32 -35.55
N THR A 51 5.49 -18.38 -34.95
CA THR A 51 4.97 -19.77 -34.99
C THR A 51 4.48 -20.22 -33.62
N LYS A 52 3.81 -21.39 -33.55
CA LYS A 52 3.33 -21.96 -32.27
C LYS A 52 4.48 -22.20 -31.29
N GLU A 53 5.52 -22.91 -31.68
CA GLU A 53 6.72 -23.14 -30.84
C GLU A 53 7.34 -21.83 -30.30
N MET A 54 7.45 -20.79 -31.14
CA MET A 54 7.84 -19.44 -30.71
C MET A 54 6.87 -18.82 -29.69
N LEU A 55 5.55 -18.91 -29.91
CA LEU A 55 4.53 -18.47 -28.95
C LEU A 55 4.71 -19.16 -27.59
N VAL A 56 4.66 -20.50 -27.51
CA VAL A 56 4.77 -21.25 -26.24
C VAL A 56 6.05 -20.87 -25.48
N THR A 57 7.19 -20.85 -26.17
CA THR A 57 8.51 -20.48 -25.61
C THR A 57 8.54 -19.04 -25.09
N SER A 58 8.17 -18.05 -25.92
CA SER A 58 8.10 -16.64 -25.52
C SER A 58 7.12 -16.38 -24.38
N CYS A 59 5.98 -17.08 -24.35
CA CYS A 59 5.03 -17.11 -23.24
C CYS A 59 5.66 -17.58 -21.91
N VAL A 60 6.37 -18.71 -21.89
CA VAL A 60 7.15 -19.16 -20.72
C VAL A 60 8.15 -18.09 -20.26
N ASN A 61 8.94 -17.52 -21.19
CA ASN A 61 9.89 -16.43 -20.91
C ASN A 61 9.21 -15.18 -20.32
N ALA A 62 8.08 -14.74 -20.89
CA ALA A 62 7.27 -13.64 -20.35
C ALA A 62 6.77 -13.95 -18.93
N THR A 63 6.19 -15.14 -18.74
CA THR A 63 5.70 -15.66 -17.45
C THR A 63 6.78 -15.61 -16.38
N GLN A 64 7.99 -16.13 -16.65
CA GLN A 64 9.17 -16.02 -15.80
C GLN A 64 9.41 -14.59 -15.31
N ALA A 65 9.61 -13.64 -16.24
CA ALA A 65 9.87 -12.23 -15.97
C ALA A 65 8.75 -11.53 -15.17
N ALA A 66 7.49 -11.86 -15.45
CA ALA A 66 6.31 -11.29 -14.78
C ALA A 66 6.11 -11.77 -13.32
N ASN A 67 6.37 -13.05 -13.03
CA ASN A 67 6.02 -13.69 -11.75
C ASN A 67 7.27 -14.18 -10.98
N GLN A 68 8.34 -13.38 -10.98
CA GLN A 68 9.63 -13.63 -10.33
C GLN A 68 9.49 -14.06 -8.86
N ALA A 69 8.75 -13.28 -8.06
CA ALA A 69 8.49 -13.52 -6.64
C ALA A 69 7.93 -14.92 -6.35
N GLU A 70 6.96 -15.38 -7.17
CA GLU A 70 6.39 -16.73 -7.09
C GLU A 70 7.48 -17.79 -7.28
N PHE A 71 8.20 -17.78 -8.40
CA PHE A 71 9.25 -18.76 -8.71
C PHE A 71 10.39 -18.81 -7.68
N SER A 72 10.70 -17.71 -6.99
CA SER A 72 11.62 -17.68 -5.84
C SER A 72 11.10 -18.54 -4.67
N ARG A 73 9.89 -18.28 -4.17
CA ARG A 73 9.26 -19.04 -3.07
C ARG A 73 9.01 -20.50 -3.43
N GLU A 74 8.23 -20.71 -4.48
CA GLU A 74 7.63 -21.98 -4.95
C GLU A 74 8.64 -22.93 -5.63
N LYS A 75 9.82 -23.04 -5.00
CA LYS A 75 11.04 -23.75 -5.44
C LYS A 75 11.87 -24.12 -4.20
N GLN A 76 12.32 -23.11 -3.46
CA GLN A 76 13.02 -23.23 -2.18
C GLN A 76 12.10 -23.82 -1.09
N ASP A 77 10.92 -23.23 -0.89
CA ASP A 77 9.90 -23.71 0.05
C ASP A 77 9.21 -25.00 -0.43
N SER A 78 8.94 -25.12 -1.73
CA SER A 78 8.21 -26.24 -2.33
C SER A 78 8.89 -26.81 -3.58
N LYS A 79 9.64 -27.90 -3.39
CA LYS A 79 10.29 -28.70 -4.45
C LYS A 79 9.27 -29.30 -5.42
N LEU A 80 8.19 -29.89 -4.90
CA LEU A 80 7.08 -30.48 -5.64
C LEU A 80 6.50 -29.48 -6.65
N HIS A 81 6.21 -28.25 -6.20
CA HIS A 81 5.48 -27.21 -6.94
C HIS A 81 6.03 -26.95 -8.34
N GLN A 82 7.35 -26.77 -8.50
CA GLN A 82 8.02 -26.46 -9.78
C GLN A 82 7.53 -27.31 -10.96
N ARG A 83 7.68 -28.65 -10.88
CA ARG A 83 7.30 -29.59 -11.95
C ARG A 83 5.85 -29.40 -12.40
N VAL A 84 4.93 -29.39 -11.44
CA VAL A 84 3.49 -29.18 -11.63
C VAL A 84 3.21 -27.81 -12.27
N LEU A 85 3.73 -26.73 -11.66
CA LEU A 85 3.59 -25.34 -12.10
C LEU A 85 4.08 -25.13 -13.55
N TRP A 86 5.29 -25.57 -13.88
CA TRP A 86 5.83 -25.51 -15.24
C TRP A 86 5.00 -26.28 -16.27
N ARG A 87 4.53 -27.49 -15.94
CA ARG A 87 3.58 -28.23 -16.78
C ARG A 87 2.31 -27.42 -17.02
N LEU A 88 1.68 -26.89 -15.97
CA LEU A 88 0.48 -26.04 -16.06
C LEU A 88 0.71 -24.80 -16.95
N ILE A 89 1.76 -24.02 -16.68
CA ILE A 89 2.22 -22.90 -17.52
C ILE A 89 2.34 -23.33 -18.99
N LYS A 90 3.05 -24.43 -19.28
CA LYS A 90 3.19 -24.98 -20.63
C LYS A 90 1.86 -25.37 -21.27
N GLU A 91 0.96 -26.07 -20.58
CA GLU A 91 -0.41 -26.34 -21.06
C GLU A 91 -1.14 -25.04 -21.48
N ILE A 92 -1.16 -24.01 -20.62
CA ILE A 92 -1.70 -22.68 -20.93
C ILE A 92 -1.02 -22.07 -22.16
N CYS A 93 0.31 -21.93 -22.15
CA CYS A 93 1.11 -21.37 -23.25
C CYS A 93 0.90 -22.11 -24.58
N SER A 94 0.81 -23.45 -24.56
CA SER A 94 0.48 -24.32 -25.70
C SER A 94 -0.94 -24.10 -26.26
N ALA A 95 -1.93 -23.91 -25.38
CA ALA A 95 -3.32 -23.62 -25.75
C ALA A 95 -3.46 -22.34 -26.62
N LYS A 96 -2.65 -21.31 -26.38
CA LYS A 96 -2.62 -20.05 -27.14
C LYS A 96 -2.41 -20.29 -28.65
N HIS A 97 -3.26 -19.69 -29.49
CA HIS A 97 -3.17 -19.71 -30.96
C HIS A 97 -3.32 -18.30 -31.56
N CYS A 98 -2.76 -18.10 -32.76
CA CYS A 98 -2.90 -16.88 -33.55
C CYS A 98 -3.75 -17.14 -34.81
N ASP A 99 -4.73 -16.26 -35.08
CA ASP A 99 -5.67 -16.37 -36.22
C ASP A 99 -4.96 -16.42 -37.59
N PHE A 100 -3.90 -15.63 -37.77
CA PHE A 100 -3.12 -15.50 -39.00
C PHE A 100 -2.30 -16.74 -39.40
N TRP A 101 -2.14 -17.75 -38.53
CA TRP A 101 -1.35 -18.96 -38.81
C TRP A 101 -1.85 -19.73 -40.04
N LEU A 102 -0.98 -19.84 -41.04
CA LEU A 102 -1.23 -20.48 -42.34
C LEU A 102 -1.05 -22.01 -42.25
N GLU A 103 -1.77 -22.75 -43.08
CA GLU A 103 -1.66 -24.22 -43.18
C GLU A 103 -0.32 -24.64 -43.82
N ARG A 104 -0.05 -24.11 -45.03
CA ARG A 104 1.20 -24.30 -45.80
C ARG A 104 1.59 -23.00 -46.52
N GLY A 105 0.71 -22.49 -47.38
CA GLY A 105 0.86 -21.25 -48.16
C GLY A 105 -0.40 -20.93 -48.99
N ALA A 106 -0.25 -20.02 -49.96
CA ALA A 106 -1.31 -19.64 -50.90
C ALA A 106 -1.74 -20.80 -51.83
N ALA A 107 -3.01 -20.79 -52.26
CA ALA A 107 -3.64 -21.77 -53.15
C ALA A 107 -4.63 -21.11 -54.14
N ARG A 1 -5.36 2.07 -7.39
CA ARG A 1 -4.34 1.04 -7.06
C ARG A 1 -4.56 0.54 -5.62
N VAL A 2 -3.84 1.06 -4.62
CA VAL A 2 -4.08 0.79 -3.19
C VAL A 2 -5.39 1.42 -2.71
N ALA A 3 -6.17 0.70 -1.89
CA ALA A 3 -7.36 1.22 -1.23
C ALA A 3 -7.00 2.02 0.04
N GLU A 4 -7.26 3.33 0.02
CA GLU A 4 -7.17 4.17 1.22
C GLU A 4 -8.33 3.83 2.17
N ASN A 5 -8.05 3.58 3.46
CA ASN A 5 -9.04 3.17 4.46
C ASN A 5 -9.95 4.35 4.89
N ARG A 6 -10.82 4.76 3.97
CA ARG A 6 -11.86 5.80 4.10
C ARG A 6 -13.10 5.29 4.85
N PRO A 7 -13.86 6.14 5.57
CA PRO A 7 -15.10 5.72 6.22
C PRO A 7 -16.11 5.24 5.16
N GLY A 8 -16.51 3.97 5.26
CA GLY A 8 -17.29 3.22 4.28
C GLY A 8 -16.51 2.06 3.62
N ALA A 9 -15.20 1.95 3.81
CA ALA A 9 -14.38 0.89 3.21
C ALA A 9 -14.80 -0.51 3.72
N PHE A 10 -15.01 -1.45 2.79
CA PHE A 10 -15.26 -2.86 3.11
C PHE A 10 -14.09 -3.52 3.86
N ILE A 11 -14.39 -4.52 4.68
CA ILE A 11 -13.42 -5.41 5.32
C ILE A 11 -13.78 -6.83 4.87
N LYS A 12 -12.85 -7.46 4.13
CA LYS A 12 -12.99 -8.78 3.50
C LYS A 12 -11.94 -9.73 4.08
N GLN A 13 -12.30 -10.34 5.20
CA GLN A 13 -11.58 -11.43 5.87
C GLN A 13 -11.78 -12.77 5.14
N GLY A 14 -12.96 -12.95 4.52
CA GLY A 14 -13.38 -14.20 3.87
C GLY A 14 -14.07 -15.11 4.88
N ARG A 15 -15.20 -14.63 5.42
CA ARG A 15 -15.93 -15.20 6.56
C ARG A 15 -17.41 -15.37 6.20
N LYS A 16 -17.83 -16.62 5.98
CA LYS A 16 -19.20 -17.01 5.60
C LYS A 16 -20.18 -16.79 6.75
N LEU A 17 -21.00 -15.73 6.65
CA LEU A 17 -21.98 -15.30 7.65
C LEU A 17 -23.24 -16.20 7.69
N ASP A 18 -24.11 -15.95 8.67
CA ASP A 18 -25.43 -16.56 8.82
C ASP A 18 -26.51 -15.46 8.94
N ILE A 19 -27.10 -15.10 7.80
CA ILE A 19 -28.14 -14.07 7.62
C ILE A 19 -29.25 -14.67 6.74
N ASP A 20 -30.51 -14.47 7.14
CA ASP A 20 -31.66 -14.79 6.29
C ASP A 20 -31.95 -13.60 5.34
N PHE A 21 -31.53 -13.73 4.09
CA PHE A 21 -31.84 -12.87 2.96
C PHE A 21 -33.22 -13.19 2.34
N GLY A 22 -33.61 -14.47 2.41
CA GLY A 22 -34.75 -15.10 1.73
C GLY A 22 -34.25 -16.21 0.81
N ALA A 23 -35.06 -17.21 0.48
CA ALA A 23 -34.67 -18.45 -0.22
C ALA A 23 -33.68 -18.27 -1.39
N GLU A 24 -34.02 -17.44 -2.38
CA GLU A 24 -33.18 -17.12 -3.55
C GLU A 24 -31.83 -16.48 -3.15
N GLY A 25 -31.87 -15.49 -2.26
CA GLY A 25 -30.71 -14.76 -1.75
C GLY A 25 -29.78 -15.60 -0.87
N ASN A 26 -30.34 -16.44 -0.01
CA ASN A 26 -29.65 -17.42 0.84
C ASN A 26 -28.78 -18.35 -0.02
N ARG A 27 -29.36 -18.91 -1.09
CA ARG A 27 -28.68 -19.76 -2.08
C ARG A 27 -27.55 -18.99 -2.79
N TYR A 28 -27.81 -17.77 -3.23
CA TYR A 28 -26.83 -16.90 -3.87
C TYR A 28 -25.62 -16.61 -2.97
N TYR A 29 -25.84 -16.12 -1.75
CA TYR A 29 -24.80 -15.90 -0.74
C TYR A 29 -23.99 -17.17 -0.45
N ALA A 30 -24.64 -18.28 -0.13
CA ALA A 30 -24.00 -19.57 0.15
C ALA A 30 -22.99 -20.02 -0.94
N ALA A 31 -23.26 -19.67 -2.21
CA ALA A 31 -22.38 -19.94 -3.36
C ALA A 31 -21.33 -18.84 -3.65
N ASN A 32 -21.59 -17.56 -3.31
CA ASN A 32 -20.78 -16.40 -3.74
C ASN A 32 -20.20 -15.51 -2.60
N TYR A 33 -20.32 -15.93 -1.34
CA TYR A 33 -19.91 -15.20 -0.11
C TYR A 33 -18.51 -14.56 -0.17
N TRP A 34 -17.55 -15.20 -0.85
CA TRP A 34 -16.19 -14.70 -1.09
C TRP A 34 -16.12 -13.28 -1.68
N GLN A 35 -17.07 -12.88 -2.53
CA GLN A 35 -17.16 -11.51 -3.10
C GLN A 35 -17.51 -10.46 -2.04
N PHE A 36 -18.46 -10.79 -1.16
CA PHE A 36 -19.12 -9.90 -0.21
C PHE A 36 -18.20 -9.42 0.93
N PRO A 37 -18.50 -8.25 1.54
CA PRO A 37 -17.86 -7.82 2.78
C PRO A 37 -18.39 -8.64 3.97
N ASP A 38 -17.58 -8.78 5.01
CA ASP A 38 -18.01 -9.36 6.30
C ASP A 38 -17.94 -8.31 7.43
N GLY A 39 -17.02 -7.35 7.32
CA GLY A 39 -16.95 -6.14 8.14
C GLY A 39 -17.01 -4.87 7.28
N ILE A 40 -17.23 -3.71 7.90
CA ILE A 40 -17.15 -2.37 7.26
C ILE A 40 -16.46 -1.41 8.22
N TYR A 41 -15.39 -0.76 7.78
CA TYR A 41 -14.74 0.34 8.47
C TYR A 41 -15.59 1.61 8.36
N TYR A 42 -16.08 2.13 9.49
CA TYR A 42 -16.91 3.34 9.57
C TYR A 42 -16.74 4.04 10.93
N GLU A 43 -17.03 5.35 10.97
CA GLU A 43 -16.90 6.22 12.15
C GLU A 43 -18.23 6.93 12.44
N GLY A 44 -19.02 6.34 13.34
CA GLY A 44 -20.40 6.72 13.64
C GLY A 44 -20.57 7.48 14.96
N CYS A 45 -20.28 6.81 16.08
CA CYS A 45 -20.41 7.35 17.44
C CYS A 45 -19.57 8.63 17.63
N SER A 46 -20.25 9.76 17.92
CA SER A 46 -19.67 11.09 18.05
C SER A 46 -20.30 11.89 19.21
N GLU A 47 -21.62 12.14 19.16
CA GLU A 47 -22.38 12.86 20.18
C GLU A 47 -23.78 12.26 20.41
N ALA A 48 -24.36 12.50 21.60
CA ALA A 48 -25.65 11.97 22.05
C ALA A 48 -26.83 12.18 21.09
N ASN A 49 -26.83 13.28 20.33
CA ASN A 49 -27.86 13.61 19.33
C ASN A 49 -27.91 12.61 18.15
N VAL A 50 -26.78 11.97 17.79
CA VAL A 50 -26.72 10.88 16.80
C VAL A 50 -27.49 9.67 17.33
N THR A 51 -28.63 9.33 16.73
CA THR A 51 -29.43 8.12 17.07
C THR A 51 -28.92 6.88 16.33
N LYS A 52 -29.49 5.69 16.63
CA LYS A 52 -29.24 4.48 15.82
C LYS A 52 -29.70 4.69 14.38
N GLU A 53 -30.93 5.15 14.19
CA GLU A 53 -31.50 5.49 12.88
C GLU A 53 -30.55 6.35 12.04
N MET A 54 -30.03 7.45 12.63
CA MET A 54 -28.97 8.27 12.04
C MET A 54 -27.71 7.46 11.70
N LEU A 55 -27.09 6.79 12.69
CA LEU A 55 -25.81 6.08 12.52
C LEU A 55 -25.88 5.03 11.40
N VAL A 56 -26.85 4.11 11.48
CA VAL A 56 -27.07 3.02 10.50
C VAL A 56 -27.27 3.58 9.09
N THR A 57 -28.13 4.60 8.92
CA THR A 57 -28.36 5.29 7.64
C THR A 57 -27.08 5.92 7.08
N SER A 58 -26.38 6.72 7.90
CA SER A 58 -25.10 7.34 7.53
C SER A 58 -24.01 6.31 7.19
N CYS A 59 -23.97 5.16 7.87
CA CYS A 59 -23.11 4.01 7.53
C CYS A 59 -23.39 3.46 6.12
N VAL A 60 -24.65 3.20 5.76
CA VAL A 60 -25.07 2.83 4.40
C VAL A 60 -24.61 3.88 3.37
N ASN A 61 -24.88 5.16 3.64
CA ASN A 61 -24.45 6.28 2.79
C ASN A 61 -22.91 6.37 2.64
N ALA A 62 -22.14 6.21 3.72
CA ALA A 62 -20.69 6.15 3.69
C ALA A 62 -20.18 4.97 2.84
N THR A 63 -20.75 3.77 3.05
CA THR A 63 -20.47 2.56 2.27
C THR A 63 -20.70 2.79 0.78
N GLN A 64 -21.84 3.36 0.38
CA GLN A 64 -22.12 3.82 -0.99
C GLN A 64 -21.00 4.74 -1.51
N ALA A 65 -20.80 5.91 -0.89
CA ALA A 65 -19.82 6.92 -1.26
C ALA A 65 -18.39 6.38 -1.43
N ALA A 66 -17.94 5.52 -0.50
CA ALA A 66 -16.63 4.87 -0.52
C ALA A 66 -16.45 3.85 -1.67
N ASN A 67 -17.52 3.21 -2.17
CA ASN A 67 -17.43 2.09 -3.11
C ASN A 67 -18.38 2.24 -4.33
N GLN A 68 -18.53 3.47 -4.84
CA GLN A 68 -19.49 3.84 -5.89
C GLN A 68 -19.37 2.98 -7.15
N ALA A 69 -18.16 2.87 -7.71
CA ALA A 69 -17.85 2.07 -8.90
C ALA A 69 -18.22 0.58 -8.73
N GLU A 70 -17.83 -0.01 -7.59
CA GLU A 70 -18.07 -1.43 -7.25
C GLU A 70 -19.57 -1.78 -7.35
N PHE A 71 -20.44 -0.95 -6.75
CA PHE A 71 -21.89 -1.05 -6.90
C PHE A 71 -22.32 -0.78 -8.35
N SER A 72 -22.05 0.41 -8.88
CA SER A 72 -22.56 0.93 -10.16
C SER A 72 -22.35 0.01 -11.36
N ARG A 73 -21.13 -0.54 -11.53
CA ARG A 73 -20.78 -1.45 -12.64
C ARG A 73 -21.62 -2.74 -12.62
N GLU A 74 -21.75 -3.39 -11.47
CA GLU A 74 -22.60 -4.58 -11.29
C GLU A 74 -24.10 -4.27 -11.39
N LYS A 75 -24.58 -3.21 -10.73
CA LYS A 75 -26.00 -2.78 -10.60
C LYS A 75 -26.80 -2.80 -11.91
N GLN A 76 -26.15 -2.54 -13.04
CA GLN A 76 -26.72 -2.61 -14.40
C GLN A 76 -27.44 -3.95 -14.70
N ASP A 77 -26.94 -5.06 -14.16
CA ASP A 77 -27.40 -6.44 -14.46
C ASP A 77 -27.52 -7.34 -13.21
N SER A 78 -26.61 -7.19 -12.23
CA SER A 78 -26.43 -8.05 -11.05
C SER A 78 -27.46 -7.79 -9.93
N LYS A 79 -28.76 -7.85 -10.28
CA LYS A 79 -29.92 -7.51 -9.43
C LYS A 79 -29.95 -8.33 -8.13
N LEU A 80 -29.85 -9.66 -8.24
CA LEU A 80 -29.77 -10.58 -7.10
C LEU A 80 -28.58 -10.25 -6.18
N HIS A 81 -27.38 -9.99 -6.73
CA HIS A 81 -26.22 -9.56 -5.93
C HIS A 81 -26.54 -8.29 -5.14
N GLN A 82 -27.02 -7.22 -5.78
CA GLN A 82 -27.44 -5.97 -5.13
C GLN A 82 -28.38 -6.23 -3.94
N ARG A 83 -29.51 -6.93 -4.16
CA ARG A 83 -30.51 -7.30 -3.14
C ARG A 83 -29.87 -7.91 -1.88
N VAL A 84 -29.12 -8.99 -2.06
CA VAL A 84 -28.40 -9.73 -1.00
C VAL A 84 -27.35 -8.83 -0.32
N LEU A 85 -26.48 -8.18 -1.10
CA LEU A 85 -25.41 -7.29 -0.64
C LEU A 85 -25.91 -6.14 0.25
N TRP A 86 -26.98 -5.44 -0.15
CA TRP A 86 -27.60 -4.37 0.64
C TRP A 86 -28.16 -4.85 1.98
N ARG A 87 -28.86 -6.00 2.02
CA ARG A 87 -29.27 -6.67 3.26
C ARG A 87 -28.07 -6.96 4.17
N LEU A 88 -26.97 -7.50 3.63
CA LEU A 88 -25.71 -7.72 4.35
C LEU A 88 -25.13 -6.42 4.94
N ILE A 89 -24.89 -5.40 4.11
CA ILE A 89 -24.42 -4.06 4.51
C ILE A 89 -25.30 -3.50 5.64
N LYS A 90 -26.63 -3.52 5.50
CA LYS A 90 -27.58 -3.09 6.52
C LYS A 90 -27.44 -3.83 7.83
N GLU A 91 -27.31 -5.16 7.83
CA GLU A 91 -27.01 -5.95 9.03
C GLU A 91 -25.70 -5.51 9.72
N ILE A 92 -24.61 -5.32 8.97
CA ILE A 92 -23.34 -4.76 9.48
C ILE A 92 -23.58 -3.37 10.11
N CYS A 93 -24.19 -2.44 9.39
CA CYS A 93 -24.49 -1.09 9.88
C CYS A 93 -25.38 -1.11 11.15
N SER A 94 -26.45 -1.90 11.17
CA SER A 94 -27.35 -2.11 12.32
C SER A 94 -26.61 -2.52 13.60
N ALA A 95 -25.61 -3.41 13.50
CA ALA A 95 -24.79 -3.85 14.63
C ALA A 95 -24.00 -2.72 15.32
N LYS A 96 -23.66 -1.63 14.61
CA LYS A 96 -22.87 -0.49 15.11
C LYS A 96 -23.65 0.32 16.16
N HIS A 97 -23.29 0.19 17.44
CA HIS A 97 -23.96 0.76 18.60
C HIS A 97 -23.07 1.65 19.48
N CYS A 98 -23.64 2.67 20.11
CA CYS A 98 -22.92 3.65 20.94
C CYS A 98 -23.30 3.56 22.43
N ASP A 99 -22.31 3.59 23.32
CA ASP A 99 -22.47 3.57 24.78
C ASP A 99 -23.31 4.76 25.31
N PHE A 100 -23.12 5.95 24.72
CA PHE A 100 -23.77 7.20 25.14
C PHE A 100 -25.30 7.26 24.93
N TRP A 101 -25.90 6.36 24.13
CA TRP A 101 -27.33 6.41 23.77
C TRP A 101 -28.28 6.38 24.98
N LEU A 102 -29.20 7.35 24.99
CA LEU A 102 -30.22 7.62 26.02
C LEU A 102 -31.52 8.18 25.39
N GLU A 103 -32.53 8.45 26.21
CA GLU A 103 -33.75 9.16 25.82
C GLU A 103 -33.44 10.61 25.37
N ARG A 104 -33.78 10.95 24.11
CA ARG A 104 -33.58 12.27 23.48
C ARG A 104 -34.83 12.74 22.73
N GLY A 105 -34.99 14.06 22.63
CA GLY A 105 -36.10 14.74 21.98
C GLY A 105 -36.00 16.28 22.03
N ALA A 106 -37.03 16.96 21.51
CA ALA A 106 -37.18 18.41 21.51
C ALA A 106 -38.67 18.83 21.60
N ALA A 107 -38.94 20.09 21.95
CA ALA A 107 -40.27 20.71 22.07
C ALA A 107 -40.28 22.18 21.59
N ARG A 1 -4.70 2.38 -11.77
CA ARG A 1 -4.23 3.55 -10.97
C ARG A 1 -2.83 3.99 -11.39
N VAL A 2 -2.43 5.23 -11.08
CA VAL A 2 -1.08 5.77 -11.31
C VAL A 2 -0.02 5.01 -10.49
N ALA A 3 1.21 4.91 -11.02
CA ALA A 3 2.34 4.20 -10.43
C ALA A 3 3.68 4.93 -10.67
N GLU A 4 4.77 4.31 -10.23
CA GLU A 4 6.17 4.74 -10.49
C GLU A 4 6.59 4.63 -11.97
N ASN A 5 5.82 3.89 -12.78
CA ASN A 5 6.01 3.68 -14.21
C ASN A 5 4.74 4.15 -14.96
N ARG A 6 4.44 5.43 -14.77
CA ARG A 6 3.34 6.20 -15.39
C ARG A 6 3.74 6.79 -16.75
N PRO A 7 2.82 6.91 -17.74
CA PRO A 7 3.09 7.53 -19.05
C PRO A 7 3.79 8.89 -18.93
N GLY A 8 5.01 8.98 -19.46
CA GLY A 8 5.96 10.08 -19.34
C GLY A 8 7.25 9.71 -18.59
N ALA A 9 7.27 8.65 -17.79
CA ALA A 9 8.39 8.30 -16.91
C ALA A 9 9.71 8.07 -17.67
N PHE A 10 10.81 8.64 -17.16
CA PHE A 10 12.16 8.40 -17.69
C PHE A 10 12.59 6.93 -17.60
N ILE A 11 13.41 6.50 -18.57
CA ILE A 11 14.13 5.22 -18.58
C ILE A 11 15.62 5.54 -18.59
N LYS A 12 16.24 5.48 -17.41
CA LYS A 12 17.66 5.82 -17.18
C LYS A 12 18.52 4.56 -17.27
N GLN A 13 19.13 4.34 -18.45
CA GLN A 13 20.10 3.25 -18.70
C GLN A 13 21.55 3.68 -18.40
N GLY A 14 21.81 4.98 -18.29
CA GLY A 14 23.15 5.55 -18.05
C GLY A 14 24.05 5.61 -19.29
N ARG A 15 23.51 5.27 -20.46
CA ARG A 15 24.17 5.28 -21.77
C ARG A 15 24.46 6.71 -22.24
N LYS A 16 25.73 7.01 -22.56
CA LYS A 16 26.16 8.29 -23.16
C LYS A 16 25.72 8.36 -24.63
N LEU A 17 24.73 9.21 -24.91
CA LEU A 17 24.18 9.47 -26.25
C LEU A 17 25.10 10.35 -27.11
N ASP A 18 24.74 10.49 -28.39
CA ASP A 18 25.40 11.36 -29.37
C ASP A 18 24.39 12.37 -29.96
N ILE A 19 24.30 13.54 -29.32
CA ILE A 19 23.40 14.66 -29.64
C ILE A 19 24.23 15.95 -29.64
N ASP A 20 24.18 16.73 -30.72
CA ASP A 20 24.74 18.08 -30.76
C ASP A 20 23.74 19.10 -30.18
N PHE A 21 23.79 19.25 -28.86
CA PHE A 21 23.08 20.29 -28.09
C PHE A 21 23.57 21.69 -28.50
N GLY A 22 24.89 21.85 -28.58
CA GLY A 22 25.63 23.12 -28.74
C GLY A 22 26.80 23.17 -27.74
N ALA A 23 27.77 24.06 -27.95
CA ALA A 23 29.05 24.09 -27.22
C ALA A 23 28.94 23.87 -25.68
N GLU A 24 28.14 24.69 -24.99
CA GLU A 24 27.92 24.57 -23.54
C GLU A 24 27.23 23.26 -23.17
N GLY A 25 26.13 22.93 -23.84
CA GLY A 25 25.32 21.75 -23.58
C GLY A 25 26.03 20.42 -23.85
N ASN A 26 26.83 20.36 -24.91
CA ASN A 26 27.71 19.25 -25.25
C ASN A 26 28.68 18.97 -24.11
N ARG A 27 29.38 20.01 -23.61
CA ARG A 27 30.31 19.91 -22.48
C ARG A 27 29.60 19.50 -21.19
N TYR A 28 28.44 20.09 -20.91
CA TYR A 28 27.61 19.76 -19.74
C TYR A 28 27.19 18.28 -19.75
N TYR A 29 26.59 17.81 -20.85
CA TYR A 29 26.17 16.42 -21.04
C TYR A 29 27.34 15.44 -20.90
N ALA A 30 28.45 15.66 -21.62
CA ALA A 30 29.67 14.84 -21.52
C ALA A 30 30.16 14.61 -20.08
N ALA A 31 30.04 15.62 -19.21
CA ALA A 31 30.38 15.57 -17.79
C ALA A 31 29.28 14.99 -16.86
N ASN A 32 27.99 14.99 -17.26
CA ASN A 32 26.84 14.70 -16.39
C ASN A 32 25.81 13.68 -16.92
N TYR A 33 26.07 12.99 -18.05
CA TYR A 33 25.13 12.07 -18.73
C TYR A 33 24.47 11.01 -17.84
N TRP A 34 25.15 10.58 -16.77
CA TRP A 34 24.64 9.68 -15.72
C TRP A 34 23.29 10.10 -15.11
N GLN A 35 23.03 11.42 -14.98
CA GLN A 35 21.77 11.97 -14.46
C GLN A 35 20.58 11.80 -15.42
N PHE A 36 20.83 11.93 -16.73
CA PHE A 36 19.85 12.04 -17.81
C PHE A 36 19.13 10.72 -18.16
N PRO A 37 17.94 10.79 -18.79
CA PRO A 37 17.25 9.64 -19.38
C PRO A 37 17.94 9.18 -20.68
N ASP A 38 17.74 7.91 -21.04
CA ASP A 38 18.14 7.31 -22.32
C ASP A 38 16.91 6.99 -23.19
N GLY A 39 15.82 6.53 -22.56
CA GLY A 39 14.49 6.38 -23.15
C GLY A 39 13.40 7.05 -22.31
N ILE A 40 12.16 7.04 -22.80
CA ILE A 40 10.96 7.53 -22.11
C ILE A 40 9.83 6.52 -22.31
N TYR A 41 9.25 6.06 -21.20
CA TYR A 41 8.03 5.25 -21.19
C TYR A 41 6.82 6.14 -21.55
N TYR A 42 6.40 6.13 -22.82
CA TYR A 42 5.19 6.83 -23.28
C TYR A 42 4.56 6.11 -24.47
N GLU A 43 3.23 5.93 -24.42
CA GLU A 43 2.44 5.20 -25.41
C GLU A 43 1.24 6.05 -25.87
N GLY A 44 1.56 7.17 -26.53
CA GLY A 44 0.59 8.11 -27.12
C GLY A 44 -0.31 7.48 -28.18
N CYS A 45 0.31 6.70 -29.08
CA CYS A 45 -0.33 5.99 -30.18
C CYS A 45 -1.37 4.95 -29.72
N SER A 46 -2.52 4.95 -30.40
CA SER A 46 -3.66 4.02 -30.22
C SER A 46 -4.37 3.75 -31.54
N GLU A 47 -4.67 4.79 -32.31
CA GLU A 47 -5.35 4.77 -33.62
C GLU A 47 -4.68 5.72 -34.63
N ALA A 48 -4.89 5.49 -35.93
CA ALA A 48 -4.28 6.20 -37.06
C ALA A 48 -4.42 7.74 -37.02
N ASN A 49 -5.44 8.27 -36.35
CA ASN A 49 -5.64 9.70 -36.12
C ASN A 49 -4.50 10.35 -35.29
N VAL A 50 -3.85 9.61 -34.38
CA VAL A 50 -2.65 10.05 -33.65
C VAL A 50 -1.45 10.09 -34.61
N THR A 51 -1.00 11.29 -34.97
CA THR A 51 0.15 11.52 -35.87
C THR A 51 1.48 11.61 -35.11
N LYS A 52 2.60 11.71 -35.84
CA LYS A 52 3.92 12.02 -35.27
C LYS A 52 3.92 13.35 -34.54
N GLU A 53 3.56 14.44 -35.22
CA GLU A 53 3.45 15.80 -34.64
C GLU A 53 2.58 15.84 -33.36
N MET A 54 1.47 15.10 -33.32
CA MET A 54 0.69 14.88 -32.10
C MET A 54 1.52 14.18 -31.02
N LEU A 55 2.14 13.02 -31.33
CA LEU A 55 2.95 12.24 -30.39
C LEU A 55 4.10 13.05 -29.77
N VAL A 56 4.93 13.76 -30.56
CA VAL A 56 6.09 14.51 -30.03
C VAL A 56 5.65 15.50 -28.94
N THR A 57 4.66 16.34 -29.25
CA THR A 57 4.07 17.33 -28.33
C THR A 57 3.47 16.66 -27.09
N SER A 58 2.63 15.64 -27.28
CA SER A 58 1.99 14.89 -26.19
C SER A 58 2.99 14.18 -25.28
N CYS A 59 4.07 13.62 -25.85
CA CYS A 59 5.21 13.02 -25.14
C CYS A 59 5.92 14.02 -24.23
N VAL A 60 6.28 15.21 -24.71
CA VAL A 60 6.81 16.31 -23.89
C VAL A 60 5.87 16.64 -22.71
N ASN A 61 4.57 16.82 -22.99
CA ASN A 61 3.53 17.06 -21.98
C ASN A 61 3.42 15.92 -20.93
N ALA A 62 3.41 14.66 -21.37
CA ALA A 62 3.40 13.50 -20.49
C ALA A 62 4.67 13.45 -19.61
N THR A 63 5.84 13.65 -20.22
CA THR A 63 7.14 13.71 -19.53
C THR A 63 7.15 14.76 -18.42
N GLN A 64 6.69 16.00 -18.69
CA GLN A 64 6.46 17.04 -17.70
C GLN A 64 5.63 16.53 -16.51
N ALA A 65 4.40 16.06 -16.77
CA ALA A 65 3.45 15.56 -15.78
C ALA A 65 4.00 14.40 -14.93
N ALA A 66 4.70 13.45 -15.54
CA ALA A 66 5.29 12.29 -14.89
C ALA A 66 6.48 12.62 -13.96
N ASN A 67 7.43 13.44 -14.42
CA ASN A 67 8.72 13.68 -13.75
C ASN A 67 8.80 15.09 -13.13
N GLN A 68 7.70 15.56 -12.56
CA GLN A 68 7.55 16.89 -11.95
C GLN A 68 8.66 17.20 -10.92
N ALA A 69 8.93 16.27 -10.01
CA ALA A 69 9.96 16.39 -8.97
C ALA A 69 11.37 16.68 -9.53
N GLU A 70 11.79 15.95 -10.57
CA GLU A 70 13.09 16.13 -11.25
C GLU A 70 13.25 17.57 -11.77
N PHE A 71 12.29 18.04 -12.57
CA PHE A 71 12.26 19.41 -13.08
C PHE A 71 12.22 20.45 -11.95
N SER A 72 11.30 20.31 -11.00
CA SER A 72 11.11 21.22 -9.85
C SER A 72 12.39 21.43 -9.04
N ARG A 73 13.07 20.35 -8.63
CA ARG A 73 14.35 20.40 -7.89
C ARG A 73 15.44 21.14 -8.66
N GLU A 74 15.69 20.74 -9.92
CA GLU A 74 16.76 21.29 -10.76
C GLU A 74 16.51 22.74 -11.22
N LYS A 75 15.40 23.01 -11.92
CA LYS A 75 15.08 24.27 -12.63
C LYS A 75 15.30 25.57 -11.85
N GLN A 76 15.07 25.57 -10.53
CA GLN A 76 15.30 26.70 -9.63
C GLN A 76 16.73 27.28 -9.68
N ASP A 77 17.73 26.46 -10.03
CA ASP A 77 19.16 26.84 -10.10
C ASP A 77 19.87 26.30 -11.36
N SER A 78 19.58 25.06 -11.75
CA SER A 78 20.25 24.26 -12.78
C SER A 78 19.86 24.65 -14.22
N LYS A 79 20.13 25.90 -14.61
CA LYS A 79 19.80 26.53 -15.89
C LYS A 79 20.30 25.72 -17.10
N LEU A 80 21.60 25.43 -17.13
CA LEU A 80 22.26 24.61 -18.17
C LEU A 80 21.58 23.24 -18.31
N HIS A 81 21.39 22.53 -17.19
CA HIS A 81 20.77 21.20 -17.15
C HIS A 81 19.41 21.18 -17.85
N GLN A 82 18.47 22.06 -17.47
CA GLN A 82 17.14 22.14 -18.09
C GLN A 82 17.21 22.23 -19.62
N ARG A 83 17.95 23.19 -20.17
CA ARG A 83 18.12 23.40 -21.62
C ARG A 83 18.53 22.11 -22.34
N VAL A 84 19.61 21.48 -21.89
CA VAL A 84 20.14 20.20 -22.40
C VAL A 84 19.13 19.06 -22.25
N LEU A 85 18.58 18.87 -21.05
CA LEU A 85 17.58 17.85 -20.71
C LEU A 85 16.32 17.93 -21.60
N TRP A 86 15.73 19.11 -21.79
CA TRP A 86 14.59 19.33 -22.69
C TRP A 86 14.90 19.01 -24.15
N ARG A 87 16.08 19.40 -24.67
CA ARG A 87 16.56 18.97 -25.98
C ARG A 87 16.61 17.43 -26.08
N LEU A 88 17.23 16.76 -25.10
CA LEU A 88 17.30 15.28 -25.01
C LEU A 88 15.89 14.65 -25.04
N ILE A 89 14.98 15.09 -24.17
CA ILE A 89 13.57 14.67 -24.14
C ILE A 89 12.94 14.81 -25.55
N LYS A 90 13.07 15.97 -26.20
CA LYS A 90 12.59 16.20 -27.57
C LYS A 90 13.21 15.25 -28.60
N GLU A 91 14.52 15.02 -28.58
CA GLU A 91 15.19 13.99 -29.40
C GLU A 91 14.53 12.61 -29.23
N ILE A 92 14.30 12.13 -28.00
CA ILE A 92 13.56 10.88 -27.73
C ILE A 92 12.13 10.93 -28.32
N CYS A 93 11.34 11.94 -27.93
CA CYS A 93 9.94 12.10 -28.35
C CYS A 93 9.78 12.15 -29.89
N SER A 94 10.64 12.89 -30.60
CA SER A 94 10.68 12.93 -32.07
C SER A 94 11.20 11.64 -32.73
N ALA A 95 12.20 10.97 -32.15
CA ALA A 95 12.76 9.71 -32.64
C ALA A 95 11.74 8.55 -32.61
N LYS A 96 11.09 8.29 -31.47
CA LYS A 96 10.20 7.12 -31.28
C LYS A 96 9.00 7.12 -32.25
N HIS A 97 8.69 5.97 -32.83
CA HIS A 97 7.70 5.76 -33.91
C HIS A 97 6.62 4.72 -33.56
N CYS A 98 5.56 4.66 -34.38
CA CYS A 98 4.41 3.76 -34.24
C CYS A 98 4.14 2.97 -35.54
N ASP A 99 3.82 1.68 -35.41
CA ASP A 99 3.67 0.72 -36.52
C ASP A 99 2.59 1.14 -37.54
N PHE A 100 1.42 1.58 -37.07
CA PHE A 100 0.27 1.92 -37.91
C PHE A 100 0.41 3.22 -38.72
N TRP A 101 1.41 4.07 -38.46
CA TRP A 101 1.57 5.36 -39.15
C TRP A 101 1.66 5.21 -40.68
N LEU A 102 0.69 5.84 -41.37
CA LEU A 102 0.41 5.72 -42.80
C LEU A 102 1.38 6.55 -43.66
N GLU A 103 1.51 6.18 -44.95
CA GLU A 103 2.29 6.91 -45.95
C GLU A 103 1.70 8.31 -46.23
N ARG A 104 2.58 9.32 -46.38
CA ARG A 104 2.24 10.73 -46.67
C ARG A 104 3.08 11.27 -47.83
N GLY A 105 2.54 12.24 -48.56
CA GLY A 105 3.16 12.89 -49.72
C GLY A 105 2.35 14.07 -50.28
N ALA A 106 2.92 14.79 -51.24
CA ALA A 106 2.33 15.96 -51.89
C ALA A 106 2.76 16.08 -53.39
N ALA A 107 2.05 16.92 -54.14
CA ALA A 107 2.32 17.24 -55.55
C ALA A 107 3.68 17.94 -55.77
N ARG A 1 0.10 8.13 7.01
CA ARG A 1 -0.35 7.45 5.75
C ARG A 1 -1.25 6.27 6.08
N VAL A 2 -2.38 6.12 5.36
CA VAL A 2 -3.35 5.03 5.52
C VAL A 2 -2.72 3.68 5.16
N ALA A 3 -2.75 2.72 6.09
CA ALA A 3 -2.22 1.37 5.91
C ALA A 3 -3.06 0.51 4.93
N GLU A 4 -2.45 -0.53 4.37
CA GLU A 4 -3.14 -1.56 3.59
C GLU A 4 -4.07 -2.41 4.49
N ASN A 5 -5.33 -2.59 4.07
CA ASN A 5 -6.33 -3.39 4.78
C ASN A 5 -6.10 -4.91 4.56
N ARG A 6 -4.96 -5.43 5.05
CA ARG A 6 -4.65 -6.86 5.09
C ARG A 6 -5.40 -7.58 6.25
N PRO A 7 -5.72 -8.87 6.14
CA PRO A 7 -6.28 -9.67 7.23
C PRO A 7 -5.49 -9.50 8.54
N GLY A 8 -6.18 -9.03 9.59
CA GLY A 8 -5.61 -8.59 10.88
C GLY A 8 -5.74 -7.09 11.15
N ALA A 9 -5.96 -6.24 10.13
CA ALA A 9 -5.97 -4.79 10.28
C ALA A 9 -7.06 -4.28 11.26
N PHE A 10 -6.69 -3.36 12.15
CA PHE A 10 -7.61 -2.70 13.08
C PHE A 10 -8.70 -1.89 12.36
N ILE A 11 -9.87 -1.75 13.00
CA ILE A 11 -10.96 -0.86 12.61
C ILE A 11 -11.27 0.03 13.83
N LYS A 12 -11.05 1.34 13.67
CA LYS A 12 -11.12 2.38 14.72
C LYS A 12 -12.11 3.46 14.31
N GLN A 13 -13.25 3.45 14.98
CA GLN A 13 -14.47 4.23 14.71
C GLN A 13 -14.87 5.14 15.89
N GLY A 14 -14.12 5.12 16.99
CA GLY A 14 -14.42 5.83 18.24
C GLY A 14 -15.67 5.28 18.95
N ARG A 15 -15.86 3.95 18.90
CA ARG A 15 -17.05 3.22 19.34
C ARG A 15 -16.81 2.53 20.68
N LYS A 16 -17.17 3.22 21.77
CA LYS A 16 -17.14 2.72 23.16
C LYS A 16 -18.14 1.55 23.32
N LEU A 17 -17.67 0.39 23.78
CA LEU A 17 -18.45 -0.85 23.88
C LEU A 17 -18.28 -1.58 25.23
N ASP A 18 -19.16 -2.55 25.51
CA ASP A 18 -19.28 -3.21 26.82
C ASP A 18 -18.60 -4.59 26.88
N ILE A 19 -17.45 -4.66 27.58
CA ILE A 19 -16.68 -5.87 27.93
C ILE A 19 -16.26 -5.76 29.40
N ASP A 20 -16.49 -6.82 30.19
CA ASP A 20 -15.98 -6.93 31.56
C ASP A 20 -14.57 -7.53 31.58
N PHE A 21 -13.58 -6.66 31.40
CA PHE A 21 -12.14 -6.94 31.51
C PHE A 21 -11.74 -7.36 32.94
N GLY A 22 -12.31 -6.67 33.94
CA GLY A 22 -11.96 -6.72 35.36
C GLY A 22 -11.79 -5.29 35.91
N ALA A 23 -11.89 -5.08 37.23
CA ALA A 23 -11.96 -3.77 37.88
C ALA A 23 -11.00 -2.69 37.31
N GLU A 24 -9.69 -2.96 37.30
CA GLU A 24 -8.66 -2.06 36.77
C GLU A 24 -8.81 -1.81 35.26
N GLY A 25 -8.99 -2.89 34.48
CA GLY A 25 -9.14 -2.85 33.02
C GLY A 25 -10.41 -2.14 32.54
N ASN A 26 -11.53 -2.34 33.24
CA ASN A 26 -12.82 -1.67 33.03
C ASN A 26 -12.63 -0.14 33.15
N ARG A 27 -12.03 0.31 34.26
CA ARG A 27 -11.69 1.72 34.52
C ARG A 27 -10.76 2.29 33.44
N TYR A 28 -9.71 1.55 33.08
CA TYR A 28 -8.74 1.93 32.05
C TYR A 28 -9.42 2.13 30.68
N TYR A 29 -10.17 1.13 30.19
CA TYR A 29 -10.94 1.20 28.95
C TYR A 29 -11.94 2.36 28.97
N ALA A 30 -12.78 2.49 30.01
CA ALA A 30 -13.76 3.57 30.14
C ALA A 30 -13.16 4.98 29.94
N ALA A 31 -11.91 5.19 30.36
CA ALA A 31 -11.14 6.43 30.18
C ALA A 31 -10.34 6.53 28.86
N ASN A 32 -9.91 5.42 28.26
CA ASN A 32 -8.96 5.38 27.13
C ASN A 32 -9.44 4.63 25.86
N TYR A 33 -10.73 4.29 25.75
CA TYR A 33 -11.36 3.53 24.65
C TYR A 33 -10.99 4.02 23.23
N TRP A 34 -10.80 5.33 23.05
CA TRP A 34 -10.37 5.98 21.80
C TRP A 34 -9.12 5.35 21.15
N GLN A 35 -8.17 4.85 21.95
CA GLN A 35 -6.94 4.17 21.47
C GLN A 35 -7.21 2.81 20.81
N PHE A 36 -8.15 2.04 21.36
CA PHE A 36 -8.42 0.63 21.04
C PHE A 36 -9.10 0.38 19.68
N PRO A 37 -8.88 -0.79 19.06
CA PRO A 37 -9.63 -1.26 17.91
C PRO A 37 -11.01 -1.74 18.38
N ASP A 38 -12.08 -1.09 17.92
CA ASP A 38 -13.46 -1.55 18.21
C ASP A 38 -13.88 -2.69 17.26
N GLY A 39 -13.36 -2.70 16.03
CA GLY A 39 -13.46 -3.82 15.09
C GLY A 39 -12.09 -4.29 14.60
N ILE A 40 -12.05 -5.46 13.95
CA ILE A 40 -10.85 -6.01 13.28
C ILE A 40 -11.28 -6.62 11.95
N TYR A 41 -10.65 -6.17 10.86
CA TYR A 41 -10.78 -6.79 9.54
C TYR A 41 -10.04 -8.14 9.53
N TYR A 42 -10.79 -9.23 9.61
CA TYR A 42 -10.29 -10.60 9.46
C TYR A 42 -11.43 -11.54 9.04
N GLU A 43 -11.14 -12.44 8.09
CA GLU A 43 -12.11 -13.37 7.48
C GLU A 43 -11.53 -14.79 7.43
N GLY A 44 -11.55 -15.45 8.61
CA GLY A 44 -11.05 -16.82 8.81
C GLY A 44 -11.95 -17.91 8.20
N CYS A 45 -13.26 -17.66 8.14
CA CYS A 45 -14.27 -18.57 7.65
C CYS A 45 -14.04 -19.01 6.19
N SER A 46 -13.90 -20.31 5.97
CA SER A 46 -13.72 -20.97 4.67
C SER A 46 -14.52 -22.27 4.56
N GLU A 47 -14.27 -23.25 5.45
CA GLU A 47 -14.93 -24.56 5.51
C GLU A 47 -15.11 -25.07 6.95
N ALA A 48 -16.09 -25.95 7.18
CA ALA A 48 -16.48 -26.49 8.48
C ALA A 48 -15.35 -27.16 9.29
N ASN A 49 -14.28 -27.63 8.65
CA ASN A 49 -13.07 -28.13 9.33
C ASN A 49 -12.40 -27.07 10.22
N VAL A 50 -12.49 -25.78 9.87
CA VAL A 50 -12.09 -24.65 10.72
C VAL A 50 -13.05 -24.55 11.92
N THR A 51 -12.57 -24.86 13.12
CA THR A 51 -13.33 -24.70 14.37
C THR A 51 -13.30 -23.25 14.87
N LYS A 52 -14.09 -22.93 15.90
CA LYS A 52 -13.98 -21.64 16.60
C LYS A 52 -12.60 -21.45 17.22
N GLU A 53 -12.10 -22.44 17.96
CA GLU A 53 -10.74 -22.43 18.53
C GLU A 53 -9.66 -22.12 17.48
N MET A 54 -9.71 -22.79 16.32
CA MET A 54 -8.87 -22.48 15.16
C MET A 54 -9.02 -21.02 14.71
N LEU A 55 -10.24 -20.55 14.43
CA LEU A 55 -10.50 -19.19 13.94
C LEU A 55 -10.02 -18.11 14.91
N VAL A 56 -10.42 -18.15 16.17
CA VAL A 56 -10.06 -17.13 17.19
C VAL A 56 -8.54 -17.04 17.35
N THR A 57 -7.84 -18.18 17.46
CA THR A 57 -6.37 -18.26 17.46
C THR A 57 -5.75 -17.64 16.19
N SER A 58 -6.21 -18.04 15.01
CA SER A 58 -5.75 -17.53 13.70
C SER A 58 -5.96 -16.02 13.55
N CYS A 59 -7.12 -15.51 13.99
CA CYS A 59 -7.45 -14.09 14.07
C CYS A 59 -6.48 -13.30 14.96
N VAL A 60 -6.21 -13.76 16.19
CA VAL A 60 -5.18 -13.20 17.09
C VAL A 60 -3.79 -13.19 16.43
N ASN A 61 -3.40 -14.27 15.76
CA ASN A 61 -2.16 -14.35 14.96
C ASN A 61 -2.13 -13.34 13.80
N ALA A 62 -3.20 -13.23 13.01
CA ALA A 62 -3.33 -12.25 11.94
C ALA A 62 -3.23 -10.81 12.46
N THR A 63 -3.95 -10.51 13.55
CA THR A 63 -3.94 -9.21 14.24
C THR A 63 -2.51 -8.81 14.65
N GLN A 64 -1.76 -9.71 15.32
CA GLN A 64 -0.33 -9.53 15.61
C GLN A 64 0.47 -9.17 14.35
N ALA A 65 0.45 -10.04 13.33
CA ALA A 65 1.17 -9.92 12.08
C ALA A 65 0.90 -8.60 11.32
N ALA A 66 -0.36 -8.18 11.25
CA ALA A 66 -0.79 -6.95 10.59
C ALA A 66 -0.35 -5.67 11.32
N ASN A 67 -0.30 -5.67 12.66
CA ASN A 67 -0.09 -4.46 13.48
C ASN A 67 1.15 -4.58 14.40
N GLN A 68 2.24 -5.15 13.88
CA GLN A 68 3.48 -5.44 14.63
C GLN A 68 4.07 -4.22 15.33
N ALA A 69 4.32 -3.14 14.59
CA ALA A 69 4.89 -1.89 15.09
C ALA A 69 4.07 -1.30 16.26
N GLU A 70 2.75 -1.26 16.13
CA GLU A 70 1.82 -0.72 17.13
C GLU A 70 1.96 -1.44 18.48
N PHE A 71 1.87 -2.77 18.50
CA PHE A 71 2.12 -3.59 19.69
C PHE A 71 3.53 -3.40 20.24
N SER A 72 4.55 -3.57 19.39
CA SER A 72 5.98 -3.49 19.74
C SER A 72 6.32 -2.19 20.48
N ARG A 73 6.05 -1.03 19.88
CA ARG A 73 6.31 0.32 20.43
C ARG A 73 5.63 0.54 21.77
N GLU A 74 4.34 0.23 21.88
CA GLU A 74 3.53 0.33 23.10
C GLU A 74 4.13 -0.51 24.25
N LYS A 75 4.33 -1.82 24.01
CA LYS A 75 4.82 -2.83 24.96
C LYS A 75 6.21 -2.53 25.58
N GLN A 76 7.03 -1.67 24.98
CA GLN A 76 8.30 -1.20 25.56
C GLN A 76 8.13 -0.57 26.95
N ASP A 77 7.03 0.15 27.19
CA ASP A 77 6.75 0.91 28.41
C ASP A 77 5.39 0.55 29.05
N SER A 78 4.35 0.36 28.23
CA SER A 78 2.97 0.09 28.67
C SER A 78 2.80 -1.28 29.36
N LYS A 79 1.91 -1.33 30.36
CA LYS A 79 1.61 -2.52 31.18
C LYS A 79 0.14 -2.92 31.10
N LEU A 80 -0.75 -2.22 31.79
CA LEU A 80 -2.20 -2.51 31.86
C LEU A 80 -2.85 -2.54 30.47
N HIS A 81 -2.49 -1.62 29.57
CA HIS A 81 -3.05 -1.51 28.22
C HIS A 81 -3.05 -2.86 27.48
N GLN A 82 -1.91 -3.54 27.42
CA GLN A 82 -1.77 -4.87 26.79
C GLN A 82 -2.83 -5.87 27.27
N ARG A 83 -2.95 -6.07 28.60
CA ARG A 83 -3.91 -7.00 29.22
C ARG A 83 -5.37 -6.75 28.77
N VAL A 84 -5.79 -5.48 28.78
CA VAL A 84 -7.12 -5.01 28.33
C VAL A 84 -7.28 -5.19 26.81
N LEU A 85 -6.32 -4.68 26.03
CA LEU A 85 -6.26 -4.70 24.56
C LEU A 85 -6.38 -6.13 24.00
N TRP A 86 -5.56 -7.07 24.50
CA TRP A 86 -5.61 -8.48 24.10
C TRP A 86 -6.94 -9.15 24.40
N ARG A 87 -7.53 -8.92 25.59
CA ARG A 87 -8.91 -9.34 25.89
C ARG A 87 -9.90 -8.81 24.84
N LEU A 88 -9.85 -7.52 24.53
CA LEU A 88 -10.66 -6.88 23.48
C LEU A 88 -10.50 -7.58 22.11
N ILE A 89 -9.25 -7.76 21.65
CA ILE A 89 -8.92 -8.52 20.43
C ILE A 89 -9.56 -9.92 20.45
N LYS A 90 -9.37 -10.72 21.51
CA LYS A 90 -10.02 -12.02 21.68
C LYS A 90 -11.55 -11.95 21.60
N GLU A 91 -12.20 -11.02 22.30
CA GLU A 91 -13.65 -10.79 22.21
C GLU A 91 -14.11 -10.54 20.76
N ILE A 92 -13.45 -9.64 20.01
CA ILE A 92 -13.70 -9.42 18.59
C ILE A 92 -13.52 -10.71 17.77
N CYS A 93 -12.37 -11.38 17.91
CA CYS A 93 -12.06 -12.63 17.21
C CYS A 93 -13.09 -13.74 17.48
N SER A 94 -13.55 -13.89 18.73
CA SER A 94 -14.67 -14.75 19.15
C SER A 94 -16.00 -14.38 18.46
N ALA A 95 -16.33 -13.09 18.44
CA ALA A 95 -17.59 -12.54 17.93
C ALA A 95 -17.86 -12.85 16.44
N LYS A 96 -16.84 -12.77 15.56
CA LYS A 96 -16.92 -13.02 14.11
C LYS A 96 -17.10 -14.51 13.73
N HIS A 97 -18.14 -15.14 14.28
CA HIS A 97 -18.52 -16.55 14.09
C HIS A 97 -18.92 -16.91 12.65
N CYS A 98 -18.56 -18.12 12.19
CA CYS A 98 -18.91 -18.60 10.84
C CYS A 98 -20.34 -19.14 10.76
N ASP A 99 -21.03 -18.86 9.65
CA ASP A 99 -22.38 -19.35 9.34
C ASP A 99 -22.45 -20.89 9.23
N PHE A 100 -21.44 -21.51 8.61
CA PHE A 100 -21.37 -22.96 8.36
C PHE A 100 -21.19 -23.84 9.61
N TRP A 101 -20.81 -23.29 10.77
CA TRP A 101 -20.71 -24.06 12.03
C TRP A 101 -22.05 -24.71 12.41
N LEU A 102 -22.00 -25.97 12.83
CA LEU A 102 -23.14 -26.86 13.04
C LEU A 102 -23.06 -27.70 14.33
N GLU A 103 -24.18 -28.29 14.76
CA GLU A 103 -24.24 -29.27 15.85
C GLU A 103 -23.60 -30.60 15.44
N ARG A 104 -22.50 -30.98 16.09
CA ARG A 104 -21.70 -32.18 15.81
C ARG A 104 -20.96 -32.70 17.05
N GLY A 105 -20.36 -33.89 16.93
CA GLY A 105 -19.59 -34.56 17.97
C GLY A 105 -18.76 -35.74 17.43
N ALA A 106 -18.33 -36.64 18.31
CA ALA A 106 -17.53 -37.82 18.00
C ALA A 106 -17.96 -39.07 18.82
N ALA A 107 -17.68 -40.26 18.28
CA ALA A 107 -18.01 -41.58 18.86
C ALA A 107 -16.90 -42.62 18.58
N ARG A 1 -3.34 -0.64 4.54
CA ARG A 1 -3.90 -0.55 3.16
C ARG A 1 -4.78 -1.78 2.88
N VAL A 2 -6.10 -1.61 2.95
CA VAL A 2 -7.10 -2.67 2.69
C VAL A 2 -7.13 -3.10 1.21
N ALA A 3 -7.48 -4.36 0.93
CA ALA A 3 -7.70 -4.84 -0.44
C ALA A 3 -8.93 -4.18 -1.09
N GLU A 4 -8.81 -3.74 -2.34
CA GLU A 4 -9.92 -3.20 -3.15
C GLU A 4 -10.99 -4.26 -3.51
N ASN A 5 -10.64 -5.54 -3.38
CA ASN A 5 -11.55 -6.69 -3.47
C ASN A 5 -11.38 -7.57 -2.21
N ARG A 6 -11.62 -7.00 -1.03
CA ARG A 6 -11.62 -7.69 0.28
C ARG A 6 -12.82 -8.66 0.43
N PRO A 7 -12.75 -9.65 1.35
CA PRO A 7 -13.89 -10.49 1.73
C PRO A 7 -15.15 -9.66 2.01
N GLY A 8 -16.23 -9.96 1.27
CA GLY A 8 -17.48 -9.20 1.19
C GLY A 8 -17.75 -8.63 -0.21
N ALA A 9 -16.74 -8.46 -1.06
CA ALA A 9 -16.87 -7.76 -2.35
C ALA A 9 -17.89 -8.42 -3.31
N PHE A 10 -18.75 -7.62 -3.93
CA PHE A 10 -19.70 -8.06 -4.96
C PHE A 10 -19.03 -8.67 -6.20
N ILE A 11 -19.71 -9.63 -6.83
CA ILE A 11 -19.38 -10.21 -8.15
C ILE A 11 -20.59 -10.00 -9.05
N LYS A 12 -20.55 -8.94 -9.86
CA LYS A 12 -21.63 -8.50 -10.76
C LYS A 12 -21.49 -9.12 -12.16
N GLN A 13 -21.99 -10.34 -12.32
CA GLN A 13 -22.14 -10.99 -13.64
C GLN A 13 -23.34 -10.43 -14.42
N GLY A 14 -24.36 -9.93 -13.71
CA GLY A 14 -25.59 -9.36 -14.28
C GLY A 14 -26.59 -10.42 -14.79
N ARG A 15 -26.42 -11.68 -14.35
CA ARG A 15 -27.29 -12.82 -14.64
C ARG A 15 -28.64 -12.68 -13.93
N LYS A 16 -29.74 -12.89 -14.66
CA LYS A 16 -31.12 -12.83 -14.14
C LYS A 16 -31.46 -14.11 -13.34
N LEU A 17 -31.39 -14.01 -12.01
CA LEU A 17 -31.63 -15.11 -11.06
C LEU A 17 -33.13 -15.43 -10.91
N ASP A 18 -33.44 -16.48 -10.14
CA ASP A 18 -34.79 -16.92 -9.76
C ASP A 18 -34.91 -17.01 -8.23
N ILE A 19 -35.39 -15.93 -7.61
CA ILE A 19 -35.60 -15.75 -6.17
C ILE A 19 -36.98 -15.12 -5.95
N ASP A 20 -37.75 -15.64 -4.99
CA ASP A 20 -38.99 -15.01 -4.52
C ASP A 20 -38.64 -13.97 -3.44
N PHE A 21 -38.61 -12.71 -3.83
CA PHE A 21 -38.49 -11.53 -2.97
C PHE A 21 -39.83 -11.15 -2.32
N GLY A 22 -40.92 -11.32 -3.08
CA GLY A 22 -42.28 -10.85 -2.81
C GLY A 22 -42.81 -9.99 -3.96
N ALA A 23 -44.11 -9.71 -4.03
CA ALA A 23 -44.77 -9.07 -5.18
C ALA A 23 -44.07 -7.79 -5.71
N GLU A 24 -43.71 -6.87 -4.82
CA GLU A 24 -42.95 -5.65 -5.10
C GLU A 24 -41.55 -5.96 -5.66
N GLY A 25 -40.78 -6.75 -4.92
CA GLY A 25 -39.37 -7.07 -5.20
C GLY A 25 -39.17 -7.94 -6.43
N ASN A 26 -40.06 -8.89 -6.68
CA ASN A 26 -40.11 -9.74 -7.88
C ASN A 26 -40.20 -8.85 -9.14
N ARG A 27 -41.17 -7.92 -9.16
CA ARG A 27 -41.34 -6.92 -10.23
C ARG A 27 -40.12 -6.03 -10.40
N TYR A 28 -39.58 -5.49 -9.30
CA TYR A 28 -38.39 -4.64 -9.30
C TYR A 28 -37.16 -5.36 -9.87
N TYR A 29 -36.81 -6.53 -9.34
CA TYR A 29 -35.69 -7.35 -9.79
C TYR A 29 -35.82 -7.71 -11.29
N ALA A 30 -36.97 -8.23 -11.73
CA ALA A 30 -37.25 -8.54 -13.14
C ALA A 30 -36.92 -7.39 -14.11
N ALA A 31 -37.06 -6.13 -13.68
CA ALA A 31 -36.75 -4.92 -14.42
C ALA A 31 -35.31 -4.36 -14.21
N ASN A 32 -34.66 -4.64 -13.06
CA ASN A 32 -33.39 -4.00 -12.64
C ASN A 32 -32.22 -4.95 -12.31
N TYR A 33 -32.36 -6.26 -12.56
CA TYR A 33 -31.40 -7.34 -12.25
C TYR A 33 -29.93 -7.04 -12.62
N TRP A 34 -29.71 -6.33 -13.74
CA TRP A 34 -28.39 -5.89 -14.23
C TRP A 34 -27.51 -5.17 -13.18
N GLN A 35 -28.12 -4.39 -12.26
CA GLN A 35 -27.41 -3.67 -11.20
C GLN A 35 -26.83 -4.56 -10.10
N PHE A 36 -27.53 -5.65 -9.77
CA PHE A 36 -27.30 -6.52 -8.62
C PHE A 36 -26.05 -7.44 -8.73
N PRO A 37 -25.50 -7.87 -7.57
CA PRO A 37 -24.46 -8.89 -7.51
C PRO A 37 -25.09 -10.28 -7.79
N ASP A 38 -24.43 -11.08 -8.62
CA ASP A 38 -24.76 -12.49 -8.87
C ASP A 38 -24.09 -13.42 -7.83
N GLY A 39 -22.86 -13.09 -7.43
CA GLY A 39 -22.10 -13.74 -6.37
C GLY A 39 -21.47 -12.72 -5.41
N ILE A 40 -20.85 -13.23 -4.34
CA ILE A 40 -20.11 -12.45 -3.34
C ILE A 40 -18.81 -13.19 -3.02
N TYR A 41 -17.67 -12.51 -3.19
CA TYR A 41 -16.35 -12.99 -2.81
C TYR A 41 -16.22 -12.98 -1.28
N TYR A 42 -16.27 -14.15 -0.64
CA TYR A 42 -16.14 -14.29 0.81
C TYR A 42 -15.55 -15.66 1.22
N GLU A 43 -14.74 -15.68 2.28
CA GLU A 43 -14.02 -16.85 2.78
C GLU A 43 -14.19 -16.96 4.32
N GLY A 44 -15.31 -17.57 4.72
CA GLY A 44 -15.72 -17.73 6.12
C GLY A 44 -15.09 -18.94 6.82
N CYS A 45 -15.29 -20.14 6.25
CA CYS A 45 -14.84 -21.42 6.80
C CYS A 45 -13.31 -21.56 6.90
N SER A 46 -12.87 -22.21 7.97
CA SER A 46 -11.47 -22.51 8.30
C SER A 46 -11.35 -23.86 9.02
N GLU A 47 -12.10 -24.04 10.10
CA GLU A 47 -12.17 -25.25 10.94
C GLU A 47 -13.62 -25.59 11.38
N ALA A 48 -13.85 -26.83 11.81
CA ALA A 48 -15.15 -27.41 12.17
C ALA A 48 -15.99 -26.57 13.18
N ASN A 49 -15.34 -25.80 14.05
CA ASN A 49 -15.99 -24.89 15.00
C ASN A 49 -16.81 -23.77 14.31
N VAL A 50 -16.42 -23.33 13.11
CA VAL A 50 -17.19 -22.37 12.28
C VAL A 50 -18.45 -23.05 11.75
N THR A 51 -19.62 -22.62 12.20
CA THR A 51 -20.93 -23.19 11.77
C THR A 51 -21.50 -22.46 10.55
N LYS A 52 -22.61 -22.99 9.98
CA LYS A 52 -23.39 -22.28 8.95
C LYS A 52 -23.98 -20.97 9.48
N GLU A 53 -24.61 -21.00 10.65
CA GLU A 53 -25.15 -19.82 11.33
C GLU A 53 -24.09 -18.71 11.50
N MET A 54 -22.88 -19.07 11.94
CA MET A 54 -21.71 -18.19 11.95
C MET A 54 -21.40 -17.64 10.55
N LEU A 55 -21.15 -18.50 9.55
CA LEU A 55 -20.75 -18.10 8.21
C LEU A 55 -21.74 -17.17 7.50
N VAL A 56 -23.02 -17.55 7.42
CA VAL A 56 -24.08 -16.80 6.73
C VAL A 56 -24.19 -15.37 7.30
N THR A 57 -24.24 -15.24 8.63
CA THR A 57 -24.25 -13.96 9.36
C THR A 57 -22.98 -13.14 9.10
N SER A 58 -21.81 -13.77 9.24
CA SER A 58 -20.49 -13.14 8.99
C SER A 58 -20.34 -12.64 7.54
N CYS A 59 -20.87 -13.39 6.56
CA CYS A 59 -20.96 -13.00 5.15
C CYS A 59 -21.78 -11.70 4.96
N VAL A 60 -22.98 -11.59 5.54
CA VAL A 60 -23.78 -10.34 5.54
C VAL A 60 -23.00 -9.17 6.15
N ASN A 61 -22.31 -9.37 7.26
CA ASN A 61 -21.42 -8.39 7.90
C ASN A 61 -20.23 -7.98 7.00
N ALA A 62 -19.53 -8.95 6.40
CA ALA A 62 -18.44 -8.71 5.47
C ALA A 62 -18.90 -7.91 4.23
N THR A 63 -20.04 -8.29 3.66
CA THR A 63 -20.68 -7.61 2.51
C THR A 63 -20.92 -6.13 2.80
N GLN A 64 -21.51 -5.79 3.96
CA GLN A 64 -21.65 -4.41 4.44
C GLN A 64 -20.30 -3.68 4.42
N ALA A 65 -19.30 -4.20 5.14
CA ALA A 65 -17.96 -3.63 5.28
C ALA A 65 -17.22 -3.41 3.95
N ALA A 66 -17.31 -4.37 3.02
CA ALA A 66 -16.71 -4.30 1.69
C ALA A 66 -17.35 -3.27 0.76
N ASN A 67 -18.69 -3.18 0.73
CA ASN A 67 -19.45 -2.39 -0.26
C ASN A 67 -20.21 -1.21 0.38
N GLN A 68 -19.58 -0.57 1.38
CA GLN A 68 -20.12 0.58 2.13
C GLN A 68 -20.66 1.69 1.21
N ALA A 69 -19.81 2.13 0.27
CA ALA A 69 -20.12 3.16 -0.72
C ALA A 69 -21.43 2.87 -1.49
N GLU A 70 -21.57 1.67 -2.06
CA GLU A 70 -22.74 1.24 -2.84
C GLU A 70 -24.06 1.33 -2.05
N PHE A 71 -24.07 0.82 -0.81
CA PHE A 71 -25.23 0.96 0.09
C PHE A 71 -25.53 2.44 0.39
N SER A 72 -24.56 3.18 0.94
CA SER A 72 -24.70 4.58 1.36
C SER A 72 -25.16 5.53 0.24
N ARG A 73 -24.49 5.51 -0.92
CA ARG A 73 -24.78 6.42 -2.06
C ARG A 73 -26.21 6.30 -2.57
N GLU A 74 -26.69 5.07 -2.76
CA GLU A 74 -28.08 4.78 -3.11
C GLU A 74 -29.07 5.18 -1.99
N LYS A 75 -28.86 4.74 -0.75
CA LYS A 75 -29.73 4.92 0.42
C LYS A 75 -30.22 6.36 0.66
N GLN A 76 -29.47 7.38 0.20
CA GLN A 76 -29.89 8.79 0.21
C GLN A 76 -31.25 9.05 -0.47
N ASP A 77 -31.60 8.26 -1.50
CA ASP A 77 -32.82 8.41 -2.32
C ASP A 77 -33.53 7.06 -2.58
N SER A 78 -32.78 6.01 -2.92
CA SER A 78 -33.25 4.66 -3.22
C SER A 78 -33.95 3.99 -2.02
N LYS A 79 -35.09 3.34 -2.28
CA LYS A 79 -35.98 2.73 -1.27
C LYS A 79 -36.14 1.22 -1.49
N LEU A 80 -36.93 0.81 -2.48
CA LEU A 80 -37.23 -0.60 -2.77
C LEU A 80 -35.97 -1.43 -3.06
N HIS A 81 -34.97 -0.87 -3.75
CA HIS A 81 -33.73 -1.59 -4.09
C HIS A 81 -33.08 -2.26 -2.89
N GLN A 82 -32.93 -1.56 -1.77
CA GLN A 82 -32.33 -2.07 -0.53
C GLN A 82 -32.97 -3.39 -0.08
N ARG A 83 -34.32 -3.42 0.05
CA ARG A 83 -35.10 -4.62 0.44
C ARG A 83 -34.75 -5.84 -0.43
N VAL A 84 -34.86 -5.68 -1.75
CA VAL A 84 -34.55 -6.69 -2.78
C VAL A 84 -33.08 -7.13 -2.69
N LEU A 85 -32.15 -6.17 -2.72
CA LEU A 85 -30.70 -6.36 -2.64
C LEU A 85 -30.29 -7.16 -1.39
N TRP A 86 -30.75 -6.80 -0.20
CA TRP A 86 -30.49 -7.53 1.04
C TRP A 86 -31.02 -8.97 1.04
N ARG A 87 -32.23 -9.20 0.55
CA ARG A 87 -32.76 -10.56 0.30
C ARG A 87 -31.84 -11.36 -0.63
N LEU A 88 -31.39 -10.78 -1.74
CA LEU A 88 -30.42 -11.37 -2.67
C LEU A 88 -29.09 -11.72 -1.96
N ILE A 89 -28.45 -10.76 -1.30
CA ILE A 89 -27.23 -10.94 -0.48
C ILE A 89 -27.41 -12.11 0.50
N LYS A 90 -28.48 -12.12 1.29
CA LYS A 90 -28.80 -13.21 2.23
C LYS A 90 -28.96 -14.56 1.53
N GLU A 91 -29.66 -14.66 0.41
CA GLU A 91 -29.72 -15.88 -0.40
C GLU A 91 -28.33 -16.36 -0.86
N ILE A 92 -27.47 -15.48 -1.37
CA ILE A 92 -26.06 -15.78 -1.68
C ILE A 92 -25.33 -16.32 -0.44
N CYS A 93 -25.33 -15.59 0.67
CA CYS A 93 -24.70 -16.00 1.92
C CYS A 93 -25.22 -17.37 2.41
N SER A 94 -26.54 -17.58 2.43
CA SER A 94 -27.22 -18.84 2.78
C SER A 94 -26.79 -20.04 1.93
N ALA A 95 -26.55 -19.84 0.63
CA ALA A 95 -26.09 -20.88 -0.29
C ALA A 95 -24.66 -21.41 0.02
N LYS A 96 -23.79 -20.59 0.63
CA LYS A 96 -22.39 -20.93 0.95
C LYS A 96 -22.30 -22.15 1.88
N HIS A 97 -21.63 -23.21 1.41
CA HIS A 97 -21.51 -24.53 2.05
C HIS A 97 -20.05 -24.99 2.23
N CYS A 98 -19.76 -25.73 3.31
CA CYS A 98 -18.42 -26.21 3.66
C CYS A 98 -18.42 -27.71 3.94
N ASP A 99 -17.50 -28.45 3.30
CA ASP A 99 -17.41 -29.92 3.32
C ASP A 99 -17.26 -30.50 4.74
N PHE A 100 -16.52 -29.83 5.62
CA PHE A 100 -16.26 -30.28 6.98
C PHE A 100 -17.46 -30.24 7.95
N TRP A 101 -18.55 -29.52 7.61
CA TRP A 101 -19.75 -29.43 8.46
C TRP A 101 -20.39 -30.81 8.71
N LEU A 102 -20.46 -31.20 9.99
CA LEU A 102 -20.83 -32.53 10.45
C LEU A 102 -22.34 -32.82 10.30
N GLU A 103 -22.69 -34.09 10.13
CA GLU A 103 -24.07 -34.61 10.10
C GLU A 103 -24.17 -35.95 10.85
N ARG A 104 -23.49 -36.98 10.34
CA ARG A 104 -23.45 -38.37 10.87
C ARG A 104 -22.02 -38.87 11.19
N GLY A 105 -21.03 -37.99 11.08
CA GLY A 105 -19.61 -38.23 11.31
C GLY A 105 -18.77 -36.96 11.09
N ALA A 106 -17.46 -37.04 11.39
CA ALA A 106 -16.48 -35.98 11.20
C ALA A 106 -15.79 -36.03 9.82
N ALA A 107 -14.84 -35.10 9.58
CA ALA A 107 -14.04 -34.96 8.36
C ALA A 107 -12.55 -34.67 8.66
N ARG A 1 4.42 1.55 -3.68
CA ARG A 1 4.03 2.07 -2.35
C ARG A 1 3.25 1.01 -1.55
N VAL A 2 3.28 1.10 -0.23
CA VAL A 2 2.44 0.29 0.70
C VAL A 2 0.94 0.55 0.49
N ALA A 3 0.09 -0.41 0.85
CA ALA A 3 -1.36 -0.26 0.88
C ALA A 3 -1.80 0.91 1.79
N GLU A 4 -2.88 1.60 1.40
CA GLU A 4 -3.48 2.72 2.14
C GLU A 4 -4.46 2.29 3.25
N ASN A 5 -4.92 1.03 3.19
CA ASN A 5 -5.86 0.41 4.12
C ASN A 5 -5.27 -0.92 4.65
N ARG A 6 -4.18 -0.77 5.41
CA ARG A 6 -3.42 -1.83 6.09
C ARG A 6 -4.25 -2.48 7.21
N PRO A 7 -4.15 -3.80 7.47
CA PRO A 7 -4.75 -4.42 8.66
C PRO A 7 -4.28 -3.70 9.94
N GLY A 8 -5.21 -3.08 10.67
CA GLY A 8 -4.97 -2.18 11.79
C GLY A 8 -5.36 -0.71 11.52
N ALA A 9 -5.59 -0.31 10.26
CA ALA A 9 -5.79 1.10 9.88
C ALA A 9 -7.02 1.74 10.54
N PHE A 10 -6.84 2.96 11.05
CA PHE A 10 -7.90 3.83 11.56
C PHE A 10 -8.98 4.13 10.50
N ILE A 11 -10.23 4.25 10.94
CA ILE A 11 -11.37 4.74 10.15
C ILE A 11 -11.93 5.96 10.88
N LYS A 12 -11.87 7.11 10.20
CA LYS A 12 -12.26 8.44 10.72
C LYS A 12 -13.44 9.00 9.93
N GLN A 13 -14.63 8.53 10.28
CA GLN A 13 -15.93 9.03 9.80
C GLN A 13 -16.27 10.38 10.46
N GLY A 14 -16.02 10.49 11.78
CA GLY A 14 -16.30 11.66 12.60
C GLY A 14 -17.57 11.44 13.43
N ARG A 15 -17.50 10.51 14.39
CA ARG A 15 -18.61 9.97 15.18
C ARG A 15 -18.23 9.90 16.66
N LYS A 16 -18.84 10.75 17.48
CA LYS A 16 -18.59 10.89 18.93
C LYS A 16 -19.14 9.67 19.70
N LEU A 17 -18.26 8.97 20.42
CA LEU A 17 -18.55 7.73 21.15
C LEU A 17 -18.88 7.98 22.64
N ASP A 18 -19.21 6.91 23.38
CA ASP A 18 -19.54 6.90 24.81
C ASP A 18 -18.68 5.88 25.58
N ILE A 19 -17.52 6.34 26.06
CA ILE A 19 -16.48 5.58 26.77
C ILE A 19 -16.02 6.38 27.99
N ASP A 20 -15.97 5.74 29.16
CA ASP A 20 -15.41 6.33 30.39
C ASP A 20 -13.92 6.03 30.51
N PHE A 21 -13.09 6.87 29.89
CA PHE A 21 -11.64 6.92 30.00
C PHE A 21 -11.18 7.25 31.43
N GLY A 22 -11.87 8.21 32.06
CA GLY A 22 -11.54 8.87 33.33
C GLY A 22 -11.70 10.39 33.17
N ALA A 23 -11.95 11.14 34.24
CA ALA A 23 -12.34 12.56 34.23
C ALA A 23 -11.61 13.44 33.21
N GLU A 24 -10.27 13.51 33.28
CA GLU A 24 -9.43 14.31 32.38
C GLU A 24 -9.46 13.79 30.92
N GLY A 25 -9.38 12.48 30.72
CA GLY A 25 -9.46 11.83 29.40
C GLY A 25 -10.83 11.97 28.72
N ASN A 26 -11.92 11.87 29.49
CA ASN A 26 -13.30 12.14 29.06
C ASN A 26 -13.42 13.56 28.50
N ARG A 27 -12.91 14.55 29.24
CA ARG A 27 -12.86 15.97 28.85
C ARG A 27 -12.06 16.15 27.56
N TYR A 28 -10.89 15.53 27.47
CA TYR A 28 -10.03 15.56 26.28
C TYR A 28 -10.74 14.99 25.04
N TYR A 29 -11.27 13.77 25.11
CA TYR A 29 -12.05 13.15 24.04
C TYR A 29 -13.25 14.01 23.63
N ALA A 30 -14.09 14.46 24.57
CA ALA A 30 -15.25 15.31 24.32
C ALA A 30 -14.93 16.57 23.49
N ALA A 31 -13.76 17.17 23.69
CA ALA A 31 -13.25 18.33 22.95
C ALA A 31 -12.49 17.99 21.64
N ASN A 32 -11.92 16.78 21.50
CA ASN A 32 -11.00 16.42 20.42
C ASN A 32 -11.36 15.17 19.59
N TYR A 33 -12.56 14.59 19.75
CA TYR A 33 -13.03 13.36 19.07
C TYR A 33 -12.84 13.33 17.54
N TRP A 34 -12.84 14.49 16.88
CA TRP A 34 -12.52 14.68 15.47
C TRP A 34 -11.15 14.08 15.04
N GLN A 35 -10.12 14.13 15.91
CA GLN A 35 -8.80 13.53 15.65
C GLN A 35 -8.83 11.99 15.67
N PHE A 36 -9.57 11.42 16.62
CA PHE A 36 -9.58 9.99 16.96
C PHE A 36 -10.25 9.09 15.90
N PRO A 37 -9.87 7.79 15.84
CA PRO A 37 -10.57 6.78 15.04
C PRO A 37 -11.90 6.40 15.72
N ASP A 38 -13.00 6.37 14.96
CA ASP A 38 -14.28 5.81 15.44
C ASP A 38 -14.45 4.34 15.05
N GLY A 39 -13.86 3.92 13.92
CA GLY A 39 -13.72 2.52 13.51
C GLY A 39 -12.25 2.13 13.31
N ILE A 40 -11.97 0.82 13.23
CA ILE A 40 -10.65 0.26 12.87
C ILE A 40 -10.86 -0.89 11.90
N TYR A 41 -10.21 -0.80 10.73
CA TYR A 41 -10.12 -1.87 9.74
C TYR A 41 -9.16 -2.95 10.22
N TYR A 42 -9.66 -4.16 10.50
CA TYR A 42 -8.84 -5.31 10.90
C TYR A 42 -9.52 -6.65 10.53
N GLU A 43 -8.73 -7.70 10.33
CA GLU A 43 -9.17 -9.03 9.84
C GLU A 43 -8.68 -10.14 10.79
N GLY A 44 -9.12 -10.05 12.06
CA GLY A 44 -8.70 -10.92 13.16
C GLY A 44 -9.28 -12.34 13.13
N CYS A 45 -10.50 -12.49 12.60
CA CYS A 45 -11.27 -13.74 12.58
C CYS A 45 -10.74 -14.74 11.54
N SER A 46 -9.60 -15.36 11.85
CA SER A 46 -8.95 -16.40 11.04
C SER A 46 -9.64 -17.77 11.20
N GLU A 47 -9.75 -18.25 12.45
CA GLU A 47 -10.18 -19.63 12.79
C GLU A 47 -10.80 -19.74 14.19
N ALA A 48 -11.66 -20.74 14.43
CA ALA A 48 -12.33 -20.98 15.70
C ALA A 48 -11.38 -21.08 16.93
N ASN A 49 -10.13 -21.49 16.72
CA ASN A 49 -9.08 -21.54 17.75
C ASN A 49 -8.67 -20.15 18.27
N VAL A 50 -8.75 -19.08 17.46
CA VAL A 50 -8.48 -17.70 17.90
C VAL A 50 -9.55 -17.26 18.91
N THR A 51 -9.14 -16.82 20.10
CA THR A 51 -10.04 -16.36 21.17
C THR A 51 -10.26 -14.85 21.10
N LYS A 52 -11.18 -14.30 21.90
CA LYS A 52 -11.31 -12.85 22.07
C LYS A 52 -10.00 -12.25 22.58
N GLU A 53 -9.45 -12.78 23.67
CA GLU A 53 -8.16 -12.35 24.23
C GLU A 53 -7.05 -12.26 23.18
N MET A 54 -6.87 -13.32 22.37
CA MET A 54 -5.95 -13.32 21.22
C MET A 54 -6.32 -12.25 20.17
N LEU A 55 -7.59 -12.16 19.74
CA LEU A 55 -8.03 -11.18 18.74
C LEU A 55 -7.78 -9.74 19.18
N VAL A 56 -8.21 -9.33 20.38
CA VAL A 56 -8.04 -7.97 20.92
C VAL A 56 -6.56 -7.59 20.99
N THR A 57 -5.71 -8.47 21.55
CA THR A 57 -4.24 -8.32 21.59
C THR A 57 -3.66 -8.15 20.18
N SER A 58 -3.99 -9.04 19.25
CA SER A 58 -3.52 -9.00 17.86
C SER A 58 -3.99 -7.74 17.11
N CYS A 59 -5.23 -7.30 17.32
CA CYS A 59 -5.80 -6.05 16.83
C CYS A 59 -5.01 -4.82 17.29
N VAL A 60 -4.71 -4.70 18.59
CA VAL A 60 -3.82 -3.67 19.16
C VAL A 60 -2.44 -3.69 18.47
N ASN A 61 -1.82 -4.87 18.33
CA ASN A 61 -0.55 -5.06 17.60
C ASN A 61 -0.62 -4.65 16.12
N ALA A 62 -1.68 -5.03 15.39
CA ALA A 62 -1.92 -4.61 14.01
C ALA A 62 -2.07 -3.08 13.91
N THR A 63 -2.88 -2.50 14.80
CA THR A 63 -3.10 -1.04 14.90
C THR A 63 -1.79 -0.27 15.06
N GLN A 64 -0.92 -0.67 16.00
CA GLN A 64 0.45 -0.15 16.17
C GLN A 64 1.20 -0.06 14.83
N ALA A 65 1.39 -1.20 14.17
CA ALA A 65 2.09 -1.33 12.89
C ALA A 65 1.49 -0.43 11.77
N ALA A 66 0.17 -0.38 11.66
CA ALA A 66 -0.53 0.37 10.62
C ALA A 66 -0.54 1.91 10.80
N ASN A 67 -0.53 2.43 12.03
CA ASN A 67 -0.74 3.87 12.31
C ASN A 67 0.40 4.52 13.13
N GLN A 68 1.65 4.13 12.84
CA GLN A 68 2.87 4.48 13.57
C GLN A 68 3.06 5.98 13.84
N ALA A 69 2.74 6.84 12.87
CA ALA A 69 2.93 8.30 12.93
C ALA A 69 2.35 8.94 14.21
N GLU A 70 1.04 8.79 14.46
CA GLU A 70 0.36 9.35 15.65
C GLU A 70 0.89 8.77 16.97
N PHE A 71 1.41 7.55 16.96
CA PHE A 71 2.04 6.89 18.12
C PHE A 71 3.52 7.28 18.33
N SER A 72 4.09 8.15 17.49
CA SER A 72 5.54 8.45 17.44
C SER A 72 5.83 9.95 17.41
N ARG A 73 5.33 10.68 16.40
CA ARG A 73 5.64 12.09 16.14
C ARG A 73 5.22 13.02 17.27
N GLU A 74 3.97 12.92 17.70
CA GLU A 74 3.38 13.81 18.73
C GLU A 74 3.53 13.30 20.18
N LYS A 75 3.67 11.98 20.37
CA LYS A 75 3.71 11.23 21.64
C LYS A 75 4.39 11.95 22.82
N GLN A 76 5.61 12.44 22.61
CA GLN A 76 6.47 13.08 23.63
C GLN A 76 5.77 14.26 24.33
N ASP A 77 5.13 15.15 23.56
CA ASP A 77 4.32 16.27 24.05
C ASP A 77 2.88 15.84 24.37
N SER A 78 2.24 15.14 23.43
CA SER A 78 0.82 14.75 23.40
C SER A 78 0.52 13.51 24.27
N LYS A 79 0.99 13.54 25.53
CA LYS A 79 0.96 12.42 26.49
C LYS A 79 -0.46 11.89 26.74
N LEU A 80 -1.38 12.76 27.15
CA LEU A 80 -2.80 12.44 27.38
C LEU A 80 -3.46 11.81 26.15
N HIS A 81 -3.22 12.35 24.95
CA HIS A 81 -3.77 11.82 23.70
C HIS A 81 -3.48 10.33 23.57
N GLN A 82 -2.22 9.90 23.73
CA GLN A 82 -1.82 8.49 23.70
C GLN A 82 -2.66 7.62 24.65
N ARG A 83 -2.80 8.02 25.92
CA ARG A 83 -3.56 7.26 26.94
C ARG A 83 -5.02 7.02 26.51
N VAL A 84 -5.72 8.10 26.19
CA VAL A 84 -7.12 8.10 25.71
C VAL A 84 -7.25 7.29 24.41
N LEU A 85 -6.39 7.55 23.42
CA LEU A 85 -6.32 6.88 22.12
C LEU A 85 -6.13 5.36 22.26
N TRP A 86 -5.17 4.88 23.06
CA TRP A 86 -4.98 3.45 23.34
C TRP A 86 -6.17 2.79 24.02
N ARG A 87 -6.78 3.42 25.03
CA ARG A 87 -8.04 2.95 25.62
C ARG A 87 -9.13 2.80 24.55
N LEU A 88 -9.34 3.82 23.73
CA LEU A 88 -10.28 3.80 22.60
C LEU A 88 -10.01 2.65 21.61
N ILE A 89 -8.76 2.50 21.14
CA ILE A 89 -8.33 1.38 20.29
C ILE A 89 -8.71 0.04 20.93
N LYS A 90 -8.38 -0.18 22.21
CA LYS A 90 -8.75 -1.39 22.97
C LYS A 90 -10.28 -1.60 23.04
N GLU A 91 -11.06 -0.57 23.34
CA GLU A 91 -12.54 -0.62 23.27
C GLU A 91 -13.04 -1.10 21.89
N ILE A 92 -12.56 -0.50 20.79
CA ILE A 92 -12.88 -0.91 19.41
C ILE A 92 -12.47 -2.38 19.15
N CYS A 93 -11.22 -2.74 19.47
CA CYS A 93 -10.71 -4.10 19.32
C CYS A 93 -11.53 -5.14 20.11
N SER A 94 -11.94 -4.82 21.34
CA SER A 94 -12.89 -5.59 22.17
C SER A 94 -14.28 -5.72 21.53
N ALA A 95 -14.81 -4.61 21.00
CA ALA A 95 -16.15 -4.52 20.40
C ALA A 95 -16.35 -5.46 19.19
N LYS A 96 -15.42 -5.47 18.23
CA LYS A 96 -15.43 -6.42 17.08
C LYS A 96 -15.34 -7.88 17.55
N HIS A 97 -16.09 -8.79 16.93
CA HIS A 97 -16.25 -10.21 17.30
C HIS A 97 -16.23 -11.14 16.07
N CYS A 98 -16.12 -12.45 16.30
CA CYS A 98 -16.19 -13.50 15.27
C CYS A 98 -17.44 -14.37 15.44
N ASP A 99 -18.19 -14.58 14.35
CA ASP A 99 -19.42 -15.39 14.32
C ASP A 99 -19.19 -16.86 14.75
N PHE A 100 -18.05 -17.44 14.37
CA PHE A 100 -17.67 -18.83 14.66
C PHE A 100 -17.36 -19.14 16.14
N TRP A 101 -17.21 -18.12 17.01
CA TRP A 101 -16.88 -18.32 18.43
C TRP A 101 -17.90 -19.18 19.18
N LEU A 102 -17.38 -20.03 20.07
CA LEU A 102 -18.09 -21.11 20.78
C LEU A 102 -17.63 -21.24 22.24
N GLU A 103 -18.47 -21.85 23.08
CA GLU A 103 -18.28 -21.98 24.53
C GLU A 103 -17.04 -22.83 24.89
N ARG A 104 -16.96 -24.05 24.34
CA ARG A 104 -15.87 -25.03 24.57
C ARG A 104 -15.45 -25.73 23.27
N GLY A 105 -16.24 -26.69 22.81
CA GLY A 105 -15.94 -27.57 21.67
C GLY A 105 -17.04 -28.59 21.38
N ALA A 106 -17.23 -29.55 22.29
CA ALA A 106 -18.20 -30.65 22.20
C ALA A 106 -18.86 -30.99 23.55
N ALA A 107 -20.00 -31.68 23.50
CA ALA A 107 -20.81 -32.12 24.65
C ALA A 107 -21.40 -33.54 24.44
N ARG A 1 4.90 2.15 -11.17
CA ARG A 1 5.40 3.00 -10.06
C ARG A 1 6.63 2.40 -9.39
N VAL A 2 7.28 3.15 -8.50
CA VAL A 2 8.35 2.67 -7.59
C VAL A 2 7.80 1.62 -6.63
N ALA A 3 8.54 0.53 -6.41
CA ALA A 3 8.23 -0.49 -5.43
C ALA A 3 8.47 0.00 -3.98
N GLU A 4 7.48 -0.19 -3.12
CA GLU A 4 7.51 0.07 -1.67
C GLU A 4 8.53 -0.79 -0.89
N ASN A 5 9.00 -1.88 -1.51
CA ASN A 5 10.03 -2.78 -1.01
C ASN A 5 11.03 -3.13 -2.14
N ARG A 6 11.66 -2.07 -2.67
CA ARG A 6 12.76 -2.10 -3.66
C ARG A 6 14.09 -2.62 -3.05
N PRO A 7 14.98 -3.25 -3.82
CA PRO A 7 16.26 -3.75 -3.32
C PRO A 7 17.14 -2.59 -2.79
N GLY A 8 17.47 -2.65 -1.50
CA GLY A 8 18.11 -1.60 -0.71
C GLY A 8 17.23 -1.07 0.45
N ALA A 9 15.92 -1.33 0.44
CA ALA A 9 14.97 -0.73 1.39
C ALA A 9 15.26 -1.05 2.87
N PHE A 10 15.23 -0.03 3.72
CA PHE A 10 15.32 -0.14 5.18
C PHE A 10 14.22 -1.02 5.79
N ILE A 11 14.56 -1.79 6.83
CA ILE A 11 13.63 -2.54 7.69
C ILE A 11 13.81 -2.04 9.13
N LYS A 12 12.97 -1.09 9.52
CA LYS A 12 12.92 -0.50 10.86
C LYS A 12 12.03 -1.35 11.77
N GLN A 13 12.55 -1.83 12.90
CA GLN A 13 11.89 -2.80 13.79
C GLN A 13 11.70 -2.26 15.22
N GLY A 14 12.71 -1.56 15.76
CA GLY A 14 12.81 -1.15 17.16
C GLY A 14 13.53 -2.21 18.01
N ARG A 15 14.61 -2.78 17.46
CA ARG A 15 15.36 -3.94 17.99
C ARG A 15 16.82 -3.55 18.25
N LYS A 16 17.07 -2.97 19.43
CA LYS A 16 18.33 -2.36 19.87
C LYS A 16 19.52 -3.32 19.74
N LEU A 17 20.44 -3.03 18.81
CA LEU A 17 21.60 -3.85 18.43
C LEU A 17 22.82 -3.59 19.34
N ASP A 18 23.91 -4.32 19.07
CA ASP A 18 25.22 -4.19 19.74
C ASP A 18 26.36 -4.06 18.70
N ILE A 19 26.68 -2.82 18.36
CA ILE A 19 27.73 -2.38 17.41
C ILE A 19 28.52 -1.24 18.05
N ASP A 20 29.86 -1.25 17.88
CA ASP A 20 30.70 -0.12 18.24
C ASP A 20 30.77 0.88 17.08
N PHE A 21 30.18 2.06 17.29
CA PHE A 21 30.19 3.24 16.42
C PHE A 21 31.24 4.30 16.85
N GLY A 22 31.93 4.04 17.96
CA GLY A 22 32.79 5.01 18.67
C GLY A 22 31.97 5.79 19.69
N ALA A 23 32.59 6.29 20.77
CA ALA A 23 31.93 6.87 21.95
C ALA A 23 30.71 7.79 21.67
N GLU A 24 30.91 8.84 20.85
CA GLU A 24 29.86 9.80 20.47
C GLU A 24 28.70 9.13 19.70
N GLY A 25 29.02 8.27 18.74
CA GLY A 25 28.05 7.48 17.96
C GLY A 25 27.30 6.43 18.80
N ASN A 26 27.99 5.76 19.72
CA ASN A 26 27.42 4.80 20.68
C ASN A 26 26.33 5.46 21.52
N ARG A 27 26.62 6.64 22.09
CA ARG A 27 25.66 7.47 22.84
C ARG A 27 24.44 7.83 21.99
N TYR A 28 24.67 8.26 20.74
CA TYR A 28 23.62 8.61 19.79
C TYR A 28 22.69 7.42 19.48
N TYR A 29 23.25 6.26 19.07
CA TYR A 29 22.49 5.03 18.83
C TYR A 29 21.69 4.60 20.07
N ALA A 30 22.33 4.49 21.23
CA ALA A 30 21.69 4.11 22.50
C ALA A 30 20.41 4.92 22.82
N ALA A 31 20.40 6.21 22.48
CA ALA A 31 19.26 7.12 22.63
C ALA A 31 18.25 7.13 21.44
N ASN A 32 18.69 6.83 20.21
CA ASN A 32 17.91 7.04 18.98
C ASN A 32 17.68 5.78 18.09
N TYR A 33 18.03 4.57 18.56
CA TYR A 33 17.95 3.30 17.82
C TYR A 33 16.63 3.05 17.08
N TRP A 34 15.50 3.47 17.66
CA TRP A 34 14.16 3.42 17.06
C TRP A 34 14.07 3.98 15.61
N GLN A 35 14.86 5.00 15.27
CA GLN A 35 14.94 5.60 13.93
C GLN A 35 15.62 4.72 12.87
N PHE A 36 16.58 3.89 13.28
CA PHE A 36 17.49 3.15 12.41
C PHE A 36 16.90 1.89 11.75
N PRO A 37 17.43 1.49 10.57
CA PRO A 37 17.13 0.21 9.93
C PRO A 37 17.83 -0.93 10.67
N ASP A 38 17.09 -1.69 11.48
CA ASP A 38 17.61 -2.87 12.20
C ASP A 38 17.94 -4.04 11.24
N GLY A 39 17.31 -4.05 10.05
CA GLY A 39 17.60 -4.91 8.90
C GLY A 39 17.52 -4.12 7.59
N ILE A 40 17.95 -4.73 6.48
CA ILE A 40 17.88 -4.15 5.12
C ILE A 40 17.41 -5.23 4.14
N TYR A 41 16.35 -4.96 3.39
CA TYR A 41 15.88 -5.78 2.28
C TYR A 41 16.81 -5.61 1.08
N TYR A 42 17.65 -6.61 0.78
CA TYR A 42 18.53 -6.62 -0.40
C TYR A 42 18.88 -8.05 -0.83
N GLU A 43 18.94 -8.27 -2.14
CA GLU A 43 19.29 -9.55 -2.79
C GLU A 43 20.55 -9.37 -3.65
N GLY A 44 21.69 -9.70 -3.07
CA GLY A 44 23.02 -9.42 -3.62
C GLY A 44 23.52 -10.44 -4.64
N CYS A 45 23.81 -11.66 -4.18
CA CYS A 45 24.42 -12.69 -5.01
C CYS A 45 23.47 -13.26 -6.08
N SER A 46 24.02 -13.50 -7.29
CA SER A 46 23.31 -14.07 -8.45
C SER A 46 23.98 -15.33 -9.02
N GLU A 47 25.30 -15.47 -8.88
CA GLU A 47 26.12 -16.58 -9.39
C GLU A 47 27.30 -16.89 -8.47
N ALA A 48 27.78 -18.14 -8.42
CA ALA A 48 28.83 -18.61 -7.51
C ALA A 48 30.15 -17.80 -7.57
N ASN A 49 30.45 -17.16 -8.71
CA ASN A 49 31.62 -16.30 -8.92
C ASN A 49 31.61 -15.02 -8.06
N VAL A 50 30.43 -14.48 -7.71
CA VAL A 50 30.29 -13.22 -6.94
C VAL A 50 30.91 -13.33 -5.54
N THR A 51 31.65 -12.31 -5.12
CA THR A 51 32.42 -12.29 -3.87
C THR A 51 31.71 -11.51 -2.76
N LYS A 52 32.18 -11.64 -1.52
CA LYS A 52 31.74 -10.80 -0.40
C LYS A 52 32.02 -9.32 -0.69
N GLU A 53 33.23 -9.00 -1.14
CA GLU A 53 33.62 -7.65 -1.59
C GLU A 53 32.60 -7.04 -2.58
N MET A 54 32.23 -7.78 -3.64
CA MET A 54 31.15 -7.42 -4.56
C MET A 54 29.81 -7.22 -3.83
N LEU A 55 29.31 -8.22 -3.10
CA LEU A 55 28.02 -8.21 -2.40
C LEU A 55 27.88 -7.01 -1.45
N VAL A 56 28.82 -6.82 -0.52
CA VAL A 56 28.83 -5.76 0.51
C VAL A 56 28.81 -4.37 -0.13
N THR A 57 29.70 -4.12 -1.10
CA THR A 57 29.74 -2.86 -1.87
C THR A 57 28.44 -2.60 -2.61
N SER A 58 27.93 -3.59 -3.34
CA SER A 58 26.64 -3.51 -4.06
C SER A 58 25.46 -3.24 -3.13
N CYS A 59 25.43 -3.86 -1.95
CA CYS A 59 24.45 -3.62 -0.88
C CYS A 59 24.43 -2.15 -0.42
N VAL A 60 25.58 -1.56 -0.10
CA VAL A 60 25.70 -0.11 0.19
C VAL A 60 25.14 0.74 -0.96
N ASN A 61 25.56 0.48 -2.20
CA ASN A 61 25.06 1.14 -3.41
C ASN A 61 23.53 1.02 -3.59
N ALA A 62 22.95 -0.17 -3.41
CA ALA A 62 21.51 -0.41 -3.45
C ALA A 62 20.78 0.37 -2.36
N THR A 63 21.28 0.31 -1.12
CA THR A 63 20.76 1.05 0.05
C THR A 63 20.72 2.56 -0.23
N GLN A 64 21.82 3.15 -0.73
CA GLN A 64 21.89 4.55 -1.20
C GLN A 64 20.75 4.89 -2.16
N ALA A 65 20.65 4.19 -3.29
CA ALA A 65 19.63 4.36 -4.31
C ALA A 65 18.18 4.24 -3.78
N ALA A 66 17.92 3.25 -2.92
CA ALA A 66 16.61 2.97 -2.33
C ALA A 66 16.12 4.03 -1.33
N ASN A 67 16.99 4.57 -0.47
CA ASN A 67 16.62 5.42 0.67
C ASN A 67 17.20 6.86 0.57
N GLN A 68 17.20 7.41 -0.64
CA GLN A 68 17.69 8.76 -0.97
C GLN A 68 17.07 9.85 -0.07
N ALA A 69 15.75 9.80 0.14
CA ALA A 69 15.01 10.68 1.03
C ALA A 69 15.58 10.71 2.46
N GLU A 70 15.83 9.54 3.07
CA GLU A 70 16.40 9.41 4.41
C GLU A 70 17.80 10.06 4.50
N PHE A 71 18.69 9.76 3.55
CA PHE A 71 20.03 10.37 3.49
C PHE A 71 20.02 11.89 3.21
N SER A 72 18.96 12.41 2.59
CA SER A 72 18.71 13.86 2.46
C SER A 72 18.30 14.46 3.81
N ARG A 73 17.25 13.92 4.43
CA ARG A 73 16.67 14.31 5.74
C ARG A 73 17.70 14.29 6.88
N GLU A 74 18.24 13.10 7.16
CA GLU A 74 19.07 12.79 8.33
C GLU A 74 20.56 13.10 8.12
N LYS A 75 20.84 14.33 7.70
CA LYS A 75 22.18 14.83 7.37
C LYS A 75 22.36 16.31 7.67
N GLN A 76 21.47 17.16 7.16
CA GLN A 76 21.60 18.63 7.21
C GLN A 76 21.72 19.14 8.66
N ASP A 77 20.70 18.91 9.48
CA ASP A 77 20.74 19.14 10.94
C ASP A 77 21.39 17.94 11.67
N SER A 78 20.91 16.72 11.39
CA SER A 78 21.33 15.45 12.00
C SER A 78 22.69 14.94 11.48
N LYS A 79 23.75 15.76 11.57
CA LYS A 79 25.10 15.48 11.08
C LYS A 79 25.68 14.15 11.60
N LEU A 80 25.63 13.96 12.93
CA LEU A 80 26.09 12.74 13.62
C LEU A 80 25.38 11.47 13.13
N HIS A 81 24.09 11.54 12.77
CA HIS A 81 23.28 10.40 12.31
C HIS A 81 23.96 9.65 11.16
N GLN A 82 24.48 10.36 10.14
CA GLN A 82 25.19 9.77 8.99
C GLN A 82 26.27 8.76 9.41
N ARG A 83 27.24 9.15 10.26
CA ARG A 83 28.31 8.26 10.79
C ARG A 83 27.74 6.92 11.27
N VAL A 84 26.85 7.00 12.25
CA VAL A 84 26.22 5.86 12.93
C VAL A 84 25.42 5.00 11.94
N LEU A 85 24.56 5.64 11.14
CA LEU A 85 23.72 5.03 10.12
C LEU A 85 24.54 4.26 9.07
N TRP A 86 25.58 4.87 8.49
CA TRP A 86 26.49 4.20 7.55
C TRP A 86 27.25 3.03 8.16
N ARG A 87 27.80 3.19 9.37
CA ARG A 87 28.43 2.08 10.12
C ARG A 87 27.46 0.90 10.27
N LEU A 88 26.23 1.15 10.71
CA LEU A 88 25.16 0.15 10.79
C LEU A 88 24.86 -0.51 9.43
N ILE A 89 24.58 0.27 8.38
CA ILE A 89 24.35 -0.23 7.01
C ILE A 89 25.48 -1.17 6.57
N LYS A 90 26.74 -0.73 6.67
CA LYS A 90 27.93 -1.52 6.33
C LYS A 90 28.05 -2.80 7.16
N GLU A 91 27.84 -2.75 8.47
CA GLU A 91 27.75 -3.95 9.32
C GLU A 91 26.66 -4.94 8.84
N ILE A 92 25.44 -4.47 8.56
CA ILE A 92 24.35 -5.29 7.99
C ILE A 92 24.76 -5.91 6.65
N CYS A 93 25.26 -5.10 5.70
CA CYS A 93 25.75 -5.56 4.39
C CYS A 93 26.84 -6.63 4.53
N SER A 94 27.84 -6.41 5.40
CA SER A 94 28.91 -7.36 5.75
C SER A 94 28.37 -8.67 6.35
N ALA A 95 27.41 -8.57 7.28
CA ALA A 95 26.78 -9.68 7.99
C ALA A 95 26.00 -10.62 7.06
N LYS A 96 25.10 -10.10 6.22
CA LYS A 96 24.18 -10.89 5.39
C LYS A 96 24.90 -11.70 4.28
N HIS A 97 25.26 -12.95 4.58
CA HIS A 97 25.96 -13.87 3.67
C HIS A 97 25.04 -14.40 2.56
N CYS A 98 25.63 -14.77 1.41
CA CYS A 98 24.92 -15.50 0.35
C CYS A 98 24.61 -16.94 0.77
N ASP A 99 23.50 -17.50 0.30
CA ASP A 99 23.09 -18.89 0.54
C ASP A 99 24.03 -19.93 -0.10
N PHE A 100 24.47 -19.71 -1.34
CA PHE A 100 25.20 -20.67 -2.18
C PHE A 100 26.72 -20.47 -2.28
N TRP A 101 27.33 -19.57 -1.50
CA TRP A 101 28.79 -19.36 -1.51
C TRP A 101 29.57 -20.66 -1.21
N LEU A 102 30.50 -20.99 -2.11
CA LEU A 102 31.39 -22.16 -2.05
C LEU A 102 32.51 -21.96 -1.01
N GLU A 103 33.09 -23.06 -0.51
CA GLU A 103 34.23 -23.05 0.43
C GLU A 103 35.48 -22.36 -0.14
N ARG A 104 35.74 -22.56 -1.45
CA ARG A 104 36.82 -21.94 -2.26
C ARG A 104 36.30 -21.62 -3.67
N GLY A 105 36.84 -20.57 -4.28
CA GLY A 105 36.44 -20.11 -5.63
C GLY A 105 37.23 -18.89 -6.13
N ALA A 106 36.87 -18.40 -7.31
CA ALA A 106 37.47 -17.26 -8.01
C ALA A 106 36.43 -16.44 -8.81
N ALA A 107 36.88 -15.34 -9.43
CA ALA A 107 36.09 -14.41 -10.25
C ALA A 107 36.85 -13.97 -11.52
N ARG A 1 -4.02 -11.92 -10.73
CA ARG A 1 -2.56 -12.09 -10.46
C ARG A 1 -2.14 -11.38 -9.16
N VAL A 2 -1.14 -11.91 -8.45
CA VAL A 2 -0.66 -11.41 -7.15
C VAL A 2 -0.08 -9.99 -7.24
N ALA A 3 0.80 -9.73 -8.20
CA ALA A 3 1.51 -8.46 -8.41
C ALA A 3 1.89 -8.27 -9.88
N GLU A 4 2.05 -7.01 -10.30
CA GLU A 4 2.57 -6.63 -11.62
C GLU A 4 4.06 -6.97 -11.83
N ASN A 5 4.80 -7.18 -10.73
CA ASN A 5 6.23 -7.51 -10.72
C ASN A 5 6.52 -8.60 -9.64
N ARG A 6 5.88 -9.76 -9.80
CA ARG A 6 6.17 -10.98 -9.01
C ARG A 6 7.49 -11.66 -9.46
N PRO A 7 8.09 -12.56 -8.64
CA PRO A 7 9.21 -13.40 -9.06
C PRO A 7 8.97 -14.07 -10.43
N GLY A 8 9.88 -13.81 -11.37
CA GLY A 8 9.81 -14.13 -12.79
C GLY A 8 9.79 -12.89 -13.70
N ALA A 9 9.43 -11.71 -13.18
CA ALA A 9 9.17 -10.51 -13.99
C ALA A 9 10.39 -10.05 -14.82
N PHE A 10 10.14 -9.70 -16.09
CA PHE A 10 11.10 -9.12 -17.03
C PHE A 10 11.70 -7.79 -16.54
N ILE A 11 12.99 -7.55 -16.82
CA ILE A 11 13.67 -6.27 -16.62
C ILE A 11 14.33 -5.90 -17.97
N LYS A 12 13.59 -5.12 -18.76
CA LYS A 12 14.03 -4.56 -20.05
C LYS A 12 14.74 -3.22 -19.80
N GLN A 13 16.02 -3.15 -20.15
CA GLN A 13 16.91 -2.00 -19.93
C GLN A 13 17.46 -1.47 -21.26
N GLY A 14 17.92 -2.37 -22.13
CA GLY A 14 18.40 -2.09 -23.49
C GLY A 14 19.87 -2.51 -23.65
N ARG A 15 20.09 -3.79 -23.94
CA ARG A 15 21.40 -4.45 -23.93
C ARG A 15 21.54 -5.47 -25.06
N LYS A 16 22.74 -5.60 -25.63
CA LYS A 16 23.08 -6.51 -26.74
C LYS A 16 24.15 -7.52 -26.29
N LEU A 17 23.69 -8.70 -25.90
CA LEU A 17 24.49 -9.83 -25.38
C LEU A 17 25.20 -10.61 -26.51
N ASP A 18 25.95 -11.65 -26.12
CA ASP A 18 26.59 -12.63 -27.02
C ASP A 18 26.23 -14.06 -26.58
N ILE A 19 25.28 -14.67 -27.31
CA ILE A 19 24.75 -16.03 -27.10
C ILE A 19 24.65 -16.71 -28.47
N ASP A 20 25.15 -17.95 -28.61
CA ASP A 20 24.93 -18.77 -29.80
C ASP A 20 23.60 -19.53 -29.68
N PHE A 21 22.53 -18.89 -30.15
CA PHE A 21 21.19 -19.45 -30.34
C PHE A 21 21.19 -20.50 -31.47
N GLY A 22 21.93 -20.21 -32.53
CA GLY A 22 21.97 -20.89 -33.84
C GLY A 22 21.78 -19.88 -34.96
N ALA A 23 22.27 -20.15 -36.18
CA ALA A 23 22.37 -19.19 -37.29
C ALA A 23 21.17 -18.23 -37.46
N GLU A 24 19.95 -18.77 -37.62
CA GLU A 24 18.71 -17.99 -37.78
C GLU A 24 18.37 -17.14 -36.53
N GLY A 25 18.48 -17.73 -35.34
CA GLY A 25 18.26 -17.07 -34.04
C GLY A 25 19.29 -15.97 -33.71
N ASN A 26 20.57 -16.21 -34.04
CA ASN A 26 21.67 -15.26 -33.93
C ASN A 26 21.37 -13.99 -34.74
N ARG A 27 20.97 -14.15 -36.01
CA ARG A 27 20.55 -13.06 -36.91
C ARG A 27 19.36 -12.29 -36.34
N TYR A 28 18.35 -13.00 -35.85
CA TYR A 28 17.17 -12.42 -35.21
C TYR A 28 17.54 -11.57 -33.98
N TYR A 29 18.25 -12.12 -33.00
CA TYR A 29 18.71 -11.41 -31.81
C TYR A 29 19.54 -10.17 -32.16
N ALA A 30 20.56 -10.31 -33.02
CA ALA A 30 21.40 -9.20 -33.49
C ALA A 30 20.62 -7.98 -34.04
N ALA A 31 19.43 -8.21 -34.60
CA ALA A 31 18.51 -7.19 -35.12
C ALA A 31 17.40 -6.74 -34.14
N ASN A 32 17.01 -7.59 -33.16
CA ASN A 32 15.82 -7.40 -32.30
C ASN A 32 16.08 -7.39 -30.78
N TYR A 33 17.34 -7.43 -30.33
CA TYR A 33 17.80 -7.44 -28.93
C TYR A 33 17.06 -6.47 -28.00
N TRP A 34 16.73 -5.26 -28.48
CA TRP A 34 15.96 -4.22 -27.78
C TRP A 34 14.64 -4.70 -27.15
N GLN A 35 13.95 -5.68 -27.76
CA GLN A 35 12.71 -6.27 -27.25
C GLN A 35 12.90 -7.15 -26.00
N PHE A 36 14.03 -7.85 -25.91
CA PHE A 36 14.29 -8.90 -24.93
C PHE A 36 14.49 -8.37 -23.48
N PRO A 37 14.09 -9.15 -22.47
CA PRO A 37 14.39 -8.87 -21.06
C PRO A 37 15.86 -9.17 -20.76
N ASP A 38 16.73 -8.16 -20.77
CA ASP A 38 18.16 -8.37 -20.51
C ASP A 38 18.47 -8.69 -19.03
N GLY A 39 17.53 -8.41 -18.12
CA GLY A 39 17.52 -8.84 -16.72
C GLY A 39 16.19 -9.53 -16.39
N ILE A 40 16.16 -10.34 -15.33
CA ILE A 40 14.95 -11.01 -14.82
C ILE A 40 14.94 -10.93 -13.28
N TYR A 41 13.87 -10.38 -12.72
CA TYR A 41 13.60 -10.36 -11.29
C TYR A 41 13.17 -11.75 -10.81
N TYR A 42 14.12 -12.54 -10.30
CA TYR A 42 13.87 -13.85 -9.68
C TYR A 42 14.98 -14.20 -8.69
N GLU A 43 14.60 -14.77 -7.54
CA GLU A 43 15.49 -15.12 -6.42
C GLU A 43 15.18 -16.54 -5.93
N GLY A 44 15.79 -17.53 -6.58
CA GLY A 44 15.53 -18.96 -6.38
C GLY A 44 16.25 -19.58 -5.16
N CYS A 45 17.37 -19.00 -4.74
CA CYS A 45 18.22 -19.46 -3.65
C CYS A 45 17.49 -19.47 -2.30
N SER A 46 17.37 -20.65 -1.68
CA SER A 46 16.68 -20.88 -0.39
C SER A 46 17.41 -21.91 0.47
N GLU A 47 17.27 -23.20 0.16
CA GLU A 47 17.82 -24.34 0.91
C GLU A 47 19.17 -24.80 0.34
N ALA A 48 20.07 -25.27 1.21
CA ALA A 48 21.35 -25.88 0.85
C ALA A 48 21.19 -27.10 -0.10
N ASN A 49 20.07 -27.82 0.02
CA ASN A 49 19.68 -28.96 -0.81
C ASN A 49 19.33 -28.58 -2.27
N VAL A 50 18.94 -27.33 -2.54
CA VAL A 50 18.61 -26.84 -3.90
C VAL A 50 19.84 -26.89 -4.82
N THR A 51 19.63 -27.00 -6.14
CA THR A 51 20.69 -27.13 -7.15
C THR A 51 20.49 -26.13 -8.31
N LYS A 52 21.46 -26.03 -9.23
CA LYS A 52 21.31 -25.25 -10.46
C LYS A 52 20.18 -25.79 -11.33
N GLU A 53 20.14 -27.09 -11.60
CA GLU A 53 19.05 -27.73 -12.38
C GLU A 53 17.66 -27.39 -11.82
N MET A 54 17.48 -27.48 -10.50
CA MET A 54 16.29 -27.01 -9.80
C MET A 54 16.02 -25.52 -10.03
N LEU A 55 16.97 -24.64 -9.68
CA LEU A 55 16.83 -23.18 -9.77
C LEU A 55 16.48 -22.70 -11.18
N VAL A 56 17.26 -23.11 -12.20
CA VAL A 56 17.08 -22.70 -13.60
C VAL A 56 15.71 -23.10 -14.14
N THR A 57 15.30 -24.36 -13.91
CA THR A 57 13.95 -24.86 -14.24
C THR A 57 12.85 -24.04 -13.55
N SER A 58 12.96 -23.85 -12.23
CA SER A 58 12.01 -23.06 -11.43
C SER A 58 11.93 -21.60 -11.89
N CYS A 59 13.07 -20.97 -12.20
CA CYS A 59 13.21 -19.63 -12.79
C CYS A 59 12.46 -19.50 -14.13
N VAL A 60 12.68 -20.42 -15.08
CA VAL A 60 11.92 -20.51 -16.34
C VAL A 60 10.41 -20.60 -16.08
N ASN A 61 9.98 -21.49 -15.18
CA ASN A 61 8.57 -21.61 -14.75
C ASN A 61 8.01 -20.32 -14.12
N ALA A 62 8.75 -19.67 -13.23
CA ALA A 62 8.39 -18.39 -12.63
C ALA A 62 8.24 -17.29 -13.71
N THR A 63 9.21 -17.22 -14.63
CA THR A 63 9.21 -16.31 -15.79
C THR A 63 7.96 -16.47 -16.65
N GLN A 64 7.58 -17.71 -17.01
CA GLN A 64 6.29 -18.02 -17.65
C GLN A 64 5.11 -17.40 -16.90
N ALA A 65 4.93 -17.77 -15.62
CA ALA A 65 3.85 -17.32 -14.74
C ALA A 65 3.76 -15.79 -14.59
N ALA A 66 4.91 -15.11 -14.44
CA ALA A 66 5.02 -13.66 -14.31
C ALA A 66 4.66 -12.88 -15.57
N ASN A 67 5.03 -13.36 -16.77
CA ASN A 67 4.94 -12.62 -18.04
C ASN A 67 4.07 -13.34 -19.10
N GLN A 68 2.95 -13.93 -18.66
CA GLN A 68 2.03 -14.73 -19.48
C GLN A 68 1.56 -13.99 -20.75
N ALA A 69 1.13 -12.73 -20.61
CA ALA A 69 0.66 -11.87 -21.70
C ALA A 69 1.69 -11.71 -22.83
N GLU A 70 2.95 -11.37 -22.49
CA GLU A 70 4.07 -11.21 -23.42
C GLU A 70 4.24 -12.44 -24.32
N PHE A 71 4.37 -13.63 -23.71
CA PHE A 71 4.44 -14.91 -24.43
C PHE A 71 3.19 -15.16 -25.29
N SER A 72 2.00 -15.15 -24.68
CA SER A 72 0.71 -15.48 -25.31
C SER A 72 0.43 -14.66 -26.57
N ARG A 73 0.61 -13.33 -26.50
CA ARG A 73 0.45 -12.38 -27.62
C ARG A 73 1.35 -12.73 -28.81
N GLU A 74 2.66 -12.81 -28.57
CA GLU A 74 3.67 -13.03 -29.62
C GLU A 74 3.62 -14.43 -30.24
N LYS A 75 3.53 -15.49 -29.42
CA LYS A 75 3.53 -16.93 -29.80
C LYS A 75 2.65 -17.27 -31.01
N GLN A 76 1.51 -16.60 -31.17
CA GLN A 76 0.58 -16.72 -32.31
C GLN A 76 1.27 -16.57 -33.69
N ASP A 77 2.28 -15.71 -33.80
CA ASP A 77 2.95 -15.33 -35.07
C ASP A 77 4.48 -15.36 -34.98
N SER A 78 5.05 -14.91 -33.85
CA SER A 78 6.49 -14.75 -33.59
C SER A 78 7.18 -16.07 -33.20
N LYS A 79 7.02 -17.11 -34.04
CA LYS A 79 7.52 -18.49 -33.81
C LYS A 79 9.01 -18.54 -33.52
N LEU A 80 9.83 -17.87 -34.35
CA LEU A 80 11.27 -17.71 -34.15
C LEU A 80 11.60 -17.03 -32.81
N HIS A 81 10.96 -15.89 -32.49
CA HIS A 81 11.20 -15.13 -31.25
C HIS A 81 11.12 -16.03 -30.02
N GLN A 82 10.08 -16.87 -29.89
CA GLN A 82 9.90 -17.81 -28.78
C GLN A 82 11.18 -18.60 -28.46
N ARG A 83 11.78 -19.29 -29.44
CA ARG A 83 12.99 -20.13 -29.27
C ARG A 83 14.17 -19.30 -28.73
N VAL A 84 14.48 -18.20 -29.41
CA VAL A 84 15.55 -17.25 -29.05
C VAL A 84 15.32 -16.70 -27.63
N LEU A 85 14.12 -16.20 -27.35
CA LEU A 85 13.67 -15.67 -26.05
C LEU A 85 13.83 -16.69 -24.92
N TRP A 86 13.38 -17.94 -25.09
CA TRP A 86 13.57 -19.01 -24.10
C TRP A 86 15.04 -19.34 -23.82
N ARG A 87 15.89 -19.45 -24.87
CA ARG A 87 17.34 -19.63 -24.72
C ARG A 87 18.00 -18.49 -23.91
N LEU A 88 17.64 -17.24 -24.21
CA LEU A 88 18.03 -16.01 -23.48
C LEU A 88 17.56 -16.05 -22.01
N ILE A 89 16.27 -16.30 -21.75
CA ILE A 89 15.72 -16.48 -20.40
C ILE A 89 16.54 -17.53 -19.62
N LYS A 90 16.76 -18.71 -20.21
CA LYS A 90 17.58 -19.79 -19.62
C LYS A 90 19.02 -19.35 -19.32
N GLU A 91 19.68 -18.62 -20.21
CA GLU A 91 20.99 -18.01 -19.96
C GLU A 91 20.99 -17.16 -18.67
N ILE A 92 20.05 -16.23 -18.54
CA ILE A 92 19.86 -15.38 -17.35
C ILE A 92 19.57 -16.23 -16.10
N CYS A 93 18.62 -17.17 -16.19
CA CYS A 93 18.28 -18.11 -15.11
C CYS A 93 19.50 -18.91 -14.63
N SER A 94 20.32 -19.45 -15.54
CA SER A 94 21.62 -20.09 -15.25
C SER A 94 22.61 -19.15 -14.53
N ALA A 95 22.73 -17.91 -15.02
CA ALA A 95 23.67 -16.90 -14.52
C ALA A 95 23.48 -16.55 -13.03
N LYS A 96 22.24 -16.40 -12.54
CA LYS A 96 21.88 -16.08 -11.13
C LYS A 96 22.08 -17.27 -10.15
N HIS A 97 23.29 -17.83 -10.13
CA HIS A 97 23.75 -18.95 -9.28
C HIS A 97 23.78 -18.64 -7.78
N CYS A 98 23.56 -19.65 -6.93
CA CYS A 98 23.71 -19.54 -5.47
C CYS A 98 25.16 -19.86 -5.03
N ASP A 99 25.77 -18.97 -4.23
CA ASP A 99 27.13 -19.13 -3.72
C ASP A 99 27.33 -20.33 -2.78
N PHE A 100 26.29 -20.70 -2.02
CA PHE A 100 26.31 -21.77 -1.01
C PHE A 100 26.20 -23.20 -1.57
N TRP A 101 25.97 -23.39 -2.87
CA TRP A 101 25.75 -24.72 -3.48
C TRP A 101 26.87 -25.73 -3.15
N LEU A 102 26.47 -26.84 -2.52
CA LEU A 102 27.34 -27.92 -2.02
C LEU A 102 27.89 -28.81 -3.15
N GLU A 103 28.91 -29.61 -2.84
CA GLU A 103 29.48 -30.62 -3.75
C GLU A 103 28.47 -31.76 -4.00
N ARG A 104 27.86 -31.79 -5.19
CA ARG A 104 26.84 -32.77 -5.62
C ARG A 104 27.45 -34.17 -5.88
N GLY A 105 26.61 -35.20 -5.77
CA GLY A 105 26.95 -36.60 -6.03
C GLY A 105 25.70 -37.48 -6.19
N ALA A 106 25.85 -38.62 -6.88
CA ALA A 106 24.78 -39.58 -7.18
C ALA A 106 25.31 -41.04 -7.25
N ALA A 107 24.39 -42.01 -7.25
CA ALA A 107 24.65 -43.46 -7.35
C ALA A 107 23.57 -44.17 -8.21
#